data_2NYG
#
_entry.id   2NYG
#
_cell.length_a   73.020
_cell.length_b   132.390
_cell.length_c   185.800
_cell.angle_alpha   90.00
_cell.angle_beta   90.00
_cell.angle_gamma   90.00
#
_symmetry.space_group_name_H-M   'P 21 21 21'
#
loop_
_entity.id
_entity.type
_entity.pdbx_description
1 polymer 'YokD protein'
2 non-polymer 'COENZYME A'
3 water water
#
_entity_poly.entity_id   1
_entity_poly.type   'polypeptide(L)'
_entity_poly.pdbx_seq_one_letter_code
;SLKKIVESTTFPRTKQSITEDLKALGLKKGMTVLVHSSLSSIGWVNGGAVAVIQALIDVVTEEGTIVMPSQSVELSDPKE
WGNPPVPEEWWDIIRESMPAYNSNYTPTTRGMGQIVELFRSYPEVKRSNHPNYSFVAWGKHKNKILNQHPLEFGLGEQSP
LGKLYIRESYVLLLGADFDSSTCFHLAEYRIPYQKIINRGAPIIVEGKRVWKEYKELEFREELFQEVGQAFEAEHNMKVG
KVGSANCRLFSLTEAVDFAEKWFINNDSKNIKK
;
_entity_poly.pdbx_strand_id   A,B,C,D,E,F
#
# COMPACT_ATOMS: atom_id res chain seq x y z
N LEU A 2 41.43 8.94 -4.09
CA LEU A 2 41.43 9.76 -5.33
C LEU A 2 42.69 10.63 -5.40
N LYS A 3 43.20 11.05 -4.24
CA LYS A 3 44.40 11.89 -4.19
C LYS A 3 45.53 11.12 -4.81
N LYS A 4 45.45 9.79 -4.67
CA LYS A 4 46.44 8.86 -5.20
C LYS A 4 46.24 8.76 -6.71
N ILE A 5 44.97 8.71 -7.13
CA ILE A 5 44.64 8.63 -8.54
C ILE A 5 45.09 9.91 -9.23
N VAL A 6 44.98 11.04 -8.53
CA VAL A 6 45.37 12.33 -9.09
C VAL A 6 46.89 12.56 -9.07
N GLU A 7 47.57 11.96 -8.12
CA GLU A 7 49.01 12.12 -8.01
C GLU A 7 49.80 11.13 -8.85
N SER A 8 49.15 10.06 -9.28
CA SER A 8 49.82 9.06 -10.11
C SER A 8 49.51 9.36 -11.57
N THR A 9 48.95 10.55 -11.82
CA THR A 9 48.58 10.96 -13.17
C THR A 9 49.42 12.14 -13.67
N THR A 10 50.23 11.88 -14.69
CA THR A 10 51.11 12.87 -15.30
C THR A 10 50.30 14.11 -15.73
N PHE A 11 49.30 13.90 -16.59
CA PHE A 11 48.44 14.98 -17.06
C PHE A 11 47.03 14.39 -17.12
N PRO A 12 45.98 15.24 -17.11
CA PRO A 12 44.60 14.76 -17.14
C PRO A 12 44.21 13.96 -18.39
N ARG A 13 43.53 12.84 -18.18
CA ARG A 13 43.05 12.03 -19.29
C ARG A 13 41.70 12.65 -19.65
N THR A 14 41.52 13.02 -20.91
CA THR A 14 40.26 13.62 -21.34
C THR A 14 39.55 12.79 -22.39
N LYS A 15 38.30 13.15 -22.65
CA LYS A 15 37.48 12.49 -23.65
C LYS A 15 38.28 12.36 -24.93
N GLN A 16 38.94 13.45 -25.31
CA GLN A 16 39.73 13.48 -26.53
C GLN A 16 40.98 12.62 -26.50
N SER A 17 41.70 12.65 -25.38
CA SER A 17 42.92 11.87 -25.29
C SER A 17 42.58 10.39 -25.17
N ILE A 18 41.43 10.10 -24.59
CA ILE A 18 40.99 8.71 -24.46
C ILE A 18 40.46 8.29 -25.83
N THR A 19 39.84 9.22 -26.54
CA THR A 19 39.33 8.92 -27.86
C THR A 19 40.51 8.56 -28.74
N GLU A 20 41.59 9.33 -28.61
CA GLU A 20 42.76 9.08 -29.41
C GLU A 20 43.32 7.70 -29.09
N ASP A 21 43.56 7.42 -27.82
CA ASP A 21 44.11 6.13 -27.42
C ASP A 21 43.27 4.98 -27.88
N LEU A 22 41.95 5.12 -27.80
CA LEU A 22 41.08 4.05 -28.24
C LEU A 22 41.30 3.75 -29.72
N LYS A 23 41.45 4.79 -30.54
CA LYS A 23 41.67 4.60 -31.97
C LYS A 23 43.06 3.98 -32.24
N ALA A 24 44.07 4.43 -31.51
CA ALA A 24 45.41 3.91 -31.68
C ALA A 24 45.41 2.42 -31.34
N LEU A 25 44.65 2.06 -30.31
CA LEU A 25 44.54 0.68 -29.85
C LEU A 25 43.94 -0.22 -30.94
N GLY A 26 42.88 0.25 -31.59
CA GLY A 26 42.29 -0.55 -32.65
C GLY A 26 40.78 -0.47 -32.78
N LEU A 27 40.16 0.26 -31.85
CA LEU A 27 38.72 0.43 -31.86
C LEU A 27 38.35 1.29 -33.05
N LYS A 28 37.37 0.83 -33.85
CA LYS A 28 36.97 1.59 -35.02
C LYS A 28 35.49 1.86 -35.18
N LYS A 29 35.19 2.78 -36.08
CA LYS A 29 33.82 3.17 -36.38
C LYS A 29 32.98 1.99 -36.84
N GLY A 30 31.79 1.84 -36.26
CA GLY A 30 30.90 0.77 -36.65
C GLY A 30 31.19 -0.58 -36.02
N MET A 31 32.22 -0.63 -35.20
CA MET A 31 32.62 -1.85 -34.51
C MET A 31 31.65 -2.14 -33.35
N THR A 32 31.28 -3.39 -33.15
CA THR A 32 30.42 -3.72 -32.02
C THR A 32 31.38 -4.27 -30.99
N VAL A 33 31.38 -3.70 -29.79
CA VAL A 33 32.33 -4.14 -28.79
C VAL A 33 31.80 -4.31 -27.37
N LEU A 34 32.14 -5.44 -26.77
CA LEU A 34 31.77 -5.73 -25.39
C LEU A 34 32.92 -5.18 -24.55
N VAL A 35 32.59 -4.30 -23.60
CA VAL A 35 33.58 -3.65 -22.74
C VAL A 35 33.56 -4.05 -21.26
N HIS A 36 34.77 -4.23 -20.72
CA HIS A 36 34.99 -4.56 -19.33
C HIS A 36 36.01 -3.52 -18.88
N SER A 37 35.57 -2.61 -18.03
CA SER A 37 36.44 -1.52 -17.62
C SER A 37 36.82 -1.39 -16.15
N SER A 38 37.71 -0.44 -15.92
CA SER A 38 38.20 -0.07 -14.60
C SER A 38 38.45 1.43 -14.73
N LEU A 39 37.52 2.23 -14.23
CA LEU A 39 37.70 3.67 -14.34
C LEU A 39 39.01 4.16 -13.73
N SER A 40 39.40 3.63 -12.58
CA SER A 40 40.63 4.07 -11.93
C SER A 40 41.95 3.70 -12.62
N SER A 41 41.97 2.56 -13.29
CA SER A 41 43.17 2.11 -13.97
C SER A 41 43.60 3.05 -15.09
N ILE A 42 42.75 4.02 -15.38
CA ILE A 42 43.04 4.94 -16.46
C ILE A 42 43.86 6.15 -16.02
N GLY A 43 43.75 6.49 -14.75
CA GLY A 43 44.44 7.66 -14.24
C GLY A 43 43.31 8.68 -14.17
N TRP A 44 43.52 9.79 -13.46
CA TRP A 44 42.47 10.78 -13.34
C TRP A 44 41.92 11.21 -14.69
N VAL A 45 40.61 11.12 -14.88
CA VAL A 45 40.04 11.60 -16.13
C VAL A 45 39.07 12.76 -15.86
N ASN A 46 39.26 13.86 -16.56
CA ASN A 46 38.41 15.03 -16.40
C ASN A 46 37.03 14.69 -16.96
N GLY A 47 36.08 14.53 -16.05
CA GLY A 47 34.74 14.15 -16.41
C GLY A 47 34.47 12.74 -15.93
N GLY A 48 35.54 12.07 -15.49
CA GLY A 48 35.42 10.71 -15.00
C GLY A 48 34.76 9.78 -16.00
N ALA A 49 33.79 9.01 -15.51
CA ALA A 49 33.06 8.05 -16.31
C ALA A 49 32.34 8.58 -17.56
N VAL A 50 31.63 9.71 -17.45
CA VAL A 50 30.91 10.22 -18.62
C VAL A 50 31.89 10.52 -19.75
N ALA A 51 33.09 10.97 -19.41
CA ALA A 51 34.08 11.27 -20.42
C ALA A 51 34.56 9.99 -21.10
N VAL A 52 34.57 8.89 -20.37
CA VAL A 52 35.02 7.63 -20.96
C VAL A 52 33.91 7.09 -21.84
N ILE A 53 32.68 7.25 -21.40
CA ILE A 53 31.54 6.76 -22.17
C ILE A 53 31.42 7.48 -23.50
N GLN A 54 31.64 8.79 -23.50
CA GLN A 54 31.52 9.58 -24.70
C GLN A 54 32.67 9.31 -25.65
N ALA A 55 33.83 8.97 -25.10
CA ALA A 55 34.98 8.67 -25.91
C ALA A 55 34.70 7.35 -26.62
N LEU A 56 33.99 6.45 -25.95
CA LEU A 56 33.66 5.19 -26.55
C LEU A 56 32.66 5.41 -27.67
N ILE A 57 31.70 6.29 -27.41
CA ILE A 57 30.68 6.61 -28.39
C ILE A 57 31.28 7.36 -29.59
N ASP A 58 32.20 8.26 -29.31
CA ASP A 58 32.85 9.04 -30.35
C ASP A 58 33.59 8.15 -31.32
N VAL A 59 34.22 7.12 -30.77
CA VAL A 59 34.99 6.22 -31.60
C VAL A 59 34.10 5.27 -32.36
N VAL A 60 33.29 4.52 -31.64
CA VAL A 60 32.41 3.53 -32.25
C VAL A 60 31.29 4.10 -33.12
N THR A 61 31.04 5.39 -32.99
CA THR A 61 30.01 6.10 -33.76
C THR A 61 28.61 5.50 -33.65
N GLU A 62 27.62 6.24 -34.12
CA GLU A 62 26.23 5.81 -34.08
C GLU A 62 25.96 4.59 -34.98
N GLU A 63 26.99 4.19 -35.72
CA GLU A 63 26.93 3.03 -36.62
C GLU A 63 27.50 1.82 -35.86
N GLY A 64 28.25 2.11 -34.80
CA GLY A 64 28.82 1.07 -33.96
C GLY A 64 27.87 0.73 -32.83
N THR A 65 28.25 -0.26 -32.03
CA THR A 65 27.40 -0.69 -30.93
C THR A 65 28.28 -1.01 -29.73
N ILE A 66 28.01 -0.42 -28.58
CA ILE A 66 28.79 -0.75 -27.39
C ILE A 66 27.92 -1.47 -26.37
N VAL A 67 28.39 -2.64 -25.97
CA VAL A 67 27.68 -3.48 -25.01
C VAL A 67 28.53 -3.64 -23.74
N MET A 68 27.84 -3.78 -22.61
CA MET A 68 28.53 -3.96 -21.36
C MET A 68 27.71 -4.89 -20.51
N PRO A 69 28.37 -5.68 -19.65
CA PRO A 69 27.66 -6.61 -18.78
C PRO A 69 27.15 -5.76 -17.62
N SER A 70 25.92 -5.97 -17.21
CA SER A 70 25.36 -5.18 -16.12
C SER A 70 24.67 -6.06 -15.09
N GLN A 71 25.39 -7.08 -14.66
CA GLN A 71 24.94 -8.07 -13.67
C GLN A 71 24.51 -7.53 -12.31
N SER A 72 23.51 -8.17 -11.74
CA SER A 72 22.96 -7.81 -10.44
C SER A 72 22.81 -9.12 -9.66
N VAL A 73 23.96 -9.79 -9.53
CA VAL A 73 24.10 -11.07 -8.86
C VAL A 73 23.51 -11.14 -7.45
N GLU A 74 23.37 -10.00 -6.78
CA GLU A 74 22.82 -9.93 -5.42
C GLU A 74 21.36 -10.35 -5.29
N LEU A 75 20.65 -10.39 -6.41
CA LEU A 75 19.25 -10.78 -6.43
C LEU A 75 19.12 -12.30 -6.55
N SER A 76 19.86 -13.00 -5.71
CA SER A 76 19.88 -14.46 -5.71
C SER A 76 19.46 -15.04 -4.37
N ASP A 77 19.35 -16.36 -4.33
CA ASP A 77 18.98 -17.06 -3.10
C ASP A 77 20.08 -16.84 -2.06
N PRO A 78 19.73 -16.25 -0.91
CA PRO A 78 20.68 -15.95 0.17
C PRO A 78 21.59 -17.10 0.61
N LYS A 79 21.15 -18.33 0.42
CA LYS A 79 21.95 -19.50 0.78
C LYS A 79 23.31 -19.44 0.09
N GLU A 80 23.27 -19.38 -1.25
CA GLU A 80 24.47 -19.33 -2.07
C GLU A 80 25.40 -18.18 -1.71
N TRP A 81 24.89 -17.23 -0.93
CA TRP A 81 25.66 -16.08 -0.52
C TRP A 81 26.85 -16.45 0.35
N GLY A 82 27.88 -15.61 0.34
CA GLY A 82 29.05 -15.89 1.15
C GLY A 82 30.11 -14.81 1.07
N ASN A 83 29.74 -13.64 0.56
CA ASN A 83 30.66 -12.52 0.43
C ASN A 83 30.03 -11.20 0.84
N PRO A 84 29.66 -11.07 2.13
CA PRO A 84 29.81 -12.08 3.17
C PRO A 84 28.56 -12.95 3.23
N PRO A 85 28.58 -14.00 4.05
CA PRO A 85 27.39 -14.84 4.14
C PRO A 85 26.38 -14.17 5.07
N VAL A 86 25.19 -14.73 5.14
CA VAL A 86 24.12 -14.17 5.97
C VAL A 86 23.52 -15.27 6.85
N PRO A 87 23.22 -14.94 8.12
CA PRO A 87 22.63 -15.89 9.07
C PRO A 87 21.45 -16.61 8.44
N GLU A 88 21.43 -17.93 8.55
CA GLU A 88 20.35 -18.70 7.97
C GLU A 88 18.95 -18.32 8.45
N GLU A 89 18.86 -17.80 9.67
CA GLU A 89 17.58 -17.40 10.23
C GLU A 89 16.94 -16.24 9.44
N TRP A 90 17.70 -15.67 8.51
CA TRP A 90 17.21 -14.57 7.71
C TRP A 90 16.98 -14.93 6.26
N TRP A 91 17.29 -16.17 5.90
CA TRP A 91 17.15 -16.62 4.53
C TRP A 91 15.72 -16.74 4.06
N ASP A 92 14.75 -16.47 4.92
CA ASP A 92 13.36 -16.61 4.49
C ASP A 92 12.63 -15.30 4.34
N ILE A 93 12.90 -14.39 5.26
CA ILE A 93 12.25 -13.09 5.18
C ILE A 93 12.97 -12.36 4.05
N ILE A 94 14.18 -12.85 3.74
CA ILE A 94 14.95 -12.25 2.67
C ILE A 94 14.42 -12.58 1.28
N ARG A 95 13.97 -13.83 1.06
CA ARG A 95 13.47 -14.22 -0.25
C ARG A 95 12.12 -13.62 -0.34
N GLU A 96 11.52 -13.44 0.82
CA GLU A 96 10.17 -12.90 0.91
C GLU A 96 10.03 -11.39 0.64
N SER A 97 11.01 -10.63 1.08
CA SER A 97 10.98 -9.19 0.93
C SER A 97 12.00 -8.62 -0.02
N MET A 98 12.59 -9.43 -0.88
CA MET A 98 13.60 -8.91 -1.79
C MET A 98 12.96 -8.18 -2.98
N PRO A 99 13.24 -6.88 -3.14
CA PRO A 99 12.66 -6.14 -4.27
C PRO A 99 12.94 -6.88 -5.55
N ALA A 100 11.91 -7.05 -6.38
CA ALA A 100 12.06 -7.73 -7.64
C ALA A 100 13.00 -6.93 -8.56
N TYR A 101 13.58 -7.64 -9.52
CA TYR A 101 14.49 -7.03 -10.48
C TYR A 101 13.75 -6.17 -11.49
N ASN A 102 14.28 -4.99 -11.77
CA ASN A 102 13.67 -4.11 -12.75
C ASN A 102 14.78 -3.52 -13.60
N SER A 103 14.72 -3.74 -14.92
CA SER A 103 15.75 -3.22 -15.82
C SER A 103 15.99 -1.73 -15.66
N ASN A 104 15.00 -1.00 -15.15
CA ASN A 104 15.16 0.44 -15.02
C ASN A 104 15.84 0.97 -13.77
N TYR A 105 16.02 0.11 -12.77
CA TYR A 105 16.66 0.59 -11.56
C TYR A 105 17.53 -0.34 -10.73
N THR A 106 17.45 -1.65 -10.94
CA THR A 106 18.27 -2.55 -10.13
C THR A 106 19.78 -2.31 -10.30
N PRO A 107 20.41 -1.70 -9.29
CA PRO A 107 21.85 -1.40 -9.34
C PRO A 107 22.75 -2.60 -9.70
N THR A 108 23.73 -2.36 -10.56
CA THR A 108 24.67 -3.41 -10.96
C THR A 108 25.56 -3.77 -9.78
N THR A 109 26.09 -4.98 -9.82
CA THR A 109 26.99 -5.49 -8.80
C THR A 109 28.26 -4.64 -8.82
N ARG A 110 28.72 -4.24 -7.65
CA ARG A 110 29.89 -3.39 -7.51
C ARG A 110 31.09 -3.76 -8.39
N GLY A 111 31.33 -5.06 -8.55
CA GLY A 111 32.44 -5.51 -9.36
C GLY A 111 32.38 -5.14 -10.83
N MET A 112 31.20 -4.77 -11.32
CA MET A 112 31.03 -4.40 -12.74
C MET A 112 31.69 -3.07 -13.10
N GLY A 113 31.92 -2.24 -12.08
CA GLY A 113 32.56 -0.96 -12.33
C GLY A 113 31.64 0.24 -12.35
N GLN A 114 32.22 1.41 -12.08
CA GLN A 114 31.47 2.66 -12.06
C GLN A 114 30.95 3.03 -13.45
N ILE A 115 31.80 2.87 -14.46
CA ILE A 115 31.41 3.18 -15.83
C ILE A 115 30.15 2.45 -16.26
N VAL A 116 30.06 1.16 -15.95
CA VAL A 116 28.89 0.39 -16.31
C VAL A 116 27.66 0.88 -15.55
N GLU A 117 27.86 1.26 -14.29
CA GLU A 117 26.74 1.71 -13.48
C GLU A 117 26.15 2.99 -14.03
N LEU A 118 27.00 3.87 -14.54
CA LEU A 118 26.55 5.11 -15.11
C LEU A 118 26.05 4.87 -16.54
N PHE A 119 26.72 3.98 -17.25
CA PHE A 119 26.36 3.69 -18.63
C PHE A 119 24.97 3.12 -18.76
N ARG A 120 24.51 2.41 -17.73
CA ARG A 120 23.18 1.79 -17.77
C ARG A 120 22.04 2.79 -17.77
N SER A 121 22.26 3.97 -17.22
CA SER A 121 21.19 4.95 -17.21
C SER A 121 21.61 6.17 -18.00
N TYR A 122 22.37 5.92 -19.07
CA TYR A 122 22.86 6.96 -19.96
C TYR A 122 21.83 7.08 -21.10
N PRO A 123 21.62 8.30 -21.61
CA PRO A 123 20.64 8.50 -22.69
C PRO A 123 20.82 7.54 -23.85
N GLU A 124 19.78 6.77 -24.13
CA GLU A 124 19.75 5.83 -25.25
C GLU A 124 20.32 4.43 -25.05
N VAL A 125 20.69 4.12 -23.82
CA VAL A 125 21.22 2.81 -23.48
C VAL A 125 20.09 1.87 -23.08
N LYS A 126 20.07 0.67 -23.65
CA LYS A 126 19.05 -0.32 -23.33
C LYS A 126 19.63 -1.40 -22.45
N ARG A 127 18.77 -2.12 -21.74
CA ARG A 127 19.17 -3.20 -20.83
C ARG A 127 18.29 -4.42 -21.02
N SER A 128 18.90 -5.60 -21.03
CA SER A 128 18.17 -6.87 -21.20
C SER A 128 17.40 -7.25 -19.93
N ASN A 129 16.42 -8.12 -20.07
CA ASN A 129 15.60 -8.50 -18.93
C ASN A 129 15.99 -9.63 -17.97
N HIS A 130 17.27 -9.94 -17.84
CA HIS A 130 17.66 -11.01 -16.92
C HIS A 130 17.95 -10.39 -15.55
N PRO A 131 17.53 -11.06 -14.46
CA PRO A 131 17.73 -10.59 -13.09
C PRO A 131 19.15 -10.67 -12.53
N ASN A 132 19.98 -11.52 -13.15
CA ASN A 132 21.36 -11.65 -12.67
C ASN A 132 22.40 -11.30 -13.71
N TYR A 133 22.21 -11.78 -14.94
CA TYR A 133 23.19 -11.56 -15.99
C TYR A 133 22.71 -10.68 -17.13
N SER A 134 22.23 -9.50 -16.79
CA SER A 134 21.76 -8.57 -17.80
C SER A 134 22.94 -7.88 -18.47
N PHE A 135 22.68 -7.33 -19.64
CA PHE A 135 23.65 -6.58 -20.40
C PHE A 135 22.99 -5.25 -20.73
N VAL A 136 23.80 -4.29 -21.14
CA VAL A 136 23.32 -2.98 -21.52
C VAL A 136 24.01 -2.69 -22.83
N ALA A 137 23.30 -2.06 -23.75
CA ALA A 137 23.89 -1.72 -25.03
C ALA A 137 23.39 -0.39 -25.56
N TRP A 138 24.25 0.22 -26.37
CA TRP A 138 24.00 1.50 -27.02
C TRP A 138 24.46 1.30 -28.45
N GLY A 139 23.70 1.81 -29.41
CA GLY A 139 24.15 1.66 -30.79
C GLY A 139 23.22 0.99 -31.78
N LYS A 140 23.71 0.91 -33.01
CA LYS A 140 22.98 0.32 -34.12
C LYS A 140 22.28 -1.00 -33.81
N HIS A 141 22.98 -1.94 -33.18
CA HIS A 141 22.38 -3.24 -32.91
C HIS A 141 21.90 -3.57 -31.49
N LYS A 142 21.79 -2.58 -30.63
CA LYS A 142 21.34 -2.78 -29.25
C LYS A 142 20.02 -3.53 -29.10
N ASN A 143 19.13 -3.38 -30.06
CA ASN A 143 17.82 -4.04 -29.96
C ASN A 143 17.84 -5.53 -30.22
N LYS A 144 18.56 -5.99 -31.24
CA LYS A 144 18.59 -7.41 -31.53
C LYS A 144 19.49 -8.20 -30.60
N ILE A 145 20.29 -7.49 -29.82
CA ILE A 145 21.20 -8.11 -28.89
C ILE A 145 20.59 -8.29 -27.50
N LEU A 146 19.81 -7.31 -27.05
CA LEU A 146 19.21 -7.39 -25.72
C LEU A 146 17.79 -7.94 -25.72
N ASN A 147 17.11 -7.80 -26.84
CA ASN A 147 15.72 -8.23 -27.05
C ASN A 147 15.12 -9.42 -26.29
N GLN A 148 15.65 -10.59 -26.65
CA GLN A 148 15.20 -11.90 -26.15
C GLN A 148 15.42 -12.36 -24.68
N HIS A 149 16.67 -12.32 -24.22
CA HIS A 149 17.09 -12.74 -22.87
C HIS A 149 16.17 -13.62 -21.93
N PRO A 150 16.21 -14.95 -22.08
CA PRO A 150 15.43 -15.90 -21.29
C PRO A 150 16.03 -16.07 -19.88
N LEU A 151 15.23 -16.43 -18.90
CA LEU A 151 15.76 -16.59 -17.55
C LEU A 151 16.74 -17.78 -17.45
N GLU A 152 16.30 -18.92 -17.96
CA GLU A 152 17.09 -20.15 -17.95
C GLU A 152 18.37 -20.04 -18.77
N PHE A 153 19.49 -20.32 -18.10
CA PHE A 153 20.81 -20.26 -18.72
C PHE A 153 21.12 -18.80 -18.97
N GLY A 154 20.52 -18.23 -19.99
CA GLY A 154 20.74 -16.82 -20.29
C GLY A 154 22.12 -16.24 -20.01
N LEU A 155 23.11 -16.81 -20.67
CA LEU A 155 24.50 -16.39 -20.59
C LEU A 155 25.08 -17.39 -21.59
N GLY A 156 24.18 -18.22 -22.08
CA GLY A 156 24.51 -19.21 -23.07
C GLY A 156 23.78 -18.83 -24.35
N GLU A 157 23.35 -19.83 -25.11
CA GLU A 157 22.63 -19.59 -26.36
C GLU A 157 21.39 -18.81 -25.96
N GLN A 158 20.94 -17.93 -26.83
CA GLN A 158 19.75 -17.12 -26.57
C GLN A 158 20.00 -15.84 -25.79
N SER A 159 21.07 -15.81 -25.01
CA SER A 159 21.39 -14.61 -24.25
C SER A 159 22.14 -13.68 -25.22
N PRO A 160 22.45 -12.46 -24.78
CA PRO A 160 23.16 -11.55 -25.69
C PRO A 160 24.50 -12.07 -26.22
N LEU A 161 25.11 -13.00 -25.49
CA LEU A 161 26.38 -13.56 -25.93
C LEU A 161 26.12 -14.35 -27.20
N GLY A 162 24.88 -14.80 -27.33
CA GLY A 162 24.51 -15.54 -28.52
C GLY A 162 24.45 -14.63 -29.73
N LYS A 163 24.22 -13.35 -29.50
CA LYS A 163 24.14 -12.39 -30.58
C LYS A 163 25.49 -11.75 -30.83
N LEU A 164 26.37 -11.75 -29.84
CA LEU A 164 27.67 -11.16 -30.04
C LEU A 164 28.58 -12.18 -30.72
N TYR A 165 28.20 -13.45 -30.65
CA TYR A 165 29.01 -14.49 -31.25
C TYR A 165 28.78 -14.60 -32.75
N ILE A 166 27.52 -14.51 -33.19
CA ILE A 166 27.20 -14.62 -34.61
C ILE A 166 27.74 -13.48 -35.47
N ARG A 167 27.51 -12.24 -35.06
CA ARG A 167 28.00 -11.11 -35.83
C ARG A 167 29.31 -10.54 -35.26
N GLU A 168 30.24 -10.28 -36.16
CA GLU A 168 31.55 -9.74 -35.80
C GLU A 168 31.47 -8.82 -34.59
N SER A 169 32.11 -9.23 -33.49
CA SER A 169 32.14 -8.46 -32.24
C SER A 169 33.52 -8.50 -31.64
N TYR A 170 33.87 -7.48 -30.86
CA TYR A 170 35.16 -7.49 -30.22
C TYR A 170 34.98 -7.31 -28.74
N VAL A 171 35.97 -7.76 -27.98
CA VAL A 171 35.94 -7.59 -26.54
C VAL A 171 37.00 -6.52 -26.26
N LEU A 172 36.72 -5.63 -25.31
CA LEU A 172 37.68 -4.59 -24.98
C LEU A 172 37.90 -4.64 -23.48
N LEU A 173 39.11 -5.00 -23.08
CA LEU A 173 39.43 -5.03 -21.68
C LEU A 173 40.15 -3.70 -21.46
N LEU A 174 39.44 -2.77 -20.85
CA LEU A 174 39.97 -1.45 -20.57
C LEU A 174 40.40 -1.41 -19.11
N GLY A 175 41.64 -1.76 -18.88
CA GLY A 175 42.10 -1.78 -17.52
C GLY A 175 41.74 -3.09 -16.83
N ALA A 176 41.04 -3.99 -17.50
CA ALA A 176 40.67 -5.28 -16.90
C ALA A 176 41.45 -6.42 -17.51
N ASP A 177 41.46 -7.55 -16.83
CA ASP A 177 42.14 -8.73 -17.32
C ASP A 177 41.12 -9.75 -17.81
N PHE A 178 41.61 -10.91 -18.23
CA PHE A 178 40.77 -11.98 -18.74
C PHE A 178 39.74 -12.54 -17.77
N ASP A 179 40.06 -12.50 -16.48
CA ASP A 179 39.17 -13.03 -15.45
C ASP A 179 37.81 -12.34 -15.48
N SER A 180 37.70 -11.29 -16.28
CA SER A 180 36.47 -10.51 -16.43
C SER A 180 35.79 -10.69 -17.76
N SER A 181 36.39 -11.47 -18.66
CA SER A 181 35.82 -11.67 -20.00
C SER A 181 34.55 -12.50 -20.03
N THR A 182 33.44 -11.87 -19.69
CA THR A 182 32.16 -12.55 -19.68
C THR A 182 31.89 -13.45 -20.89
N CYS A 183 32.44 -13.11 -22.06
CA CYS A 183 32.17 -13.92 -23.25
C CYS A 183 32.50 -15.40 -23.08
N PHE A 184 33.55 -15.70 -22.31
CA PHE A 184 33.94 -17.09 -22.09
C PHE A 184 32.82 -17.97 -21.52
N HIS A 185 31.99 -17.40 -20.65
CA HIS A 185 30.90 -18.16 -20.08
C HIS A 185 30.14 -18.88 -21.19
N LEU A 186 29.97 -18.23 -22.34
CA LEU A 186 29.25 -18.84 -23.44
C LEU A 186 29.80 -20.21 -23.83
N ALA A 187 31.13 -20.33 -23.87
CA ALA A 187 31.76 -21.61 -24.21
C ALA A 187 31.31 -22.71 -23.24
N GLU A 188 31.11 -22.35 -21.97
CA GLU A 188 30.68 -23.32 -20.97
C GLU A 188 29.35 -23.99 -21.30
N TYR A 189 28.64 -23.49 -22.31
CA TYR A 189 27.37 -24.10 -22.72
C TYR A 189 27.56 -24.92 -24.01
N ARG A 190 28.81 -25.05 -24.45
CA ARG A 190 29.14 -25.78 -25.66
C ARG A 190 30.12 -26.92 -25.40
N ILE A 191 30.24 -27.33 -24.13
CA ILE A 191 31.15 -28.41 -23.74
C ILE A 191 30.47 -29.56 -23.00
N PRO A 192 31.10 -30.74 -22.99
CA PRO A 192 30.59 -31.96 -22.32
C PRO A 192 30.30 -31.82 -20.84
N TYR A 193 31.19 -31.13 -20.14
CA TYR A 193 31.02 -30.93 -18.73
C TYR A 193 29.91 -29.92 -18.44
N GLN A 194 29.10 -30.21 -17.43
CA GLN A 194 28.00 -29.32 -17.05
C GLN A 194 27.42 -29.60 -15.68
N LYS A 195 27.69 -28.75 -14.71
CA LYS A 195 27.11 -28.91 -13.38
C LYS A 195 25.93 -27.95 -13.36
N ILE A 196 24.73 -28.53 -13.30
CA ILE A 196 23.50 -27.77 -13.29
C ILE A 196 22.95 -27.48 -11.90
N ILE A 197 22.96 -26.19 -11.54
CA ILE A 197 22.46 -25.74 -10.25
C ILE A 197 21.09 -25.08 -10.38
N ASN A 198 20.39 -25.00 -9.26
CA ASN A 198 19.06 -24.40 -9.21
C ASN A 198 19.23 -23.04 -8.58
N ARG A 199 18.78 -22.01 -9.29
CA ARG A 199 18.87 -20.65 -8.78
C ARG A 199 17.49 -20.04 -8.61
N GLY A 200 17.43 -18.96 -7.84
CA GLY A 200 16.17 -18.29 -7.61
C GLY A 200 16.35 -16.79 -7.56
N ALA A 201 15.31 -16.06 -7.97
CA ALA A 201 15.38 -14.61 -7.96
C ALA A 201 14.02 -13.94 -8.00
N PRO A 202 13.95 -12.70 -7.49
CA PRO A 202 12.73 -11.89 -7.46
C PRO A 202 12.44 -11.41 -8.88
N ILE A 203 11.21 -11.60 -9.34
CA ILE A 203 10.87 -11.15 -10.69
C ILE A 203 9.43 -10.66 -10.68
N ILE A 204 9.02 -10.01 -11.76
CA ILE A 204 7.65 -9.52 -11.85
C ILE A 204 6.95 -10.24 -12.98
N VAL A 205 5.90 -10.99 -12.63
CA VAL A 205 5.12 -11.71 -13.63
C VAL A 205 3.66 -11.32 -13.50
N GLU A 206 3.06 -10.94 -14.62
CA GLU A 206 1.66 -10.55 -14.65
C GLU A 206 1.49 -9.25 -13.86
N GLY A 207 2.60 -8.56 -13.65
CA GLY A 207 2.57 -7.31 -12.91
C GLY A 207 2.54 -7.50 -11.41
N LYS A 208 3.01 -8.65 -10.95
CA LYS A 208 3.06 -8.95 -9.52
C LYS A 208 4.39 -9.63 -9.20
N ARG A 209 5.00 -9.26 -8.08
CA ARG A 209 6.28 -9.84 -7.67
C ARG A 209 6.12 -11.34 -7.44
N VAL A 210 7.05 -12.12 -7.96
CA VAL A 210 6.97 -13.58 -7.85
C VAL A 210 8.33 -14.26 -7.80
N TRP A 211 8.77 -14.69 -6.61
CA TRP A 211 10.07 -15.37 -6.48
C TRP A 211 10.08 -16.61 -7.36
N LYS A 212 10.94 -16.62 -8.37
CA LYS A 212 11.02 -17.72 -9.31
C LYS A 212 12.32 -18.50 -9.27
N GLU A 213 12.23 -19.79 -9.55
CA GLU A 213 13.41 -20.65 -9.57
C GLU A 213 13.69 -21.09 -11.00
N TYR A 214 14.95 -21.06 -11.37
CA TYR A 214 15.38 -21.45 -12.69
C TYR A 214 16.68 -22.24 -12.61
N LYS A 215 17.02 -22.94 -13.68
CA LYS A 215 18.23 -23.73 -13.72
C LYS A 215 19.34 -22.92 -14.37
N GLU A 216 20.57 -23.18 -13.95
CA GLU A 216 21.72 -22.47 -14.45
C GLU A 216 23.00 -23.28 -14.28
N LEU A 217 24.00 -23.02 -15.11
CA LEU A 217 25.27 -23.73 -15.00
C LEU A 217 26.10 -23.17 -13.83
N GLU A 218 26.88 -24.03 -13.19
CA GLU A 218 27.73 -23.56 -12.09
C GLU A 218 29.04 -23.23 -12.76
N PHE A 219 29.16 -21.98 -13.19
CA PHE A 219 30.33 -21.51 -13.91
C PHE A 219 31.67 -21.74 -13.24
N ARG A 220 32.70 -21.80 -14.06
CA ARG A 220 34.07 -22.00 -13.59
C ARG A 220 34.91 -20.79 -14.02
N GLU A 221 34.38 -19.60 -13.78
CA GLU A 221 35.08 -18.38 -14.15
C GLU A 221 36.50 -18.28 -13.57
N GLU A 222 36.80 -19.08 -12.55
CA GLU A 222 38.12 -19.06 -11.92
C GLU A 222 39.22 -19.41 -12.89
N LEU A 223 38.88 -20.06 -13.99
CA LEU A 223 39.83 -20.47 -15.03
C LEU A 223 40.04 -19.45 -16.15
N PHE A 224 39.06 -18.56 -16.36
CA PHE A 224 39.10 -17.56 -17.42
C PHE A 224 40.44 -16.89 -17.59
N GLN A 225 41.13 -16.63 -16.48
CA GLN A 225 42.42 -16.00 -16.54
C GLN A 225 43.42 -16.92 -17.25
N GLU A 226 43.28 -18.23 -17.03
CA GLU A 226 44.15 -19.20 -17.67
C GLU A 226 43.76 -19.34 -19.14
N VAL A 227 42.46 -19.37 -19.41
CA VAL A 227 41.99 -19.50 -20.78
C VAL A 227 42.49 -18.35 -21.66
N GLY A 228 42.39 -17.13 -21.13
CA GLY A 228 42.81 -15.96 -21.87
C GLY A 228 44.30 -15.95 -22.13
N GLN A 229 45.06 -16.42 -21.16
CA GLN A 229 46.50 -16.42 -21.32
C GLN A 229 46.95 -17.47 -22.35
N ALA A 230 46.14 -18.51 -22.53
CA ALA A 230 46.44 -19.54 -23.49
C ALA A 230 46.03 -19.04 -24.88
N PHE A 231 44.95 -18.24 -24.91
CA PHE A 231 44.44 -17.67 -26.14
C PHE A 231 45.49 -16.74 -26.72
N GLU A 232 46.25 -16.11 -25.85
CA GLU A 232 47.26 -15.16 -26.23
C GLU A 232 48.50 -15.75 -26.83
N ALA A 233 48.67 -17.06 -26.69
CA ALA A 233 49.85 -17.70 -27.20
C ALA A 233 49.93 -17.59 -28.71
N GLU A 234 48.80 -17.86 -29.38
CA GLU A 234 48.76 -17.86 -30.84
C GLU A 234 47.65 -17.06 -31.53
N HIS A 235 46.89 -16.30 -30.76
CA HIS A 235 45.80 -15.54 -31.38
C HIS A 235 46.03 -14.05 -31.47
N ASN A 236 45.58 -13.46 -32.58
CA ASN A 236 45.76 -12.04 -32.82
C ASN A 236 45.02 -11.25 -31.76
N MET A 237 45.70 -10.27 -31.22
CA MET A 237 45.13 -9.47 -30.17
C MET A 237 45.86 -8.13 -30.08
N LYS A 238 45.13 -7.03 -30.13
CA LYS A 238 45.76 -5.73 -30.06
C LYS A 238 45.96 -5.31 -28.60
N VAL A 239 47.16 -4.87 -28.28
CA VAL A 239 47.47 -4.44 -26.93
C VAL A 239 47.88 -2.97 -27.02
N GLY A 240 47.58 -2.21 -25.97
CA GLY A 240 47.92 -0.80 -25.96
C GLY A 240 47.27 -0.07 -24.80
N LYS A 241 47.87 1.06 -24.41
CA LYS A 241 47.37 1.84 -23.30
C LYS A 241 46.31 2.91 -23.61
N VAL A 242 45.28 2.95 -22.77
CA VAL A 242 44.23 3.95 -22.87
C VAL A 242 44.42 4.75 -21.59
N GLY A 243 45.18 5.82 -21.69
CA GLY A 243 45.49 6.61 -20.51
C GLY A 243 46.63 5.84 -19.83
N SER A 244 46.45 5.46 -18.57
CA SER A 244 47.51 4.71 -17.92
C SER A 244 47.10 3.25 -17.73
N ALA A 245 45.94 2.89 -18.28
CA ALA A 245 45.43 1.53 -18.19
C ALA A 245 45.90 0.68 -19.36
N ASN A 246 46.18 -0.59 -19.06
CA ASN A 246 46.65 -1.54 -20.07
C ASN A 246 45.45 -2.21 -20.70
N CYS A 247 45.37 -2.16 -22.02
CA CYS A 247 44.21 -2.73 -22.67
C CYS A 247 44.47 -3.72 -23.80
N ARG A 248 43.47 -4.54 -24.08
CA ARG A 248 43.57 -5.43 -25.20
C ARG A 248 42.23 -5.55 -25.84
N LEU A 249 42.24 -5.58 -27.16
CA LEU A 249 41.03 -5.69 -27.95
C LEU A 249 41.17 -6.94 -28.80
N PHE A 250 40.17 -7.81 -28.77
CA PHE A 250 40.21 -9.04 -29.56
C PHE A 250 38.82 -9.50 -30.02
N SER A 251 38.83 -10.48 -30.91
CA SER A 251 37.61 -11.04 -31.47
C SER A 251 36.83 -11.84 -30.42
N LEU A 252 35.54 -11.61 -30.31
CA LEU A 252 34.74 -12.30 -29.32
C LEU A 252 34.49 -13.72 -29.79
N THR A 253 34.07 -13.84 -31.06
CA THR A 253 33.81 -15.14 -31.67
C THR A 253 35.05 -16.03 -31.60
N GLU A 254 36.20 -15.41 -31.80
CA GLU A 254 37.48 -16.09 -31.79
C GLU A 254 37.83 -16.54 -30.37
N ALA A 255 37.45 -15.71 -29.41
CA ALA A 255 37.73 -16.00 -28.01
C ALA A 255 36.82 -17.12 -27.51
N VAL A 256 35.55 -17.08 -27.88
CA VAL A 256 34.65 -18.11 -27.41
C VAL A 256 35.08 -19.48 -27.94
N ASP A 257 35.37 -19.54 -29.24
CA ASP A 257 35.77 -20.78 -29.85
C ASP A 257 36.97 -21.42 -29.18
N PHE A 258 37.99 -20.61 -28.88
CA PHE A 258 39.20 -21.11 -28.23
C PHE A 258 38.88 -21.61 -26.82
N ALA A 259 38.01 -20.88 -26.13
CA ALA A 259 37.60 -21.23 -24.78
C ALA A 259 36.97 -22.62 -24.77
N GLU A 260 36.13 -22.88 -25.76
CA GLU A 260 35.47 -24.16 -25.88
C GLU A 260 36.53 -25.25 -25.96
N LYS A 261 37.43 -25.14 -26.92
CA LYS A 261 38.47 -26.13 -27.10
C LYS A 261 39.36 -26.35 -25.88
N TRP A 262 39.84 -25.26 -25.30
CA TRP A 262 40.67 -25.36 -24.10
C TRP A 262 39.88 -26.18 -23.06
N PHE A 263 38.61 -25.85 -22.87
CA PHE A 263 37.77 -26.58 -21.93
C PHE A 263 37.58 -28.05 -22.32
N ILE A 264 37.20 -28.29 -23.58
CA ILE A 264 36.96 -29.64 -24.06
C ILE A 264 38.17 -30.57 -23.89
N ASN A 265 39.32 -30.09 -24.33
CA ASN A 265 40.53 -30.91 -24.25
C ASN A 265 41.20 -30.91 -22.89
N ASN A 266 40.70 -30.09 -21.98
CA ASN A 266 41.34 -30.08 -20.68
C ASN A 266 40.56 -30.87 -19.65
N ASP A 267 39.27 -31.14 -19.88
CA ASP A 267 38.50 -31.94 -18.94
C ASP A 267 38.47 -33.37 -19.46
N SER A 268 38.79 -33.54 -20.74
CA SER A 268 38.80 -34.86 -21.36
C SER A 268 40.24 -35.50 -21.40
N LYS A 269 41.23 -34.69 -21.78
CA LYS A 269 42.61 -35.14 -21.92
C LYS A 269 43.39 -34.94 -20.66
N ASN A 270 42.77 -34.29 -19.68
CA ASN A 270 43.48 -34.04 -18.44
C ASN A 270 43.44 -35.13 -17.41
N ILE A 271 44.55 -35.18 -16.66
CA ILE A 271 44.71 -36.18 -15.59
C ILE A 271 44.09 -35.65 -14.29
N PRO B 12 17.21 -8.26 9.48
CA PRO B 12 17.38 -7.62 8.16
C PRO B 12 16.28 -6.59 7.89
N ARG B 13 16.68 -5.34 7.61
CA ARG B 13 15.72 -4.28 7.33
C ARG B 13 14.97 -4.62 6.06
N THR B 14 13.76 -4.11 5.91
CA THR B 14 12.94 -4.39 4.74
C THR B 14 12.15 -3.20 4.26
N LYS B 15 11.66 -3.30 3.01
CA LYS B 15 10.83 -2.27 2.44
C LYS B 15 9.74 -2.03 3.47
N GLN B 16 8.97 -3.10 3.74
CA GLN B 16 7.89 -3.07 4.72
C GLN B 16 8.40 -2.49 6.03
N SER B 17 9.50 -3.02 6.53
CA SER B 17 10.07 -2.53 7.77
C SER B 17 10.21 -1.02 7.73
N ILE B 18 10.97 -0.54 6.76
CA ILE B 18 11.21 0.89 6.60
C ILE B 18 9.93 1.69 6.42
N THR B 19 9.05 1.27 5.49
CA THR B 19 7.79 1.99 5.26
C THR B 19 7.16 2.26 6.63
N GLU B 20 7.08 1.19 7.40
CA GLU B 20 6.55 1.21 8.76
C GLU B 20 7.37 2.24 9.56
N ASP B 21 8.65 1.96 9.79
CA ASP B 21 9.54 2.87 10.53
C ASP B 21 9.32 4.35 10.22
N LEU B 22 9.14 4.65 8.94
CA LEU B 22 8.95 6.01 8.48
C LEU B 22 7.73 6.68 9.07
N LYS B 23 6.58 6.02 8.92
CA LYS B 23 5.34 6.54 9.45
C LYS B 23 5.52 6.83 10.94
N ALA B 24 6.05 5.85 11.68
CA ALA B 24 6.28 6.01 13.11
C ALA B 24 7.00 7.33 13.37
N LEU B 25 7.87 7.71 12.45
CA LEU B 25 8.60 8.96 12.59
C LEU B 25 7.62 10.11 12.38
N GLY B 26 6.81 10.01 11.34
CA GLY B 26 5.83 11.05 11.09
C GLY B 26 5.53 11.38 9.64
N LEU B 27 6.13 10.61 8.72
CA LEU B 27 5.92 10.87 7.30
C LEU B 27 4.49 10.52 6.95
N LYS B 28 3.85 11.36 6.14
CA LYS B 28 2.47 11.09 5.77
C LYS B 28 2.11 11.23 4.30
N LYS B 29 1.09 10.49 3.89
CA LYS B 29 0.60 10.52 2.52
C LYS B 29 0.39 11.93 1.98
N GLY B 30 0.70 12.13 0.69
CA GLY B 30 0.53 13.43 0.07
C GLY B 30 1.45 14.54 0.58
N MET B 31 2.31 14.22 1.54
CA MET B 31 3.23 15.18 2.13
C MET B 31 4.29 15.63 1.10
N THR B 32 5.03 16.70 1.39
CA THR B 32 6.09 17.19 0.50
C THR B 32 7.39 17.34 1.29
N VAL B 33 8.35 16.46 1.00
CA VAL B 33 9.62 16.43 1.72
C VAL B 33 10.88 16.40 0.85
N LEU B 34 11.92 17.06 1.35
CA LEU B 34 13.21 17.11 0.71
C LEU B 34 13.96 16.10 1.58
N VAL B 35 14.54 15.08 0.95
CA VAL B 35 15.25 14.08 1.73
C VAL B 35 16.77 14.09 1.61
N HIS B 36 17.44 13.87 2.74
CA HIS B 36 18.88 13.78 2.79
C HIS B 36 19.06 12.42 3.44
N SER B 37 20.09 11.66 3.07
CA SER B 37 20.21 10.34 3.66
C SER B 37 21.55 9.64 3.53
N SER B 38 21.65 8.50 4.20
CA SER B 38 22.85 7.70 4.19
C SER B 38 22.43 6.26 4.25
N LEU B 39 22.76 5.48 3.24
CA LEU B 39 22.36 4.09 3.20
C LEU B 39 22.92 3.24 4.34
N SER B 40 24.19 3.47 4.67
CA SER B 40 24.85 2.70 5.73
C SER B 40 24.19 2.90 7.08
N SER B 41 23.99 4.17 7.43
CA SER B 41 23.37 4.54 8.71
C SER B 41 22.10 3.76 9.04
N ILE B 42 21.41 3.27 8.03
CA ILE B 42 20.17 2.53 8.25
C ILE B 42 20.41 1.08 8.66
N GLY B 43 21.61 0.57 8.38
CA GLY B 43 21.90 -0.83 8.71
C GLY B 43 21.35 -1.68 7.58
N TRP B 44 21.99 -2.83 7.33
CA TRP B 44 21.59 -3.73 6.26
C TRP B 44 20.12 -3.85 5.86
N VAL B 45 19.79 -3.35 4.68
CA VAL B 45 18.44 -3.40 4.17
C VAL B 45 18.39 -4.41 3.04
N ASN B 46 17.36 -5.25 3.04
CA ASN B 46 17.19 -6.25 2.01
C ASN B 46 16.68 -5.55 0.76
N GLY B 47 17.59 -5.13 -0.10
CA GLY B 47 17.20 -4.44 -1.30
C GLY B 47 18.05 -3.21 -1.56
N GLY B 48 18.94 -2.88 -0.63
CA GLY B 48 19.78 -1.70 -0.82
C GLY B 48 18.96 -0.45 -1.10
N ALA B 49 19.60 0.56 -1.67
CA ALA B 49 18.93 1.82 -1.98
C ALA B 49 17.55 1.67 -2.67
N VAL B 50 17.33 0.60 -3.41
CA VAL B 50 16.04 0.44 -4.05
C VAL B 50 15.01 0.06 -3.00
N ALA B 51 15.47 -0.30 -1.81
CA ALA B 51 14.54 -0.67 -0.75
C ALA B 51 14.09 0.59 -0.02
N VAL B 52 15.03 1.50 0.25
CA VAL B 52 14.72 2.75 0.92
C VAL B 52 13.84 3.66 0.05
N ILE B 53 14.18 3.73 -1.24
CA ILE B 53 13.42 4.55 -2.18
C ILE B 53 11.99 4.09 -2.30
N GLN B 54 11.78 2.79 -2.54
CA GLN B 54 10.42 2.27 -2.70
C GLN B 54 9.58 2.44 -1.44
N ALA B 55 10.25 2.55 -0.30
CA ALA B 55 9.57 2.74 0.96
C ALA B 55 9.02 4.16 0.93
N LEU B 56 9.93 5.15 1.01
CA LEU B 56 9.56 6.55 0.96
C LEU B 56 8.44 6.74 -0.08
N ILE B 57 8.57 6.09 -1.23
CA ILE B 57 7.55 6.21 -2.28
C ILE B 57 6.21 5.61 -1.88
N ASP B 58 6.20 4.63 -0.99
CA ASP B 58 4.91 4.07 -0.64
C ASP B 58 4.24 4.88 0.45
N VAL B 59 5.04 5.42 1.36
CA VAL B 59 4.52 6.26 2.43
C VAL B 59 3.91 7.53 1.80
N VAL B 60 4.78 8.39 1.27
CA VAL B 60 4.35 9.63 0.64
C VAL B 60 3.24 9.47 -0.39
N THR B 61 3.20 8.34 -1.10
CA THR B 61 2.15 8.13 -2.07
C THR B 61 2.29 9.09 -3.26
N GLU B 62 1.64 8.74 -4.37
CA GLU B 62 1.71 9.58 -5.56
C GLU B 62 1.06 10.95 -5.36
N GLU B 63 0.51 11.16 -4.17
CA GLU B 63 -0.15 12.41 -3.84
C GLU B 63 0.90 13.35 -3.28
N GLY B 64 1.89 12.77 -2.60
CA GLY B 64 2.96 13.55 -2.03
C GLY B 64 4.00 13.89 -3.08
N THR B 65 5.14 14.36 -2.60
CA THR B 65 6.23 14.71 -3.50
C THR B 65 7.56 14.45 -2.82
N ILE B 66 8.35 13.58 -3.44
CA ILE B 66 9.66 13.24 -2.92
C ILE B 66 10.73 14.06 -3.62
N VAL B 67 11.50 14.80 -2.83
CA VAL B 67 12.56 15.66 -3.39
C VAL B 67 13.92 15.36 -2.78
N MET B 68 14.95 15.41 -3.61
CA MET B 68 16.29 15.14 -3.15
C MET B 68 17.36 15.96 -3.84
N PRO B 69 18.40 16.35 -3.09
CA PRO B 69 19.47 17.13 -3.70
C PRO B 69 20.28 16.18 -4.59
N SER B 70 20.68 16.65 -5.77
CA SER B 70 21.47 15.85 -6.70
C SER B 70 22.62 16.72 -7.22
N GLN B 71 23.30 17.35 -6.30
CA GLN B 71 24.42 18.23 -6.59
C GLN B 71 25.57 17.59 -7.35
N SER B 72 26.26 18.38 -8.17
CA SER B 72 27.39 17.91 -8.95
C SER B 72 28.46 18.99 -8.99
N VAL B 73 28.91 19.35 -7.79
CA VAL B 73 29.89 20.42 -7.60
C VAL B 73 31.26 20.20 -8.22
N GLU B 74 31.48 19.07 -8.87
CA GLU B 74 32.78 18.84 -9.49
C GLU B 74 32.89 19.57 -10.80
N LEU B 75 31.76 20.02 -11.31
CA LEU B 75 31.74 20.75 -12.57
C LEU B 75 31.97 22.22 -12.27
N SER B 76 33.11 22.51 -11.67
CA SER B 76 33.46 23.85 -11.28
C SER B 76 34.88 24.19 -11.65
N ASP B 77 35.25 25.46 -11.46
CA ASP B 77 36.60 25.89 -11.78
C ASP B 77 37.59 25.18 -10.87
N PRO B 78 38.55 24.45 -11.47
CA PRO B 78 39.58 23.71 -10.73
C PRO B 78 40.44 24.58 -9.81
N LYS B 79 40.43 25.89 -10.06
CA LYS B 79 41.20 26.81 -9.23
C LYS B 79 40.70 26.74 -7.79
N GLU B 80 39.44 26.33 -7.62
CA GLU B 80 38.86 26.25 -6.29
C GLU B 80 38.84 24.84 -5.69
N TRP B 81 39.33 23.86 -6.44
CA TRP B 81 39.36 22.48 -5.94
C TRP B 81 40.39 22.28 -4.84
N GLY B 82 40.08 21.41 -3.89
CA GLY B 82 41.00 21.16 -2.79
C GLY B 82 40.82 19.81 -2.12
N ASN B 83 39.81 19.06 -2.56
CA ASN B 83 39.53 17.76 -1.96
C ASN B 83 39.34 16.63 -2.98
N PRO B 84 40.41 16.22 -3.67
CA PRO B 84 41.77 16.75 -3.60
C PRO B 84 42.05 17.91 -4.55
N PRO B 85 43.20 18.56 -4.40
CA PRO B 85 43.56 19.67 -5.28
C PRO B 85 43.94 19.04 -6.62
N VAL B 86 44.58 19.82 -7.48
CA VAL B 86 45.00 19.38 -8.79
C VAL B 86 46.04 20.36 -9.29
N PRO B 87 47.13 19.84 -9.89
CA PRO B 87 48.19 20.71 -10.42
C PRO B 87 47.64 21.95 -11.12
N GLU B 88 48.27 23.10 -10.89
CA GLU B 88 47.82 24.33 -11.53
C GLU B 88 48.00 24.25 -13.03
N GLU B 89 48.92 23.40 -13.47
CA GLU B 89 49.21 23.23 -14.90
C GLU B 89 48.06 22.51 -15.63
N TRP B 90 47.10 22.01 -14.86
CA TRP B 90 45.95 21.29 -15.40
C TRP B 90 44.67 22.13 -15.53
N TRP B 91 44.63 23.27 -14.85
CA TRP B 91 43.42 24.11 -14.85
C TRP B 91 42.81 24.49 -16.19
N ASP B 92 43.62 25.03 -17.09
CA ASP B 92 43.12 25.44 -18.37
C ASP B 92 42.70 24.24 -19.19
N ILE B 93 43.49 23.18 -19.17
CA ILE B 93 43.12 22.01 -19.93
C ILE B 93 41.86 21.36 -19.36
N ILE B 94 41.64 21.54 -18.06
CA ILE B 94 40.48 20.97 -17.37
C ILE B 94 39.21 21.75 -17.73
N ARG B 95 39.36 23.06 -17.79
CA ARG B 95 38.29 23.97 -18.11
C ARG B 95 37.85 23.78 -19.56
N GLU B 96 38.83 23.53 -20.42
CA GLU B 96 38.65 23.33 -21.87
C GLU B 96 37.99 22.02 -22.26
N SER B 97 38.40 20.95 -21.61
CA SER B 97 37.91 19.62 -21.94
C SER B 97 36.84 19.06 -21.04
N MET B 98 36.44 19.81 -20.03
CA MET B 98 35.44 19.31 -19.09
C MET B 98 34.07 19.03 -19.71
N PRO B 99 33.58 17.79 -19.55
CA PRO B 99 32.26 17.50 -20.12
C PRO B 99 31.17 18.34 -19.46
N ALA B 100 30.31 18.93 -20.29
CA ALA B 100 29.21 19.79 -19.84
C ALA B 100 28.21 19.06 -18.97
N TYR B 101 27.49 19.80 -18.14
CA TYR B 101 26.47 19.20 -17.29
C TYR B 101 25.28 18.78 -18.15
N ASN B 102 24.55 17.77 -17.71
CA ASN B 102 23.37 17.30 -18.42
C ASN B 102 22.59 16.50 -17.41
N SER B 103 21.53 17.11 -16.88
CA SER B 103 20.72 16.47 -15.85
C SER B 103 20.42 14.98 -16.09
N ASN B 104 20.42 14.54 -17.34
CA ASN B 104 20.15 13.13 -17.66
C ASN B 104 21.25 12.14 -17.31
N TYR B 105 22.49 12.61 -17.18
CA TYR B 105 23.57 11.69 -16.88
C TYR B 105 24.69 12.15 -15.96
N THR B 106 24.86 13.44 -15.74
CA THR B 106 25.93 13.89 -14.85
C THR B 106 25.76 13.31 -13.46
N PRO B 107 26.67 12.42 -13.04
CA PRO B 107 26.57 11.83 -11.70
C PRO B 107 26.63 12.86 -10.57
N THR B 108 26.07 12.49 -9.42
CA THR B 108 26.04 13.32 -8.22
C THR B 108 27.34 13.26 -7.45
N THR B 109 27.67 14.32 -6.72
CA THR B 109 28.90 14.31 -5.95
C THR B 109 28.81 13.14 -4.98
N ARG B 110 29.96 12.63 -4.55
CA ARG B 110 30.01 11.48 -3.64
C ARG B 110 29.31 11.69 -2.30
N GLY B 111 29.55 12.83 -1.67
CA GLY B 111 28.93 13.12 -0.40
C GLY B 111 27.41 13.04 -0.39
N MET B 112 26.77 13.21 -1.55
CA MET B 112 25.31 13.17 -1.64
C MET B 112 24.75 11.82 -1.22
N GLY B 113 25.56 10.77 -1.32
CA GLY B 113 25.07 9.48 -0.91
C GLY B 113 24.58 8.54 -2.01
N GLN B 114 24.48 7.27 -1.66
CA GLN B 114 24.06 6.22 -2.57
C GLN B 114 22.60 6.23 -2.96
N ILE B 115 21.75 6.72 -2.08
CA ILE B 115 20.32 6.75 -2.38
C ILE B 115 19.98 7.71 -3.51
N VAL B 116 20.67 8.85 -3.52
CA VAL B 116 20.45 9.87 -4.53
C VAL B 116 20.95 9.46 -5.91
N GLU B 117 22.09 8.78 -5.96
CA GLU B 117 22.64 8.36 -7.24
C GLU B 117 21.70 7.40 -7.94
N LEU B 118 20.99 6.60 -7.17
CA LEU B 118 20.06 5.67 -7.80
C LEU B 118 18.74 6.37 -8.12
N PHE B 119 18.25 7.14 -7.16
CA PHE B 119 16.99 7.87 -7.30
C PHE B 119 16.96 8.78 -8.52
N ARG B 120 18.08 9.43 -8.84
CA ARG B 120 18.10 10.36 -9.96
C ARG B 120 17.82 9.75 -11.34
N SER B 121 17.87 8.42 -11.43
CA SER B 121 17.60 7.75 -12.69
C SER B 121 16.52 6.67 -12.47
N TYR B 122 15.75 6.87 -11.41
CA TYR B 122 14.65 5.97 -11.04
C TYR B 122 13.41 6.45 -11.81
N PRO B 123 12.59 5.51 -12.28
CA PRO B 123 11.37 5.83 -13.04
C PRO B 123 10.52 6.91 -12.42
N GLU B 124 10.14 7.88 -13.26
CA GLU B 124 9.30 9.02 -12.89
C GLU B 124 10.08 10.21 -12.35
N VAL B 125 11.27 9.97 -11.80
CA VAL B 125 12.06 11.06 -11.24
C VAL B 125 12.57 12.04 -12.29
N LYS B 126 12.52 13.32 -11.93
CA LYS B 126 12.98 14.40 -12.79
C LYS B 126 14.14 15.17 -12.14
N ARG B 127 14.90 15.89 -12.96
CA ARG B 127 16.04 16.64 -12.45
C ARG B 127 16.06 18.10 -12.93
N SER B 128 16.33 19.02 -12.00
CA SER B 128 16.40 20.43 -12.34
C SER B 128 17.68 20.62 -13.17
N ASN B 129 17.69 21.64 -14.01
CA ASN B 129 18.80 21.90 -14.90
C ASN B 129 19.96 22.76 -14.40
N HIS B 130 20.33 22.63 -13.13
CA HIS B 130 21.44 23.40 -12.61
C HIS B 130 22.70 22.52 -12.62
N PRO B 131 23.81 23.02 -13.16
CA PRO B 131 25.06 22.28 -13.25
C PRO B 131 25.83 22.00 -11.97
N ASN B 132 25.33 22.42 -10.83
CA ASN B 132 26.04 22.20 -9.57
C ASN B 132 25.11 21.91 -8.42
N TYR B 133 24.01 22.64 -8.37
CA TYR B 133 23.04 22.49 -7.28
C TYR B 133 21.67 21.96 -7.70
N SER B 134 21.64 21.05 -8.66
CA SER B 134 20.37 20.50 -9.10
C SER B 134 19.66 19.68 -8.02
N PHE B 135 18.39 19.41 -8.25
CA PHE B 135 17.57 18.63 -7.32
C PHE B 135 16.81 17.63 -8.18
N VAL B 136 16.33 16.56 -7.56
CA VAL B 136 15.55 15.57 -8.29
C VAL B 136 14.24 15.49 -7.55
N ALA B 137 13.17 15.19 -8.27
CA ALA B 137 11.87 15.11 -7.64
C ALA B 137 11.03 14.01 -8.19
N TRP B 138 10.19 13.45 -7.34
CA TRP B 138 9.27 12.40 -7.70
C TRP B 138 7.95 12.85 -7.07
N GLY B 139 6.85 12.77 -7.83
CA GLY B 139 5.57 13.18 -7.29
C GLY B 139 4.69 14.03 -8.20
N LYS B 140 3.69 14.67 -7.60
CA LYS B 140 2.76 15.52 -8.33
C LYS B 140 3.34 16.89 -8.61
N HIS B 141 4.00 17.45 -7.61
CA HIS B 141 4.58 18.78 -7.73
C HIS B 141 6.06 18.75 -8.11
N LYS B 142 6.50 17.69 -8.78
CA LYS B 142 7.90 17.62 -9.16
C LYS B 142 8.26 18.69 -10.18
N ASN B 143 7.42 18.88 -11.19
CA ASN B 143 7.68 19.87 -12.23
C ASN B 143 7.68 21.32 -11.76
N LYS B 144 6.62 21.74 -11.09
CA LYS B 144 6.55 23.13 -10.62
C LYS B 144 7.66 23.43 -9.65
N ILE B 145 8.31 22.39 -9.13
CA ILE B 145 9.38 22.57 -8.16
C ILE B 145 10.76 22.50 -8.80
N LEU B 146 10.79 22.08 -10.07
CA LEU B 146 12.05 21.99 -10.78
C LEU B 146 12.02 22.70 -12.12
N ASN B 147 10.82 22.94 -12.65
CA ASN B 147 10.63 23.61 -13.94
C ASN B 147 11.75 24.58 -14.27
N GLN B 148 11.88 25.61 -13.44
CA GLN B 148 12.92 26.59 -13.67
C GLN B 148 13.90 26.53 -12.54
N HIS B 149 15.14 26.81 -12.90
CA HIS B 149 16.24 26.79 -11.94
C HIS B 149 17.31 27.62 -12.63
N PRO B 150 17.35 28.92 -12.32
CA PRO B 150 18.32 29.83 -12.89
C PRO B 150 19.70 29.47 -12.38
N LEU B 151 20.67 29.47 -13.27
CA LEU B 151 22.05 29.17 -12.93
C LEU B 151 22.53 30.11 -11.84
N GLU B 152 22.25 31.39 -12.03
CA GLU B 152 22.66 32.43 -11.09
C GLU B 152 21.95 32.25 -9.75
N PHE B 153 22.71 31.96 -8.71
CA PHE B 153 22.17 31.75 -7.37
C PHE B 153 21.38 30.46 -7.29
N GLY B 154 22.06 29.38 -7.66
CA GLY B 154 21.49 28.04 -7.69
C GLY B 154 20.48 27.64 -6.64
N LEU B 155 20.67 28.08 -5.40
CA LEU B 155 19.72 27.72 -4.36
C LEU B 155 19.27 28.92 -3.52
N GLY B 156 18.43 29.74 -4.14
CA GLY B 156 17.89 30.92 -3.49
C GLY B 156 16.54 31.14 -4.14
N GLU B 157 15.91 32.28 -3.88
CA GLU B 157 14.61 32.56 -4.48
C GLU B 157 14.72 32.12 -5.95
N GLN B 158 13.65 31.54 -6.47
CA GLN B 158 13.62 31.07 -7.86
C GLN B 158 14.28 29.71 -8.11
N SER B 159 14.88 29.15 -7.06
CA SER B 159 15.52 27.83 -7.14
C SER B 159 14.49 26.84 -6.59
N PRO B 160 14.82 25.54 -6.59
CA PRO B 160 13.86 24.58 -6.05
C PRO B 160 13.70 24.78 -4.55
N LEU B 161 14.83 24.98 -3.88
CA LEU B 161 14.82 25.18 -2.44
C LEU B 161 14.12 26.51 -2.12
N GLY B 162 13.68 27.19 -3.18
CA GLY B 162 12.97 28.44 -3.02
C GLY B 162 11.50 28.16 -3.20
N LYS B 163 11.18 27.40 -4.25
CA LYS B 163 9.81 27.03 -4.55
C LYS B 163 9.25 26.05 -3.53
N LEU B 164 10.07 25.64 -2.58
CA LEU B 164 9.63 24.72 -1.56
C LEU B 164 9.26 25.50 -0.32
N TYR B 165 9.95 26.62 -0.12
CA TYR B 165 9.71 27.48 1.03
C TYR B 165 8.27 27.98 0.95
N ILE B 166 7.77 28.16 -0.27
CA ILE B 166 6.42 28.64 -0.49
C ILE B 166 5.36 27.54 -0.34
N ARG B 167 5.80 26.28 -0.32
CA ARG B 167 4.88 25.17 -0.14
C ARG B 167 5.03 24.64 1.27
N GLU B 168 4.00 23.99 1.77
CA GLU B 168 4.07 23.40 3.11
C GLU B 168 5.03 22.23 2.93
N SER B 169 6.29 22.42 3.28
CA SER B 169 7.28 21.36 3.08
C SER B 169 8.10 20.94 4.29
N TYR B 170 8.48 19.66 4.31
CA TYR B 170 9.27 19.08 5.38
C TYR B 170 10.60 18.54 4.90
N VAL B 171 11.54 18.46 5.83
CA VAL B 171 12.87 17.95 5.53
C VAL B 171 13.22 16.74 6.38
N LEU B 172 13.19 15.57 5.75
CA LEU B 172 13.52 14.32 6.40
C LEU B 172 15.02 14.04 6.35
N LEU B 173 15.67 14.01 7.51
CA LEU B 173 17.10 13.72 7.59
C LEU B 173 17.25 12.26 7.98
N LEU B 174 17.40 11.39 6.99
CA LEU B 174 17.57 9.96 7.23
C LEU B 174 19.03 9.55 7.36
N GLY B 175 19.50 9.38 8.60
CA GLY B 175 20.88 9.00 8.82
C GLY B 175 21.79 10.14 8.45
N ALA B 176 21.19 11.31 8.25
CA ALA B 176 21.92 12.51 7.87
C ALA B 176 21.85 13.59 8.97
N ASP B 177 22.97 14.30 9.17
CA ASP B 177 23.04 15.38 10.16
C ASP B 177 22.46 16.69 9.60
N PHE B 178 22.59 17.76 10.35
CA PHE B 178 22.10 19.05 9.88
C PHE B 178 23.15 19.70 8.98
N ASP B 179 24.40 19.27 9.11
CA ASP B 179 25.48 19.84 8.30
C ASP B 179 25.17 19.72 6.81
N SER B 180 24.12 18.99 6.46
CA SER B 180 23.74 18.86 5.06
C SER B 180 22.27 19.14 4.83
N SER B 181 21.70 20.07 5.57
CA SER B 181 20.29 20.42 5.39
C SER B 181 20.23 21.59 4.41
N THR B 182 20.77 21.33 3.22
CA THR B 182 20.83 22.26 2.12
C THR B 182 19.86 23.44 2.20
N CYS B 183 18.60 23.16 2.58
CA CYS B 183 17.60 24.22 2.68
C CYS B 183 18.23 25.45 3.32
N PHE B 184 18.96 25.25 4.41
CA PHE B 184 19.60 26.36 5.10
C PHE B 184 20.13 27.39 4.13
N HIS B 185 20.74 26.95 3.04
CA HIS B 185 21.29 27.88 2.06
C HIS B 185 20.38 29.02 1.66
N LEU B 186 19.08 28.75 1.57
CA LEU B 186 18.11 29.79 1.21
C LEU B 186 18.30 30.99 2.12
N ALA B 187 18.37 30.72 3.42
CA ALA B 187 18.52 31.76 4.42
C ALA B 187 19.67 32.71 4.16
N GLU B 188 20.80 32.19 3.69
CA GLU B 188 21.95 33.05 3.43
C GLU B 188 21.67 34.08 2.35
N TYR B 189 20.70 33.79 1.50
CA TYR B 189 20.30 34.71 0.43
C TYR B 189 19.39 35.79 1.02
N ARG B 190 18.99 35.58 2.27
CA ARG B 190 18.07 36.49 2.94
C ARG B 190 18.56 37.28 4.14
N ILE B 191 19.86 37.31 4.39
CA ILE B 191 20.41 38.07 5.51
C ILE B 191 21.23 39.26 5.00
N PRO B 192 21.59 40.19 5.89
CA PRO B 192 22.35 41.37 5.46
C PRO B 192 23.71 41.03 4.85
N TYR B 193 24.32 39.95 5.34
CA TYR B 193 25.63 39.54 4.84
C TYR B 193 25.50 38.63 3.63
N GLN B 194 26.27 38.94 2.59
CA GLN B 194 26.28 38.16 1.37
C GLN B 194 27.52 38.46 0.56
N LYS B 195 28.41 37.48 0.43
CA LYS B 195 29.62 37.65 -0.36
C LYS B 195 29.42 37.05 -1.75
N ILE B 196 29.18 37.91 -2.74
CA ILE B 196 28.96 37.47 -4.11
C ILE B 196 30.26 37.08 -4.78
N ILE B 197 30.24 35.96 -5.49
CA ILE B 197 31.43 35.49 -6.19
C ILE B 197 31.13 34.91 -7.56
N ASN B 198 32.13 34.95 -8.42
CA ASN B 198 32.03 34.41 -9.77
C ASN B 198 32.46 32.95 -9.66
N ARG B 199 31.71 32.08 -10.31
CA ARG B 199 31.98 30.66 -10.33
C ARG B 199 31.98 30.33 -11.81
N GLY B 200 32.29 29.09 -12.15
CA GLY B 200 32.29 28.69 -13.55
C GLY B 200 31.87 27.25 -13.67
N ALA B 201 31.18 26.92 -14.77
CA ALA B 201 30.72 25.55 -14.99
C ALA B 201 30.48 25.28 -16.46
N PRO B 202 30.86 24.08 -16.94
CA PRO B 202 30.69 23.65 -18.33
C PRO B 202 29.21 23.42 -18.58
N ILE B 203 28.67 24.02 -19.63
CA ILE B 203 27.24 23.91 -19.88
C ILE B 203 26.86 23.91 -21.35
N ILE B 204 25.61 23.51 -21.64
CA ILE B 204 25.12 23.47 -23.01
C ILE B 204 24.12 24.58 -23.32
N VAL B 205 24.58 25.63 -23.99
CA VAL B 205 23.71 26.74 -24.35
C VAL B 205 23.45 26.79 -25.84
N GLU B 206 22.18 26.68 -26.19
CA GLU B 206 21.75 26.70 -27.59
C GLU B 206 22.41 25.52 -28.29
N GLY B 207 22.32 24.35 -27.65
CA GLY B 207 22.91 23.15 -28.22
C GLY B 207 24.38 23.34 -28.56
N LYS B 208 25.16 23.74 -27.57
CA LYS B 208 26.58 23.97 -27.77
C LYS B 208 27.23 24.11 -26.40
N ARG B 209 28.37 23.45 -26.25
CA ARG B 209 29.11 23.49 -24.99
C ARG B 209 29.76 24.83 -24.78
N VAL B 210 29.68 25.32 -23.54
CA VAL B 210 30.27 26.61 -23.20
C VAL B 210 30.63 26.68 -21.72
N TRP B 211 31.76 27.29 -21.43
CA TRP B 211 32.19 27.46 -20.06
C TRP B 211 31.60 28.81 -19.66
N LYS B 212 30.56 28.79 -18.84
CA LYS B 212 29.89 30.01 -18.41
C LYS B 212 30.21 30.39 -16.98
N GLU B 213 30.52 31.65 -16.76
CA GLU B 213 30.80 32.13 -15.41
C GLU B 213 29.50 32.75 -14.92
N TYR B 214 29.25 32.65 -13.62
CA TYR B 214 28.02 33.21 -13.10
C TYR B 214 28.24 33.64 -11.67
N LYS B 215 27.24 34.34 -11.12
CA LYS B 215 27.33 34.85 -9.77
C LYS B 215 26.69 33.90 -8.78
N GLU B 216 27.35 33.69 -7.65
CA GLU B 216 26.83 32.82 -6.62
C GLU B 216 27.33 33.28 -5.26
N LEU B 217 26.66 32.86 -4.20
CA LEU B 217 27.08 33.27 -2.88
C LEU B 217 28.13 32.33 -2.30
N GLU B 218 29.10 32.90 -1.61
CA GLU B 218 30.16 32.15 -0.95
C GLU B 218 29.58 31.67 0.37
N PHE B 219 28.88 30.55 0.31
CA PHE B 219 28.24 29.96 1.48
C PHE B 219 29.13 29.73 2.68
N ARG B 220 28.48 29.44 3.80
CA ARG B 220 29.13 29.14 5.07
C ARG B 220 28.36 27.94 5.61
N GLU B 221 28.65 26.77 5.06
CA GLU B 221 27.97 25.55 5.45
C GLU B 221 28.40 25.01 6.83
N GLU B 222 29.64 25.32 7.25
CA GLU B 222 30.13 24.87 8.55
C GLU B 222 29.16 25.30 9.66
N LEU B 223 28.72 26.56 9.59
CA LEU B 223 27.79 27.10 10.57
C LEU B 223 26.46 26.36 10.47
N PHE B 224 26.32 25.50 9.47
CA PHE B 224 25.07 24.77 9.28
C PHE B 224 24.71 23.82 10.42
N GLN B 225 25.70 23.28 11.12
CA GLN B 225 25.43 22.38 12.24
C GLN B 225 24.97 23.19 13.44
N GLU B 226 25.64 24.32 13.65
CA GLU B 226 25.30 25.21 14.74
C GLU B 226 23.86 25.69 14.53
N VAL B 227 23.54 26.14 13.33
CA VAL B 227 22.19 26.61 13.01
C VAL B 227 21.16 25.53 13.26
N GLY B 228 21.39 24.34 12.69
CA GLY B 228 20.44 23.27 12.90
C GLY B 228 20.31 23.01 14.39
N GLN B 229 21.46 22.92 15.07
CA GLN B 229 21.51 22.69 16.50
C GLN B 229 20.45 23.55 17.17
N ALA B 230 20.70 24.85 17.16
CA ALA B 230 19.80 25.81 17.77
C ALA B 230 18.36 25.72 17.23
N PHE B 231 18.18 25.17 16.04
CA PHE B 231 16.81 25.09 15.52
C PHE B 231 15.94 24.08 16.26
N GLU B 232 16.55 23.00 16.75
CA GLU B 232 15.83 21.96 17.46
C GLU B 232 15.70 22.25 18.96
N ALA B 233 16.57 23.12 19.45
CA ALA B 233 16.57 23.50 20.86
C ALA B 233 15.29 24.24 21.18
N LYS B 238 10.15 16.31 14.98
CA LYS B 238 10.03 14.91 15.39
C LYS B 238 11.38 14.20 15.32
N VAL B 239 11.41 12.96 15.80
CA VAL B 239 12.62 12.14 15.82
C VAL B 239 12.18 10.67 15.84
N GLY B 240 13.14 9.75 15.85
CA GLY B 240 12.82 8.34 15.88
C GLY B 240 13.93 7.52 15.27
N LYS B 241 13.56 6.44 14.57
CA LYS B 241 14.55 5.58 13.91
C LYS B 241 14.01 4.80 12.74
N VAL B 242 14.70 4.91 11.62
CA VAL B 242 14.36 4.17 10.41
C VAL B 242 15.46 3.14 10.38
N GLY B 243 15.10 1.87 10.58
CA GLY B 243 16.13 0.85 10.64
C GLY B 243 16.96 1.26 11.84
N SER B 244 18.23 1.59 11.63
CA SER B 244 19.08 1.99 12.74
C SER B 244 19.66 3.39 12.50
N ALA B 245 18.88 4.24 11.86
CA ALA B 245 19.34 5.60 11.59
C ALA B 245 18.55 6.61 12.41
N ASN B 246 19.26 7.60 12.93
CA ASN B 246 18.64 8.65 13.74
C ASN B 246 18.03 9.65 12.77
N CYS B 247 16.70 9.67 12.72
CA CYS B 247 16.00 10.53 11.78
C CYS B 247 15.19 11.69 12.39
N ARG B 248 15.53 12.90 11.95
CA ARG B 248 14.86 14.10 12.41
C ARG B 248 13.96 14.63 11.30
N LEU B 249 12.64 14.68 11.54
CA LEU B 249 11.69 15.19 10.54
C LEU B 249 11.09 16.54 10.92
N PHE B 250 11.55 17.61 10.28
CA PHE B 250 11.04 18.95 10.55
C PHE B 250 10.45 19.61 9.29
N SER B 251 10.01 20.86 9.44
CA SER B 251 9.42 21.59 8.33
C SER B 251 10.42 22.52 7.70
N LEU B 252 10.34 22.61 6.37
CA LEU B 252 11.24 23.43 5.59
C LEU B 252 11.10 24.91 5.89
N THR B 253 9.88 25.42 5.78
CA THR B 253 9.59 26.83 6.03
C THR B 253 10.12 27.31 7.37
N GLU B 254 9.80 26.57 8.44
CA GLU B 254 10.28 26.94 9.75
C GLU B 254 11.81 26.85 9.79
N ALA B 255 12.34 25.69 9.40
CA ALA B 255 13.77 25.42 9.38
C ALA B 255 14.55 26.57 8.74
N VAL B 256 14.05 27.07 7.63
CA VAL B 256 14.68 28.18 6.93
C VAL B 256 14.63 29.43 7.78
N ASP B 257 13.41 29.89 8.05
CA ASP B 257 13.19 31.09 8.84
C ASP B 257 14.15 31.26 10.01
N PHE B 258 14.38 30.19 10.77
CA PHE B 258 15.29 30.28 11.90
C PHE B 258 16.71 30.67 11.51
N ALA B 259 17.23 30.05 10.44
CA ALA B 259 18.58 30.36 9.99
C ALA B 259 18.68 31.85 9.71
N GLU B 260 17.67 32.37 9.02
CA GLU B 260 17.62 33.79 8.70
C GLU B 260 17.85 34.57 9.98
N LYS B 261 17.11 34.21 11.03
CA LYS B 261 17.27 34.88 12.32
C LYS B 261 18.64 34.57 12.91
N TRP B 262 19.04 33.30 12.86
CA TRP B 262 20.32 32.88 13.41
C TRP B 262 21.46 33.67 12.81
N PHE B 263 21.51 33.75 11.48
CA PHE B 263 22.58 34.47 10.80
C PHE B 263 22.57 35.97 11.13
N ILE B 264 21.43 36.61 10.94
CA ILE B 264 21.27 38.02 11.23
C ILE B 264 21.89 38.34 12.58
N ASN B 265 21.32 37.77 13.64
CA ASN B 265 21.80 37.97 15.00
C ASN B 265 23.09 37.18 15.28
N ASN B 266 24.01 37.21 14.33
CA ASN B 266 25.27 36.49 14.49
C ASN B 266 26.44 37.13 13.74
N LEU C 2 -24.46 10.59 34.75
CA LEU C 2 -24.56 9.40 33.88
C LEU C 2 -25.92 8.70 34.00
N LYS C 3 -26.29 8.37 35.22
CA LYS C 3 -27.55 7.72 35.52
C LYS C 3 -28.66 8.49 34.80
N LYS C 4 -28.81 9.76 35.15
CA LYS C 4 -29.80 10.59 34.52
C LYS C 4 -29.75 10.56 32.98
N ILE C 5 -28.55 10.52 32.41
CA ILE C 5 -28.40 10.49 30.95
C ILE C 5 -28.93 9.18 30.39
N VAL C 6 -28.46 8.08 30.97
CA VAL C 6 -28.88 6.75 30.56
C VAL C 6 -30.40 6.63 30.65
N GLU C 7 -30.94 6.79 31.85
CA GLU C 7 -32.38 6.67 32.02
C GLU C 7 -33.21 7.83 31.48
N SER C 8 -32.63 8.60 30.56
CA SER C 8 -33.34 9.71 29.94
C SER C 8 -33.23 9.49 28.45
N THR C 9 -32.36 8.56 28.08
CA THR C 9 -32.14 8.21 26.68
C THR C 9 -32.95 6.99 26.28
N THR C 10 -33.60 7.11 25.14
CA THR C 10 -34.46 6.08 24.60
C THR C 10 -33.70 4.84 24.07
N PHE C 11 -32.68 5.07 23.25
CA PHE C 11 -31.87 4.00 22.65
C PHE C 11 -30.46 4.55 22.49
N PRO C 12 -29.44 3.68 22.60
CA PRO C 12 -28.06 4.11 22.47
C PRO C 12 -27.77 4.94 21.20
N ARG C 13 -26.87 5.92 21.34
CA ARG C 13 -26.47 6.72 20.20
C ARG C 13 -25.21 5.99 19.74
N THR C 14 -25.00 5.91 18.43
CA THR C 14 -23.87 5.20 17.89
C THR C 14 -23.07 6.06 16.98
N LYS C 15 -21.90 5.55 16.59
CA LYS C 15 -21.03 6.24 15.66
C LYS C 15 -21.80 6.25 14.34
N GLN C 16 -22.53 5.18 14.06
CA GLN C 16 -23.31 5.08 12.84
C GLN C 16 -24.51 6.02 12.91
N SER C 17 -25.32 5.88 13.95
CA SER C 17 -26.48 6.74 14.09
C SER C 17 -26.01 8.19 13.99
N ILE C 18 -24.98 8.52 14.76
CA ILE C 18 -24.44 9.86 14.80
C ILE C 18 -23.85 10.30 13.46
N THR C 19 -23.38 9.34 12.67
CA THR C 19 -22.83 9.67 11.36
C THR C 19 -24.03 9.95 10.45
N GLU C 20 -25.10 9.19 10.65
CA GLU C 20 -26.31 9.33 9.85
C GLU C 20 -26.93 10.71 10.05
N ASP C 21 -27.02 11.14 11.30
CA ASP C 21 -27.63 12.43 11.62
C ASP C 21 -26.83 13.65 11.18
N LEU C 22 -25.51 13.57 11.26
CA LEU C 22 -24.64 14.68 10.86
C LEU C 22 -24.78 14.93 9.37
N LYS C 23 -24.92 13.85 8.62
CA LYS C 23 -25.07 13.95 7.19
C LYS C 23 -26.45 14.53 6.95
N ALA C 24 -27.42 13.99 7.68
CA ALA C 24 -28.80 14.44 7.60
C ALA C 24 -28.92 15.93 7.87
N LEU C 25 -28.16 16.39 8.86
CA LEU C 25 -28.14 17.80 9.25
C LEU C 25 -27.62 18.68 8.12
N GLY C 26 -26.59 18.21 7.43
CA GLY C 26 -26.02 18.99 6.34
C GLY C 26 -24.51 19.01 6.32
N LEU C 27 -23.86 18.18 7.12
CA LEU C 27 -22.41 18.14 7.11
C LEU C 27 -22.03 17.27 5.92
N LYS C 28 -21.09 17.74 5.10
CA LYS C 28 -20.69 17.00 3.91
C LYS C 28 -19.18 16.87 3.79
N LYS C 29 -18.74 15.97 2.92
CA LYS C 29 -17.32 15.74 2.71
C LYS C 29 -16.61 17.04 2.33
N GLY C 30 -15.33 17.15 2.65
CA GLY C 30 -14.57 18.32 2.30
C GLY C 30 -14.87 19.64 3.00
N MET C 31 -15.85 19.65 3.91
CA MET C 31 -16.13 20.90 4.61
C MET C 31 -15.06 21.21 5.64
N THR C 32 -14.96 22.49 5.99
CA THR C 32 -14.03 22.93 7.02
C THR C 32 -14.97 23.46 8.08
N VAL C 33 -15.08 22.71 9.17
CA VAL C 33 -16.02 23.10 10.20
C VAL C 33 -15.45 23.29 11.60
N LEU C 34 -15.86 24.38 12.23
CA LEU C 34 -15.48 24.73 13.60
C LEU C 34 -16.60 24.20 14.50
N VAL C 35 -16.29 23.18 15.29
CA VAL C 35 -17.28 22.54 16.16
C VAL C 35 -17.29 22.97 17.64
N HIS C 36 -18.49 23.18 18.16
CA HIS C 36 -18.70 23.51 19.56
C HIS C 36 -19.69 22.44 19.98
N SER C 37 -19.26 21.57 20.89
CA SER C 37 -20.13 20.46 21.28
C SER C 37 -20.42 20.26 22.74
N SER C 38 -21.39 19.38 22.98
CA SER C 38 -21.80 18.97 24.30
C SER C 38 -22.11 17.48 24.18
N LEU C 39 -21.29 16.64 24.81
CA LEU C 39 -21.50 15.20 24.76
C LEU C 39 -22.84 14.71 25.32
N SER C 40 -23.20 15.11 26.53
CA SER C 40 -24.43 14.67 27.15
C SER C 40 -25.73 15.08 26.44
N SER C 41 -25.70 16.21 25.73
CA SER C 41 -26.88 16.69 25.03
C SER C 41 -27.33 15.71 23.95
N ILE C 42 -26.44 14.81 23.55
CA ILE C 42 -26.76 13.85 22.52
C ILE C 42 -27.53 12.69 23.15
N GLY C 43 -27.42 12.56 24.47
CA GLY C 43 -28.07 11.45 25.14
C GLY C 43 -26.97 10.40 25.21
N TRP C 44 -27.19 9.31 25.93
CA TRP C 44 -26.15 8.30 26.04
C TRP C 44 -25.64 7.75 24.71
N VAL C 45 -24.33 7.91 24.46
CA VAL C 45 -23.74 7.41 23.22
C VAL C 45 -22.73 6.32 23.55
N ASN C 46 -22.77 5.25 22.79
CA ASN C 46 -21.87 4.13 23.00
C ASN C 46 -20.47 4.48 22.51
N GLY C 47 -19.54 4.56 23.44
CA GLY C 47 -18.17 4.90 23.11
C GLY C 47 -17.92 6.38 23.37
N GLY C 48 -18.91 7.04 23.98
CA GLY C 48 -18.79 8.46 24.30
C GLY C 48 -18.08 9.36 23.30
N ALA C 49 -17.15 10.17 23.81
CA ALA C 49 -16.38 11.12 23.02
C ALA C 49 -15.74 10.59 21.75
N VAL C 50 -15.12 9.41 21.81
CA VAL C 50 -14.47 8.89 20.62
C VAL C 50 -15.50 8.60 19.52
N ALA C 51 -16.65 8.04 19.92
CA ALA C 51 -17.71 7.73 18.96
C ALA C 51 -18.01 8.98 18.13
N VAL C 52 -18.28 10.08 18.81
CA VAL C 52 -18.59 11.34 18.18
C VAL C 52 -17.44 11.89 17.33
N ILE C 53 -16.22 11.84 17.84
CA ILE C 53 -15.09 12.34 17.09
C ILE C 53 -14.95 11.60 15.77
N GLN C 54 -15.08 10.28 15.84
CA GLN C 54 -14.96 9.46 14.64
C GLN C 54 -16.06 9.76 13.64
N ALA C 55 -17.29 9.97 14.13
CA ALA C 55 -18.42 10.26 13.25
C ALA C 55 -18.12 11.51 12.43
N LEU C 56 -17.73 12.58 13.10
CA LEU C 56 -17.39 13.81 12.41
C LEU C 56 -16.33 13.54 11.35
N ILE C 57 -15.30 12.78 11.71
CA ILE C 57 -14.24 12.46 10.78
C ILE C 57 -14.70 11.58 9.61
N ASP C 58 -15.67 10.71 9.85
CA ASP C 58 -16.17 9.86 8.77
C ASP C 58 -16.98 10.70 7.79
N VAL C 59 -17.69 11.70 8.29
CA VAL C 59 -18.49 12.54 7.42
C VAL C 59 -17.57 13.43 6.56
N VAL C 60 -16.72 14.19 7.24
CA VAL C 60 -15.81 15.11 6.59
C VAL C 60 -14.74 14.52 5.67
N THR C 61 -14.20 13.36 6.02
CA THR C 61 -13.16 12.72 5.20
C THR C 61 -11.87 13.52 5.33
N GLU C 62 -10.76 12.93 4.90
CA GLU C 62 -9.49 13.62 4.98
C GLU C 62 -9.50 14.89 4.13
N GLU C 63 -10.45 14.97 3.19
CA GLU C 63 -10.55 16.13 2.31
C GLU C 63 -11.01 17.34 3.11
N GLY C 64 -11.83 17.08 4.11
CA GLY C 64 -12.32 18.17 4.93
C GLY C 64 -11.43 18.41 6.13
N THR C 65 -11.76 19.44 6.88
CA THR C 65 -11.01 19.80 8.06
C THR C 65 -12.03 20.07 9.16
N ILE C 66 -11.66 19.73 10.40
CA ILE C 66 -12.51 19.97 11.55
C ILE C 66 -11.63 20.76 12.50
N VAL C 67 -12.18 21.86 13.02
CA VAL C 67 -11.46 22.71 13.96
C VAL C 67 -12.33 22.83 15.20
N MET C 68 -11.68 23.06 16.34
CA MET C 68 -12.38 23.22 17.59
C MET C 68 -11.52 24.09 18.46
N PRO C 69 -12.15 24.90 19.33
CA PRO C 69 -11.38 25.77 20.22
C PRO C 69 -10.72 24.91 21.32
N SER C 70 -9.51 25.26 21.72
CA SER C 70 -8.81 24.52 22.76
C SER C 70 -8.14 25.49 23.71
N GLN C 71 -8.95 26.45 24.17
CA GLN C 71 -8.50 27.50 25.07
C GLN C 71 -7.91 26.96 26.37
N SER C 72 -6.97 27.74 26.92
CA SER C 72 -6.29 27.41 28.16
C SER C 72 -6.12 28.71 28.92
N VAL C 73 -7.25 29.32 29.24
CA VAL C 73 -7.34 30.60 29.94
C VAL C 73 -6.69 30.70 31.30
N GLU C 74 -6.36 29.57 31.90
CA GLU C 74 -5.72 29.56 33.20
C GLU C 74 -4.31 30.18 33.12
N LEU C 75 -3.73 30.20 31.93
CA LEU C 75 -2.40 30.77 31.72
C LEU C 75 -2.45 32.29 31.56
N SER C 76 -2.87 32.96 32.61
CA SER C 76 -3.01 34.40 32.61
C SER C 76 -2.60 35.03 33.95
N ASP C 77 -2.64 36.36 34.01
CA ASP C 77 -2.25 37.08 35.22
C ASP C 77 -3.31 36.86 36.32
N PRO C 78 -2.86 36.40 37.49
CA PRO C 78 -3.74 36.13 38.64
C PRO C 78 -4.37 37.36 39.24
N LYS C 79 -3.90 38.53 38.83
CA LYS C 79 -4.44 39.79 39.35
C LYS C 79 -5.92 39.89 39.02
N GLU C 80 -6.38 39.09 38.07
CA GLU C 80 -7.78 39.14 37.67
C GLU C 80 -8.53 37.82 37.71
N TRP C 81 -8.08 36.91 38.55
CA TRP C 81 -8.77 35.64 38.67
C TRP C 81 -9.91 35.92 39.65
N GLY C 82 -11.03 35.25 39.47
CA GLY C 82 -12.15 35.46 40.37
C GLY C 82 -13.00 34.22 40.59
N ASN C 83 -12.60 33.11 39.96
CA ASN C 83 -13.32 31.85 40.10
C ASN C 83 -12.42 30.65 40.29
N PRO C 84 -11.75 30.55 41.46
CA PRO C 84 -11.78 31.50 42.57
C PRO C 84 -10.65 32.51 42.56
N PRO C 85 -10.77 33.54 43.40
CA PRO C 85 -9.72 34.55 43.46
C PRO C 85 -8.65 33.90 44.32
N VAL C 86 -7.43 34.43 44.28
CA VAL C 86 -6.33 33.89 45.05
C VAL C 86 -5.76 35.03 45.91
N PRO C 87 -5.10 34.70 47.03
CA PRO C 87 -4.53 35.74 47.88
C PRO C 87 -3.54 36.63 47.11
N GLU C 88 -3.75 37.94 47.14
CA GLU C 88 -2.85 38.85 46.43
C GLU C 88 -1.41 38.54 46.80
N GLU C 89 -1.20 37.99 47.99
CA GLU C 89 0.14 37.66 48.48
C GLU C 89 0.79 36.56 47.64
N TRP C 90 0.00 35.93 46.78
CA TRP C 90 0.47 34.82 45.94
C TRP C 90 0.81 35.21 44.52
N TRP C 91 0.21 36.30 44.04
CA TRP C 91 0.41 36.76 42.67
C TRP C 91 1.81 36.71 42.07
N ASP C 92 2.81 37.14 42.82
CA ASP C 92 4.19 37.16 42.33
C ASP C 92 4.83 35.79 42.14
N ILE C 93 4.64 34.92 43.11
CA ILE C 93 5.18 33.56 42.99
C ILE C 93 4.40 32.88 41.87
N ILE C 94 3.16 33.27 41.68
CA ILE C 94 2.42 32.62 40.64
C ILE C 94 2.91 32.93 39.25
N ARG C 95 3.08 34.22 38.96
CA ARG C 95 3.51 34.69 37.64
C ARG C 95 4.82 34.06 37.38
N GLU C 96 5.69 34.02 38.39
CA GLU C 96 7.01 33.47 38.20
C GLU C 96 7.21 31.94 38.14
N SER C 97 6.29 31.16 38.71
CA SER C 97 6.50 29.72 38.70
C SER C 97 5.46 29.00 37.86
N MET C 98 4.57 29.76 37.27
CA MET C 98 3.52 29.21 36.43
C MET C 98 4.13 28.55 35.22
N PRO C 99 3.87 27.24 35.03
CA PRO C 99 4.44 26.57 33.85
C PRO C 99 4.03 27.33 32.57
N ALA C 100 4.93 27.35 31.60
CA ALA C 100 4.64 28.02 30.34
C ALA C 100 3.72 27.16 29.51
N TYR C 101 3.00 27.82 28.60
CA TYR C 101 2.09 27.15 27.69
C TYR C 101 2.90 26.32 26.71
N ASN C 102 2.38 25.16 26.36
CA ASN C 102 3.04 24.30 25.40
C ASN C 102 1.98 23.48 24.70
N SER C 103 1.59 23.94 23.52
CA SER C 103 0.58 23.31 22.67
C SER C 103 0.52 21.80 22.71
N ASN C 104 1.62 21.17 23.09
CA ASN C 104 1.66 19.72 23.17
C ASN C 104 1.06 19.13 24.42
N TYR C 105 0.95 19.91 25.51
CA TYR C 105 0.39 19.35 26.73
C TYR C 105 -0.47 20.24 27.62
N THR C 106 -0.47 21.54 27.41
CA THR C 106 -1.29 22.40 28.27
C THR C 106 -2.77 22.00 28.16
N PRO C 107 -3.36 21.58 29.28
CA PRO C 107 -4.77 21.19 29.23
C PRO C 107 -5.65 22.38 28.90
N THR C 108 -6.84 22.09 28.41
CA THR C 108 -7.81 23.13 28.05
C THR C 108 -8.64 23.51 29.27
N THR C 109 -9.29 24.67 29.21
CA THR C 109 -10.11 25.11 30.30
C THR C 109 -11.28 24.13 30.45
N ARG C 110 -11.89 24.10 31.63
CA ARG C 110 -13.00 23.19 31.90
C ARG C 110 -14.19 23.23 30.94
N GLY C 111 -14.69 24.43 30.67
CA GLY C 111 -15.84 24.56 29.79
C GLY C 111 -15.69 24.21 28.32
N MET C 112 -14.52 23.71 27.89
CA MET C 112 -14.36 23.36 26.48
C MET C 112 -15.11 22.08 26.14
N GLY C 113 -15.29 21.22 27.14
CA GLY C 113 -16.01 19.97 26.95
C GLY C 113 -15.10 18.78 26.77
N GLN C 114 -15.63 17.59 27.04
CA GLN C 114 -14.84 16.37 26.94
C GLN C 114 -14.42 15.97 25.55
N ILE C 115 -15.22 16.34 24.55
CA ILE C 115 -14.88 16.00 23.18
C ILE C 115 -13.64 16.79 22.76
N VAL C 116 -13.56 18.06 23.16
CA VAL C 116 -12.42 18.87 22.82
C VAL C 116 -11.20 18.39 23.58
N GLU C 117 -11.41 18.00 24.83
CA GLU C 117 -10.34 17.51 25.68
C GLU C 117 -9.68 16.27 25.07
N LEU C 118 -10.50 15.38 24.54
CA LEU C 118 -10.00 14.16 23.94
C LEU C 118 -9.52 14.43 22.52
N PHE C 119 -10.22 15.30 21.82
CA PHE C 119 -9.89 15.63 20.45
C PHE C 119 -8.50 16.24 20.30
N ARG C 120 -8.08 17.05 21.25
CA ARG C 120 -6.78 17.69 21.15
C ARG C 120 -5.60 16.74 21.22
N SER C 121 -5.84 15.49 21.58
CA SER C 121 -4.76 14.54 21.66
C SER C 121 -4.99 13.41 20.68
N TYR C 122 -6.06 13.53 19.89
CA TYR C 122 -6.40 12.52 18.89
C TYR C 122 -5.32 12.44 17.81
N PRO C 123 -5.14 11.26 17.20
CA PRO C 123 -4.14 11.08 16.14
C PRO C 123 -4.13 12.16 15.07
N GLU C 124 -2.93 12.69 14.82
CA GLU C 124 -2.67 13.74 13.85
C GLU C 124 -3.62 14.94 13.88
N VAL C 125 -3.74 15.53 15.06
CA VAL C 125 -4.55 16.71 15.26
C VAL C 125 -3.52 17.72 15.74
N LYS C 126 -3.46 18.87 15.10
CA LYS C 126 -2.49 19.89 15.47
C LYS C 126 -3.19 20.99 16.27
N ARG C 127 -2.39 21.74 17.00
CA ARG C 127 -2.89 22.81 17.85
C ARG C 127 -2.08 24.11 17.66
N SER C 128 -2.75 25.21 17.32
CA SER C 128 -2.04 26.48 17.14
C SER C 128 -1.27 26.84 18.43
N ASN C 129 -0.38 27.81 18.34
CA ASN C 129 0.46 28.17 19.48
C ASN C 129 0.08 29.35 20.36
N HIS C 130 -1.21 29.64 20.53
CA HIS C 130 -1.57 30.75 21.41
C HIS C 130 -1.79 30.21 22.82
N PRO C 131 -1.20 30.88 23.84
CA PRO C 131 -1.33 30.45 25.23
C PRO C 131 -2.73 30.49 25.85
N ASN C 132 -3.64 31.32 25.36
CA ASN C 132 -4.99 31.36 25.96
C ASN C 132 -6.10 30.97 25.01
N TYR C 133 -6.00 31.39 23.75
CA TYR C 133 -7.03 31.12 22.76
C TYR C 133 -6.64 30.22 21.59
N SER C 134 -5.87 29.18 21.86
CA SER C 134 -5.47 28.27 20.80
C SER C 134 -6.69 27.55 20.20
N PHE C 135 -6.43 26.76 19.16
CA PHE C 135 -7.43 25.96 18.47
C PHE C 135 -6.69 24.68 18.07
N VAL C 136 -7.46 23.62 17.84
CA VAL C 136 -6.89 22.35 17.41
C VAL C 136 -7.59 22.02 16.10
N ALA C 137 -6.91 21.33 15.21
CA ALA C 137 -7.50 21.01 13.92
C ALA C 137 -6.97 19.73 13.31
N TRP C 138 -7.86 19.04 12.61
CA TRP C 138 -7.58 17.76 11.96
C TRP C 138 -7.96 17.91 10.48
N GLY C 139 -7.20 17.27 9.59
CA GLY C 139 -7.54 17.37 8.18
C GLY C 139 -6.64 18.17 7.27
N LYS C 140 -7.09 18.32 6.02
CA LYS C 140 -6.37 19.01 4.94
C LYS C 140 -5.82 20.40 5.15
N HIS C 141 -6.53 21.25 5.87
CA HIS C 141 -6.06 22.62 6.06
C HIS C 141 -5.55 22.97 7.45
N LYS C 142 -5.34 21.96 8.28
CA LYS C 142 -4.89 22.20 9.64
C LYS C 142 -3.62 23.05 9.80
N ASN C 143 -2.57 22.72 9.05
CA ASN C 143 -1.32 23.48 9.15
C ASN C 143 -1.54 24.89 8.65
N LYS C 144 -2.40 25.03 7.64
CA LYS C 144 -2.68 26.33 7.07
C LYS C 144 -3.55 27.16 8.02
N ILE C 145 -4.41 26.48 8.77
CA ILE C 145 -5.29 27.18 9.71
C ILE C 145 -4.63 27.55 11.04
N LEU C 146 -3.82 26.66 11.58
CA LEU C 146 -3.15 26.91 12.87
C LEU C 146 -1.74 27.45 12.69
N ASN C 147 -1.27 27.44 11.44
CA ASN C 147 0.06 27.89 11.06
C ASN C 147 0.69 28.92 12.00
N GLN C 148 0.25 30.17 11.88
CA GLN C 148 0.77 31.25 12.69
C GLN C 148 -0.35 31.81 13.55
N HIS C 149 -0.08 32.04 14.83
CA HIS C 149 -1.10 32.55 15.72
C HIS C 149 -0.47 33.50 16.73
N PRO C 150 -0.19 34.73 16.31
CA PRO C 150 0.42 35.76 17.16
C PRO C 150 -0.30 36.00 18.48
N LEU C 151 0.50 36.27 19.49
CA LEU C 151 -0.02 36.49 20.83
C LEU C 151 -0.98 37.69 20.95
N GLU C 152 -0.63 38.78 20.26
CA GLU C 152 -1.45 39.99 20.27
C GLU C 152 -2.79 39.74 19.61
N PHE C 153 -3.87 40.17 20.26
CA PHE C 153 -5.16 40.02 19.62
C PHE C 153 -5.35 38.56 19.21
N GLY C 154 -5.50 37.71 20.23
CA GLY C 154 -5.59 36.31 19.97
C GLY C 154 -6.60 35.73 19.04
N LEU C 155 -7.79 36.33 18.97
CA LEU C 155 -8.85 35.86 18.13
C LEU C 155 -9.07 36.80 16.94
N GLY C 156 -8.05 37.59 16.66
CA GLY C 156 -8.16 38.53 15.58
C GLY C 156 -7.93 38.04 14.16
N GLU C 157 -7.78 39.00 13.25
CA GLU C 157 -7.57 38.73 11.83
C GLU C 157 -6.49 37.69 11.46
N GLN C 158 -5.38 37.68 12.18
CA GLN C 158 -4.33 36.73 11.83
C GLN C 158 -4.40 35.36 12.50
N SER C 159 -5.24 35.29 13.52
CA SER C 159 -5.49 34.07 14.26
C SER C 159 -6.26 33.10 13.36
N PRO C 160 -6.36 31.83 13.79
CA PRO C 160 -7.07 30.80 13.03
C PRO C 160 -8.45 31.30 12.59
N LEU C 161 -9.06 32.11 13.45
CA LEU C 161 -10.37 32.65 13.15
C LEU C 161 -10.28 33.41 11.83
N GLY C 162 -9.22 34.19 11.68
CA GLY C 162 -9.03 34.94 10.45
C GLY C 162 -8.85 34.01 9.25
N LYS C 163 -8.31 32.83 9.52
CA LYS C 163 -8.08 31.86 8.46
C LYS C 163 -9.41 31.21 8.05
N LEU C 164 -10.30 30.99 9.01
CA LEU C 164 -11.58 30.37 8.73
C LEU C 164 -12.53 31.35 8.06
N TYR C 165 -12.28 32.63 8.26
CA TYR C 165 -13.12 33.65 7.67
C TYR C 165 -12.96 33.77 6.15
N ILE C 166 -11.70 33.77 5.70
CA ILE C 166 -11.37 33.91 4.28
C ILE C 166 -11.47 32.64 3.43
N ARG C 167 -11.91 31.55 4.03
CA ARG C 167 -12.07 30.29 3.33
C ARG C 167 -13.52 29.88 3.56
N GLU C 168 -14.08 29.04 2.69
CA GLU C 168 -15.46 28.63 2.91
C GLU C 168 -15.46 27.68 4.10
N SER C 169 -16.11 28.09 5.18
CA SER C 169 -16.19 27.22 6.33
C SER C 169 -17.49 27.40 7.06
N TYR C 170 -17.82 26.43 7.90
CA TYR C 170 -19.07 26.47 8.63
C TYR C 170 -18.83 26.25 10.10
N VAL C 171 -19.81 26.61 10.91
CA VAL C 171 -19.72 26.42 12.33
C VAL C 171 -20.74 25.33 12.65
N LEU C 172 -20.36 24.34 13.44
CA LEU C 172 -21.29 23.28 13.84
C LEU C 172 -21.47 23.34 15.35
N LEU C 173 -22.70 23.63 15.77
CA LEU C 173 -23.04 23.67 17.18
C LEU C 173 -23.69 22.33 17.47
N LEU C 174 -22.92 21.42 18.06
CA LEU C 174 -23.42 20.08 18.38
C LEU C 174 -24.04 19.97 19.76
N GLY C 175 -25.28 20.41 19.90
CA GLY C 175 -25.97 20.38 21.18
C GLY C 175 -25.53 21.52 22.07
N ALA C 176 -24.70 22.41 21.52
CA ALA C 176 -24.20 23.57 22.25
C ALA C 176 -24.93 24.81 21.74
N ASP C 177 -24.91 25.90 22.51
CA ASP C 177 -25.60 27.14 22.12
C ASP C 177 -24.72 28.24 21.51
N PHE C 178 -25.32 29.34 21.05
CA PHE C 178 -24.56 30.44 20.46
C PHE C 178 -23.59 31.09 21.42
N ASP C 179 -23.90 31.03 22.71
CA ASP C 179 -23.05 31.64 23.73
C ASP C 179 -21.65 31.09 23.69
N SER C 180 -21.41 30.08 22.86
CA SER C 180 -20.09 29.51 22.78
C SER C 180 -19.51 29.50 21.38
N SER C 181 -20.08 30.30 20.48
CA SER C 181 -19.56 30.38 19.12
C SER C 181 -18.41 31.39 19.09
N THR C 182 -17.20 30.86 19.28
CA THR C 182 -15.98 31.65 19.27
C THR C 182 -15.84 32.59 18.08
N CYS C 183 -16.33 32.18 16.91
CA CYS C 183 -16.22 33.00 15.70
C CYS C 183 -16.69 34.46 15.89
N PHE C 184 -17.74 34.64 16.69
CA PHE C 184 -18.25 35.98 16.94
C PHE C 184 -17.17 36.92 17.45
N HIS C 185 -16.13 36.35 18.06
CA HIS C 185 -15.03 37.13 18.60
C HIS C 185 -14.31 37.92 17.51
N LEU C 186 -14.17 37.33 16.33
CA LEU C 186 -13.51 38.02 15.24
C LEU C 186 -14.26 39.31 14.91
N ALA C 187 -15.57 39.21 14.76
CA ALA C 187 -16.40 40.36 14.47
C ALA C 187 -16.09 41.55 15.41
N GLU C 188 -15.66 41.25 16.63
CA GLU C 188 -15.35 42.27 17.63
C GLU C 188 -14.11 43.08 17.33
N TYR C 189 -13.27 42.54 16.45
CA TYR C 189 -12.04 43.20 16.06
C TYR C 189 -12.31 44.11 14.85
N ARG C 190 -13.49 43.95 14.26
CA ARG C 190 -13.90 44.71 13.09
C ARG C 190 -15.01 45.74 13.38
N ILE C 191 -15.01 46.30 14.59
CA ILE C 191 -16.03 47.28 14.96
C ILE C 191 -15.51 48.48 15.74
N PRO C 192 -16.23 49.61 15.66
CA PRO C 192 -15.87 50.85 16.34
C PRO C 192 -15.55 50.66 17.81
N TYR C 193 -16.39 49.88 18.49
CA TYR C 193 -16.19 49.62 19.92
C TYR C 193 -14.98 48.70 20.14
N GLN C 194 -14.04 49.17 20.93
CA GLN C 194 -12.82 48.42 21.25
C GLN C 194 -12.40 48.82 22.64
N LYS C 195 -12.11 47.83 23.48
CA LYS C 195 -11.65 48.11 24.83
C LYS C 195 -10.32 47.38 24.90
N ILE C 196 -9.27 48.04 24.43
CA ILE C 196 -7.94 47.46 24.44
C ILE C 196 -7.44 47.30 25.86
N ILE C 197 -7.18 46.04 26.22
CA ILE C 197 -6.76 45.68 27.56
C ILE C 197 -5.35 45.06 27.58
N ASN C 198 -4.79 44.95 28.77
CA ASN C 198 -3.46 44.38 28.93
C ASN C 198 -3.50 43.04 29.66
N ARG C 199 -2.86 42.02 29.07
CA ARG C 199 -2.82 40.68 29.65
C ARG C 199 -1.40 40.14 29.74
N GLY C 200 -1.23 39.11 30.56
CA GLY C 200 0.07 38.48 30.72
C GLY C 200 -0.10 36.97 30.58
N ALA C 201 0.96 36.27 30.20
CA ALA C 201 0.92 34.81 30.03
C ALA C 201 2.32 34.25 29.91
N PRO C 202 2.57 33.09 30.50
CA PRO C 202 3.87 32.43 30.46
C PRO C 202 3.98 31.66 29.15
N ILE C 203 4.93 32.07 28.32
CA ILE C 203 5.08 31.44 27.02
C ILE C 203 6.55 31.07 26.82
N ILE C 204 6.84 30.36 25.74
CA ILE C 204 8.22 29.97 25.46
C ILE C 204 8.77 30.76 24.27
N VAL C 205 9.76 31.58 24.55
CA VAL C 205 10.39 32.39 23.51
C VAL C 205 11.87 32.11 23.54
N GLU C 206 12.44 31.86 22.36
CA GLU C 206 13.86 31.60 22.22
C GLU C 206 14.27 30.34 22.97
N GLY C 207 13.29 29.51 23.31
CA GLY C 207 13.59 28.30 24.04
C GLY C 207 13.61 28.52 25.55
N LYS C 208 13.25 29.73 25.98
CA LYS C 208 13.23 30.06 27.40
C LYS C 208 11.83 30.47 27.82
N ARG C 209 11.52 30.33 29.11
CA ARG C 209 10.21 30.73 29.63
C ARG C 209 10.29 32.19 30.00
N VAL C 210 9.28 32.95 29.56
CA VAL C 210 9.22 34.40 29.80
C VAL C 210 7.78 34.77 30.11
N TRP C 211 7.57 35.76 30.97
CA TRP C 211 6.20 36.18 31.21
C TRP C 211 5.99 37.37 30.29
N LYS C 212 5.32 37.14 29.18
CA LYS C 212 5.12 38.19 28.20
C LYS C 212 3.77 38.91 28.26
N GLU C 213 3.83 40.23 28.35
CA GLU C 213 2.62 41.03 28.36
C GLU C 213 2.24 41.20 26.90
N TYR C 214 0.98 41.49 26.64
CA TYR C 214 0.53 41.66 25.28
C TYR C 214 -0.85 42.34 25.21
N LYS C 215 -1.13 43.00 24.08
CA LYS C 215 -2.39 43.69 23.89
C LYS C 215 -3.50 42.75 23.47
N GLU C 216 -4.71 43.06 23.91
CA GLU C 216 -5.88 42.23 23.62
C GLU C 216 -7.15 43.02 23.89
N LEU C 217 -8.27 42.59 23.30
CA LEU C 217 -9.54 43.28 23.49
C LEU C 217 -10.34 42.67 24.64
N GLU C 218 -11.08 43.49 25.37
CA GLU C 218 -11.90 42.94 26.45
C GLU C 218 -13.18 42.57 25.75
N PHE C 219 -13.48 41.28 25.69
CA PHE C 219 -14.66 40.74 25.02
C PHE C 219 -15.98 40.82 25.77
N ARG C 220 -17.06 40.79 24.98
CA ARG C 220 -18.40 40.82 25.53
C ARG C 220 -19.16 39.55 25.09
N GLU C 221 -18.56 38.38 25.32
CA GLU C 221 -19.16 37.12 24.92
C GLU C 221 -20.52 36.83 25.54
N GLU C 222 -20.98 37.71 26.43
CA GLU C 222 -22.30 37.57 27.06
C GLU C 222 -23.38 38.11 26.13
N LEU C 223 -22.98 38.58 24.95
CA LEU C 223 -23.91 39.08 23.96
C LEU C 223 -23.98 38.07 22.80
N PHE C 224 -23.16 37.03 22.89
CA PHE C 224 -23.10 36.00 21.84
C PHE C 224 -24.39 35.23 21.60
N GLN C 225 -25.14 35.02 22.67
CA GLN C 225 -26.40 34.32 22.59
C GLN C 225 -27.37 35.20 21.78
N GLU C 226 -27.43 36.47 22.15
CA GLU C 226 -28.30 37.40 21.45
C GLU C 226 -27.91 37.58 19.97
N VAL C 227 -26.63 37.72 19.69
CA VAL C 227 -26.17 37.89 18.33
C VAL C 227 -26.52 36.67 17.48
N GLY C 228 -26.38 35.50 18.09
CA GLY C 228 -26.69 34.26 17.39
C GLY C 228 -28.14 34.17 16.99
N GLN C 229 -29.03 34.40 17.96
CA GLN C 229 -30.46 34.36 17.71
C GLN C 229 -30.88 35.43 16.69
N ALA C 230 -30.21 36.57 16.69
CA ALA C 230 -30.50 37.61 15.71
C ALA C 230 -30.18 37.05 14.31
N PHE C 231 -28.97 36.51 14.17
CA PHE C 231 -28.51 35.92 12.93
C PHE C 231 -29.56 34.98 12.34
N GLU C 232 -30.21 34.24 13.22
CA GLU C 232 -31.22 33.28 12.81
C GLU C 232 -32.42 33.82 12.07
N ALA C 233 -32.79 35.06 12.35
CA ALA C 233 -33.94 35.67 11.70
C ALA C 233 -33.92 35.60 10.17
N GLU C 234 -32.94 36.23 9.51
CA GLU C 234 -32.90 36.23 8.05
C GLU C 234 -31.73 35.52 7.35
N HIS C 235 -31.03 34.65 8.06
CA HIS C 235 -29.88 33.94 7.46
C HIS C 235 -30.00 32.44 7.44
N ASN C 236 -29.39 31.84 6.43
CA ASN C 236 -29.38 30.39 6.25
C ASN C 236 -28.80 29.70 7.46
N MET C 237 -29.42 28.58 7.83
CA MET C 237 -28.94 27.80 8.95
C MET C 237 -29.70 26.50 9.05
N LYS C 238 -28.99 25.41 8.76
CA LYS C 238 -29.60 24.11 8.80
C LYS C 238 -29.77 23.70 10.26
N VAL C 239 -30.88 23.02 10.52
CA VAL C 239 -31.25 22.55 11.86
C VAL C 239 -31.51 21.06 11.77
N GLY C 240 -31.26 20.36 12.86
CA GLY C 240 -31.49 18.93 12.87
C GLY C 240 -30.96 18.34 14.15
N LYS C 241 -31.46 17.15 14.50
CA LYS C 241 -30.99 16.51 15.71
C LYS C 241 -29.90 15.48 15.43
N VAL C 242 -29.00 15.36 16.40
CA VAL C 242 -27.92 14.39 16.38
C VAL C 242 -28.22 13.75 17.71
N GLY C 243 -28.62 12.48 17.67
CA GLY C 243 -28.98 11.81 18.90
C GLY C 243 -30.15 12.63 19.40
N SER C 244 -30.04 13.18 20.60
CA SER C 244 -31.13 14.01 21.12
C SER C 244 -30.61 15.41 21.41
N ALA C 245 -29.68 15.85 20.56
CA ALA C 245 -29.07 17.16 20.68
C ALA C 245 -29.60 18.07 19.55
N ASN C 246 -30.06 19.27 19.92
CA ASN C 246 -30.55 20.21 18.92
C ASN C 246 -29.28 20.81 18.33
N CYS C 247 -29.09 20.64 17.03
CA CYS C 247 -27.88 21.11 16.37
C CYS C 247 -28.09 22.10 15.23
N ARG C 248 -27.12 23.00 15.05
CA ARG C 248 -27.18 23.99 13.99
C ARG C 248 -25.91 23.98 13.17
N LEU C 249 -26.05 24.29 11.88
CA LEU C 249 -24.92 24.33 10.94
C LEU C 249 -25.01 25.58 10.08
N PHE C 250 -24.05 26.50 10.25
CA PHE C 250 -24.03 27.75 9.48
C PHE C 250 -22.67 28.16 8.94
N SER C 251 -22.66 29.21 8.10
CA SER C 251 -21.44 29.73 7.53
C SER C 251 -20.75 30.69 8.48
N LEU C 252 -19.48 30.42 8.76
CA LEU C 252 -18.69 31.26 9.65
C LEU C 252 -18.58 32.68 9.12
N THR C 253 -18.26 32.81 7.83
CA THR C 253 -18.13 34.11 7.19
C THR C 253 -19.40 34.94 7.39
N GLU C 254 -20.54 34.35 7.03
CA GLU C 254 -21.83 35.03 7.20
C GLU C 254 -21.92 35.48 8.66
N ALA C 255 -21.87 34.52 9.56
CA ALA C 255 -21.94 34.76 11.00
C ALA C 255 -21.19 36.02 11.46
N VAL C 256 -19.89 36.02 11.17
CA VAL C 256 -19.02 37.12 11.54
C VAL C 256 -19.48 38.44 10.95
N ASP C 257 -19.90 38.41 9.68
CA ASP C 257 -20.38 39.63 9.00
C ASP C 257 -21.67 40.17 9.60
N PHE C 258 -22.51 39.27 10.08
CA PHE C 258 -23.74 39.70 10.70
C PHE C 258 -23.35 40.29 12.05
N ALA C 259 -22.55 39.54 12.81
CA ALA C 259 -22.12 39.97 14.13
C ALA C 259 -21.52 41.37 14.03
N GLU C 260 -20.78 41.62 12.96
CA GLU C 260 -20.18 42.94 12.77
C GLU C 260 -21.29 43.98 12.70
N LYS C 261 -22.31 43.69 11.89
CA LYS C 261 -23.43 44.59 11.71
C LYS C 261 -24.33 44.66 12.96
N TRP C 262 -24.39 43.58 13.73
CA TRP C 262 -25.21 43.62 14.93
C TRP C 262 -24.55 44.56 15.94
N PHE C 263 -23.23 44.40 16.11
CA PHE C 263 -22.45 45.20 17.06
C PHE C 263 -22.45 46.68 16.75
N ILE C 264 -21.97 47.00 15.55
CA ILE C 264 -21.89 48.36 15.06
C ILE C 264 -23.19 49.12 15.36
N ASN C 265 -24.30 48.55 14.90
CA ASN C 265 -25.60 49.17 15.12
C ASN C 265 -26.10 49.12 16.55
N ASN C 266 -25.64 48.14 17.31
CA ASN C 266 -26.12 48.06 18.68
C ASN C 266 -25.40 48.95 19.69
N ASP C 267 -24.12 49.22 19.46
CA ASP C 267 -23.38 50.03 20.39
C ASP C 267 -23.65 51.48 20.06
N SER C 268 -23.73 51.77 18.75
CA SER C 268 -23.93 53.15 18.33
C SER C 268 -25.38 53.66 18.45
N LYS C 269 -26.38 52.77 18.36
CA LYS C 269 -27.76 53.25 18.46
C LYS C 269 -28.48 52.87 19.72
N ASN C 270 -27.89 52.01 20.52
CA ASN C 270 -28.59 51.73 21.76
C ASN C 270 -28.27 52.84 22.81
N ILE C 271 -29.05 52.86 23.89
CA ILE C 271 -28.84 53.82 24.97
C ILE C 271 -27.95 53.13 26.01
N LEU D 2 -12.70 24.07 43.58
CA LEU D 2 -11.31 24.57 43.68
C LEU D 2 -11.19 25.69 44.72
N LYS D 3 -12.32 26.34 44.99
CA LYS D 3 -12.37 27.40 45.99
C LYS D 3 -11.98 26.73 47.30
N LYS D 4 -12.50 25.52 47.52
CA LYS D 4 -12.20 24.79 48.74
C LYS D 4 -10.71 24.50 48.82
N ILE D 5 -10.11 24.14 47.69
CA ILE D 5 -8.68 23.83 47.61
C ILE D 5 -7.79 25.02 47.90
N VAL D 6 -8.13 26.17 47.32
CA VAL D 6 -7.36 27.39 47.53
C VAL D 6 -7.41 27.81 48.99
N GLU D 7 -8.62 27.82 49.53
CA GLU D 7 -8.89 28.19 50.92
C GLU D 7 -8.04 27.42 51.93
N SER D 8 -7.96 26.10 51.76
CA SER D 8 -7.21 25.27 52.69
C SER D 8 -5.73 25.22 52.36
N THR D 9 -5.30 25.99 51.36
CA THR D 9 -3.89 26.00 51.01
C THR D 9 -3.19 27.21 51.61
N THR D 10 -2.13 26.93 52.34
CA THR D 10 -1.35 27.94 53.02
C THR D 10 -0.63 28.86 52.03
N PHE D 11 0.25 28.27 51.23
CA PHE D 11 1.03 28.97 50.21
C PHE D 11 1.04 28.02 49.03
N PRO D 12 0.83 28.54 47.81
CA PRO D 12 0.79 27.77 46.55
C PRO D 12 1.86 26.70 46.39
N ARG D 13 1.46 25.58 45.79
CA ARG D 13 2.39 24.49 45.55
C ARG D 13 2.97 24.80 44.17
N THR D 14 4.24 24.51 44.00
CA THR D 14 4.93 24.80 42.75
C THR D 14 5.66 23.59 42.20
N LYS D 15 5.98 23.64 40.92
CA LYS D 15 6.73 22.55 40.32
C LYS D 15 8.01 22.47 41.16
N GLN D 16 8.46 23.61 41.64
CA GLN D 16 9.65 23.70 42.47
C GLN D 16 9.40 23.08 43.86
N SER D 17 8.35 23.53 44.54
CA SER D 17 8.01 23.02 45.87
C SER D 17 7.74 21.53 45.83
N ILE D 18 6.94 21.12 44.86
CA ILE D 18 6.58 19.72 44.66
C ILE D 18 7.79 18.85 44.32
N THR D 19 8.88 19.46 43.84
CA THR D 19 10.07 18.70 43.49
C THR D 19 10.95 18.37 44.69
N GLU D 20 11.19 19.34 45.58
CA GLU D 20 12.03 19.05 46.74
C GLU D 20 11.27 18.18 47.72
N ASP D 21 9.94 18.28 47.70
CA ASP D 21 9.11 17.45 48.55
C ASP D 21 9.28 15.99 48.09
N LEU D 22 9.34 15.79 46.79
CA LEU D 22 9.52 14.45 46.27
C LEU D 22 10.90 13.91 46.61
N LYS D 23 11.91 14.77 46.50
CA LYS D 23 13.26 14.32 46.82
C LYS D 23 13.42 14.03 48.31
N ALA D 24 12.70 14.78 49.13
CA ALA D 24 12.76 14.62 50.56
C ALA D 24 12.14 13.28 50.95
N LEU D 25 11.03 12.94 50.30
CA LEU D 25 10.31 11.70 50.55
C LEU D 25 11.24 10.53 50.26
N GLY D 26 12.02 10.64 49.20
CA GLY D 26 12.93 9.56 48.89
C GLY D 26 12.91 9.20 47.43
N LEU D 27 12.13 9.94 46.66
CA LEU D 27 12.07 9.70 45.23
C LEU D 27 13.42 10.17 44.74
N LYS D 28 14.18 9.28 44.13
CA LYS D 28 15.52 9.62 43.68
C LYS D 28 15.71 9.53 42.18
N LYS D 29 16.69 10.26 41.66
CA LYS D 29 16.99 10.24 40.25
C LYS D 29 17.28 8.81 39.83
N GLY D 30 16.84 8.43 38.64
CA GLY D 30 17.08 7.09 38.13
C GLY D 30 16.08 6.01 38.50
N MET D 31 15.23 6.28 39.49
CA MET D 31 14.26 5.28 39.90
C MET D 31 13.31 4.86 38.81
N THR D 32 12.60 3.77 39.04
CA THR D 32 11.58 3.29 38.14
C THR D 32 10.41 3.22 39.11
N VAL D 33 9.47 4.15 38.98
CA VAL D 33 8.37 4.16 39.92
C VAL D 33 6.98 4.20 39.32
N LEU D 34 6.10 3.40 39.91
CA LEU D 34 4.70 3.28 39.53
C LEU D 34 3.99 4.26 40.45
N VAL D 35 3.33 5.25 39.85
CA VAL D 35 2.67 6.29 40.60
C VAL D 35 1.16 6.23 40.61
N HIS D 36 0.58 6.48 41.78
CA HIS D 36 -0.88 6.54 41.94
C HIS D 36 -1.10 7.88 42.63
N SER D 37 -1.83 8.77 41.95
CA SER D 37 -2.03 10.11 42.49
C SER D 37 -3.44 10.69 42.58
N SER D 38 -3.52 11.83 43.27
CA SER D 38 -4.75 12.60 43.41
C SER D 38 -4.28 14.05 43.39
N LEU D 39 -4.71 14.82 42.39
CA LEU D 39 -4.28 16.21 42.30
C LEU D 39 -4.61 17.07 43.52
N SER D 40 -5.85 17.00 44.00
CA SER D 40 -6.28 17.80 45.14
C SER D 40 -5.61 17.53 46.48
N SER D 41 -5.35 16.28 46.80
CA SER D 41 -4.71 15.98 48.08
C SER D 41 -3.46 16.82 48.28
N ILE D 42 -2.90 17.35 47.20
CA ILE D 42 -1.68 18.13 47.31
C ILE D 42 -1.87 19.57 47.81
N GLY D 43 -3.02 20.17 47.50
CA GLY D 43 -3.26 21.55 47.90
C GLY D 43 -3.24 22.26 46.57
N TRP D 44 -3.50 23.56 46.53
CA TRP D 44 -3.52 24.28 45.24
C TRP D 44 -2.15 24.37 44.57
N VAL D 45 -2.07 23.85 43.36
CA VAL D 45 -0.81 23.87 42.65
C VAL D 45 -0.85 24.69 41.37
N ASN D 46 0.06 25.65 41.32
CA ASN D 46 0.23 26.55 40.20
C ASN D 46 0.64 25.71 39.01
N GLY D 47 -0.24 25.59 38.02
CA GLY D 47 0.04 24.77 36.87
C GLY D 47 -0.70 23.44 36.88
N GLY D 48 -1.38 23.17 37.99
CA GLY D 48 -2.15 21.95 38.12
C GLY D 48 -1.38 20.68 37.82
N ALA D 49 -2.03 19.77 37.12
CA ALA D 49 -1.41 18.51 36.77
C ALA D 49 -0.05 18.63 36.07
N VAL D 50 0.11 19.59 35.16
CA VAL D 50 1.36 19.72 34.43
C VAL D 50 2.54 20.07 35.32
N ALA D 51 2.32 20.81 36.39
CA ALA D 51 3.41 21.15 37.30
C ALA D 51 3.83 19.89 38.05
N VAL D 52 2.88 19.00 38.32
CA VAL D 52 3.11 17.73 39.04
C VAL D 52 3.85 16.73 38.16
N ILE D 53 3.48 16.69 36.89
CA ILE D 53 4.11 15.77 35.96
C ILE D 53 5.55 16.23 35.76
N GLN D 54 5.74 17.54 35.56
CA GLN D 54 7.06 18.10 35.35
C GLN D 54 7.98 17.85 36.53
N ALA D 55 7.45 18.01 37.74
CA ALA D 55 8.26 17.79 38.93
C ALA D 55 8.68 16.31 38.98
N LEU D 56 7.74 15.41 38.69
CA LEU D 56 8.06 13.99 38.71
C LEU D 56 9.21 13.70 37.74
N ILE D 57 9.06 14.21 36.52
CA ILE D 57 10.06 14.01 35.48
C ILE D 57 11.40 14.66 35.85
N ASP D 58 11.35 15.84 36.47
CA ASP D 58 12.57 16.53 36.86
C ASP D 58 13.38 15.72 37.88
N VAL D 59 12.69 15.15 38.88
CA VAL D 59 13.34 14.34 39.92
C VAL D 59 13.94 13.03 39.38
N VAL D 60 13.11 12.26 38.70
CA VAL D 60 13.50 10.96 38.14
C VAL D 60 14.47 11.03 36.96
N THR D 61 14.34 12.05 36.13
CA THR D 61 15.22 12.21 34.97
C THR D 61 14.95 11.14 33.92
N GLU D 62 15.51 11.33 32.73
CA GLU D 62 15.34 10.38 31.63
C GLU D 62 16.08 9.09 31.99
N GLU D 63 16.84 9.16 33.09
CA GLU D 63 17.58 8.01 33.59
C GLU D 63 16.60 7.06 34.28
N GLY D 64 15.53 7.62 34.82
CA GLY D 64 14.52 6.82 35.47
C GLY D 64 13.29 6.53 34.63
N THR D 65 12.26 5.98 35.26
CA THR D 65 11.04 5.67 34.53
C THR D 65 9.79 5.88 35.38
N ILE D 66 8.80 6.57 34.81
CA ILE D 66 7.56 6.80 35.53
C ILE D 66 6.42 6.05 34.87
N VAL D 67 5.78 5.18 35.64
CA VAL D 67 4.69 4.38 35.14
C VAL D 67 3.42 4.69 35.89
N MET D 68 2.30 4.63 35.18
CA MET D 68 0.99 4.90 35.78
C MET D 68 -0.04 4.01 35.11
N PRO D 69 -1.08 3.63 35.84
CA PRO D 69 -2.12 2.81 35.22
C PRO D 69 -2.98 3.74 34.35
N SER D 70 -3.47 3.24 33.21
CA SER D 70 -4.31 4.06 32.34
C SER D 70 -5.52 3.26 31.89
N GLN D 71 -6.06 2.47 32.83
CA GLN D 71 -7.22 1.62 32.58
C GLN D 71 -8.40 2.26 31.84
N SER D 72 -9.11 1.42 31.09
CA SER D 72 -10.29 1.81 30.33
C SER D 72 -11.26 0.64 30.42
N VAL D 73 -11.87 0.49 31.58
CA VAL D 73 -12.80 -0.60 31.86
C VAL D 73 -14.20 -0.46 31.24
N GLU D 74 -14.47 0.68 30.60
CA GLU D 74 -15.76 0.90 29.96
C GLU D 74 -15.87 0.01 28.69
N LEU D 75 -14.73 -0.39 28.16
CA LEU D 75 -14.67 -1.25 26.99
C LEU D 75 -14.82 -2.71 27.43
N SER D 76 -15.93 -2.97 28.10
CA SER D 76 -16.23 -4.29 28.61
C SER D 76 -17.63 -4.65 28.17
N ASP D 77 -18.08 -5.84 28.57
CA ASP D 77 -19.40 -6.34 28.22
C ASP D 77 -20.46 -5.62 29.07
N PRO D 78 -21.45 -4.98 28.42
CA PRO D 78 -22.51 -4.26 29.12
C PRO D 78 -23.27 -5.07 30.18
N LYS D 79 -23.17 -6.38 30.12
CA LYS D 79 -23.85 -7.27 31.07
C LYS D 79 -23.21 -7.13 32.43
N GLU D 80 -21.99 -6.60 32.45
CA GLU D 80 -21.26 -6.42 33.69
C GLU D 80 -21.17 -4.98 34.18
N TRP D 81 -22.01 -4.10 33.64
CA TRP D 81 -21.98 -2.69 34.05
C TRP D 81 -22.82 -2.46 35.28
N GLY D 82 -22.19 -1.90 36.31
CA GLY D 82 -22.88 -1.61 37.56
C GLY D 82 -23.39 -0.18 37.64
N ASN D 83 -22.48 0.81 37.61
CA ASN D 83 -22.91 2.19 37.66
C ASN D 83 -22.27 3.03 36.60
N PRO D 84 -23.09 3.39 35.61
CA PRO D 84 -24.50 2.97 35.64
C PRO D 84 -24.73 1.70 34.82
N PRO D 85 -25.86 1.00 35.07
CA PRO D 85 -26.26 -0.23 34.37
C PRO D 85 -27.32 0.18 33.33
N VAL D 86 -27.21 -0.34 32.11
CA VAL D 86 -28.18 0.05 31.09
C VAL D 86 -29.11 -1.09 30.70
N PRO D 87 -30.33 -0.73 30.25
CA PRO D 87 -31.32 -1.73 29.84
C PRO D 87 -30.69 -2.88 29.07
N GLU D 88 -31.04 -4.11 29.44
CA GLU D 88 -30.48 -5.27 28.77
C GLU D 88 -30.80 -5.32 27.27
N GLU D 89 -31.89 -4.68 26.86
CA GLU D 89 -32.27 -4.66 25.45
C GLU D 89 -31.35 -3.84 24.56
N TRP D 90 -30.36 -3.18 25.17
CA TRP D 90 -29.38 -2.37 24.44
C TRP D 90 -28.09 -3.20 24.21
N TRP D 91 -27.80 -4.07 25.16
CA TRP D 91 -26.60 -4.90 25.16
C TRP D 91 -26.04 -5.38 23.83
N ASP D 92 -26.89 -5.92 22.97
CA ASP D 92 -26.43 -6.41 21.68
C ASP D 92 -25.87 -5.32 20.77
N ILE D 93 -26.63 -4.25 20.55
CA ILE D 93 -26.11 -3.21 19.68
C ILE D 93 -24.91 -2.55 20.33
N ILE D 94 -24.91 -2.53 21.67
CA ILE D 94 -23.80 -1.96 22.43
C ILE D 94 -22.52 -2.67 22.05
N ARG D 95 -22.51 -3.99 22.21
CA ARG D 95 -21.34 -4.79 21.87
C ARG D 95 -21.03 -4.70 20.38
N GLU D 96 -22.09 -4.58 19.58
CA GLU D 96 -21.95 -4.51 18.13
C GLU D 96 -21.32 -3.24 17.61
N SER D 97 -21.72 -2.12 18.18
CA SER D 97 -21.25 -0.80 17.77
C SER D 97 -20.16 -0.15 18.61
N MET D 98 -19.83 -0.75 19.74
CA MET D 98 -18.82 -0.17 20.63
C MET D 98 -17.48 0.05 19.96
N PRO D 99 -16.98 1.29 19.98
CA PRO D 99 -15.69 1.62 19.37
C PRO D 99 -14.52 0.87 20.00
N ALA D 100 -13.66 0.32 19.15
CA ALA D 100 -12.49 -0.46 19.55
C ALA D 100 -11.45 0.32 20.33
N TYR D 101 -10.76 -0.40 21.21
CA TYR D 101 -9.71 0.20 22.01
C TYR D 101 -8.56 0.54 21.07
N ASN D 102 -7.90 1.64 21.36
CA ASN D 102 -6.73 2.10 20.61
C ASN D 102 -5.94 2.87 21.65
N SER D 103 -4.70 2.48 21.85
CA SER D 103 -3.86 3.14 22.84
C SER D 103 -3.50 4.58 22.49
N ASN D 104 -3.88 5.04 21.31
CA ASN D 104 -3.57 6.42 20.96
C ASN D 104 -4.69 7.38 21.35
N TYR D 105 -5.88 6.85 21.63
CA TYR D 105 -6.97 7.75 21.98
C TYR D 105 -8.01 7.30 22.98
N THR D 106 -8.15 6.01 23.24
CA THR D 106 -9.18 5.59 24.19
C THR D 106 -8.97 6.20 25.57
N PRO D 107 -9.95 6.99 26.04
CA PRO D 107 -9.85 7.63 27.36
C PRO D 107 -9.79 6.66 28.52
N THR D 108 -9.17 7.13 29.61
CA THR D 108 -9.02 6.35 30.82
C THR D 108 -10.19 6.60 31.76
N THR D 109 -10.58 5.55 32.48
CA THR D 109 -11.67 5.63 33.43
C THR D 109 -11.43 6.80 34.39
N ARG D 110 -12.51 7.51 34.72
CA ARG D 110 -12.46 8.67 35.61
C ARG D 110 -11.61 8.51 36.88
N GLY D 111 -11.69 7.35 37.51
CA GLY D 111 -10.94 7.12 38.73
C GLY D 111 -9.44 7.02 38.63
N MET D 112 -8.86 7.26 37.45
CA MET D 112 -7.42 7.18 37.31
C MET D 112 -6.76 8.46 37.79
N GLY D 113 -7.51 9.55 37.77
CA GLY D 113 -6.97 10.81 38.22
C GLY D 113 -6.70 11.71 37.05
N GLN D 114 -6.81 13.01 37.28
CA GLN D 114 -6.57 13.95 36.19
C GLN D 114 -5.13 13.92 35.73
N ILE D 115 -4.22 13.58 36.64
CA ILE D 115 -2.82 13.51 36.30
C ILE D 115 -2.52 12.37 35.30
N VAL D 116 -3.26 11.28 35.38
CA VAL D 116 -3.06 10.17 34.45
C VAL D 116 -3.51 10.58 33.06
N GLU D 117 -4.72 11.13 32.96
CA GLU D 117 -5.29 11.53 31.69
C GLU D 117 -4.38 12.48 30.95
N LEU D 118 -3.76 13.38 31.68
CA LEU D 118 -2.86 14.35 31.08
C LEU D 118 -1.55 13.66 30.69
N PHE D 119 -0.97 12.94 31.64
CA PHE D 119 0.29 12.22 31.43
C PHE D 119 0.27 11.28 30.24
N ARG D 120 -0.83 10.56 30.06
CA ARG D 120 -0.95 9.63 28.94
C ARG D 120 -0.76 10.27 27.56
N SER D 121 -0.95 11.59 27.49
CA SER D 121 -0.78 12.31 26.23
C SER D 121 0.40 13.27 26.34
N TYR D 122 1.14 13.17 27.43
CA TYR D 122 2.29 14.03 27.62
C TYR D 122 3.34 13.67 26.57
N PRO D 123 4.20 14.62 26.20
CA PRO D 123 5.20 14.29 25.19
C PRO D 123 6.06 13.09 25.54
N GLU D 124 6.13 12.18 24.56
CA GLU D 124 6.87 10.92 24.58
C GLU D 124 6.49 9.92 25.66
N VAL D 125 5.20 9.81 25.93
CA VAL D 125 4.71 8.86 26.91
C VAL D 125 4.01 7.75 26.12
N LYS D 126 4.51 6.52 26.27
CA LYS D 126 3.98 5.37 25.55
C LYS D 126 2.89 4.67 26.35
N ARG D 127 1.99 3.98 25.65
CA ARG D 127 0.90 3.25 26.29
C ARG D 127 0.83 1.79 25.81
N SER D 128 0.61 0.86 26.74
CA SER D 128 0.53 -0.55 26.38
C SER D 128 -0.79 -0.88 25.68
N ASN D 129 -0.84 -2.05 25.04
CA ASN D 129 -2.00 -2.44 24.26
C ASN D 129 -3.13 -3.24 24.88
N HIS D 130 -3.39 -3.07 26.15
CA HIS D 130 -4.51 -3.81 26.72
C HIS D 130 -5.73 -2.89 26.77
N PRO D 131 -6.87 -3.37 26.27
CA PRO D 131 -8.13 -2.62 26.22
C PRO D 131 -8.81 -2.31 27.55
N ASN D 132 -8.22 -2.79 28.64
CA ASN D 132 -8.81 -2.57 29.95
C ASN D 132 -7.81 -2.15 31.01
N TYR D 133 -6.69 -2.86 31.07
CA TYR D 133 -5.69 -2.60 32.08
C TYR D 133 -4.36 -2.08 31.56
N SER D 134 -4.42 -1.16 30.62
CA SER D 134 -3.20 -0.61 30.04
C SER D 134 -2.45 0.23 31.06
N PHE D 135 -1.22 0.58 30.71
CA PHE D 135 -0.36 1.39 31.55
C PHE D 135 0.33 2.39 30.64
N VAL D 136 0.82 3.48 31.20
CA VAL D 136 1.55 4.45 30.42
C VAL D 136 2.88 4.62 31.12
N ALA D 137 3.91 4.89 30.34
CA ALA D 137 5.25 5.09 30.89
C ALA D 137 6.03 6.10 30.08
N TRP D 138 6.98 6.71 30.78
CA TRP D 138 7.89 7.72 30.27
C TRP D 138 9.22 7.35 30.91
N GLY D 139 10.31 7.53 30.19
CA GLY D 139 11.58 7.16 30.78
C GLY D 139 12.35 6.22 29.89
N LYS D 140 13.47 5.75 30.39
CA LYS D 140 14.32 4.87 29.61
C LYS D 140 13.83 3.45 29.40
N HIS D 141 12.94 2.96 30.26
CA HIS D 141 12.47 1.60 30.11
C HIS D 141 11.01 1.45 29.78
N LYS D 142 10.41 2.50 29.26
CA LYS D 142 8.99 2.46 28.92
C LYS D 142 8.71 1.40 27.87
N ASN D 143 9.62 1.28 26.91
CA ASN D 143 9.45 0.33 25.82
C ASN D 143 9.32 -1.12 26.27
N LYS D 144 10.34 -1.63 26.94
CA LYS D 144 10.30 -3.01 27.38
C LYS D 144 9.27 -3.25 28.48
N ILE D 145 8.90 -2.18 29.19
CA ILE D 145 7.92 -2.34 30.25
C ILE D 145 6.51 -2.49 29.65
N LEU D 146 6.24 -1.74 28.59
CA LEU D 146 4.94 -1.77 27.94
C LEU D 146 4.97 -2.67 26.71
N ASN D 147 6.19 -3.03 26.33
CA ASN D 147 6.47 -3.87 25.17
C ASN D 147 5.35 -4.84 24.78
N GLN D 148 5.17 -5.88 25.58
CA GLN D 148 4.14 -6.87 25.31
C GLN D 148 3.09 -6.83 26.39
N HIS D 149 1.83 -6.85 25.98
CA HIS D 149 0.73 -6.81 26.95
C HIS D 149 -0.45 -7.59 26.39
N PRO D 150 -0.44 -8.92 26.60
CA PRO D 150 -1.45 -9.87 26.16
C PRO D 150 -2.83 -9.70 26.78
N LEU D 151 -3.84 -9.83 25.93
CA LEU D 151 -5.23 -9.70 26.34
C LEU D 151 -5.55 -10.54 27.57
N GLU D 152 -5.30 -11.84 27.47
CA GLU D 152 -5.60 -12.76 28.56
C GLU D 152 -4.78 -12.37 29.79
N PHE D 153 -5.44 -12.28 30.93
CA PHE D 153 -4.74 -11.93 32.16
C PHE D 153 -4.05 -10.56 32.07
N GLY D 154 -4.87 -9.53 31.94
CA GLY D 154 -4.41 -8.16 31.85
C GLY D 154 -3.35 -7.75 32.83
N LEU D 155 -3.62 -7.92 34.11
CA LEU D 155 -2.64 -7.60 35.15
C LEU D 155 -2.17 -8.99 35.26
N GLY D 156 -0.93 -9.24 35.60
CA GLY D 156 -0.56 -10.63 35.63
C GLY D 156 0.83 -10.78 35.12
N GLU D 157 1.39 -11.97 35.10
CA GLU D 157 2.78 -12.35 34.86
C GLU D 157 3.29 -11.72 33.56
N GLN D 158 2.62 -11.56 32.48
CA GLN D 158 3.20 -11.01 31.26
C GLN D 158 2.78 -9.60 30.96
N SER D 159 2.07 -9.02 31.92
CA SER D 159 1.62 -7.64 31.80
C SER D 159 2.74 -6.80 32.36
N PRO D 160 2.76 -5.49 32.07
CA PRO D 160 3.74 -4.51 32.53
C PRO D 160 4.09 -4.65 34.03
N LEU D 161 3.08 -5.02 34.79
CA LEU D 161 3.26 -5.18 36.23
C LEU D 161 4.21 -6.33 36.61
N GLY D 162 4.33 -7.28 35.70
CA GLY D 162 5.26 -8.37 35.91
C GLY D 162 6.65 -7.85 35.57
N LYS D 163 6.71 -6.94 34.62
CA LYS D 163 7.96 -6.35 34.19
C LYS D 163 8.51 -5.41 35.27
N LEU D 164 7.60 -4.82 36.05
CA LEU D 164 8.03 -3.92 37.10
C LEU D 164 8.48 -4.73 38.29
N TYR D 165 7.99 -5.96 38.36
CA TYR D 165 8.33 -6.83 39.47
C TYR D 165 9.72 -7.44 39.42
N ILE D 166 10.18 -7.80 38.24
CA ILE D 166 11.50 -8.38 38.13
C ILE D 166 12.52 -7.24 38.18
N ARG D 167 12.11 -6.06 37.73
CA ARG D 167 12.99 -4.90 37.76
C ARG D 167 12.80 -4.24 39.13
N GLU D 168 13.90 -3.82 39.75
CA GLU D 168 13.78 -3.16 41.04
C GLU D 168 12.86 -1.95 40.88
N SER D 169 11.66 -2.02 41.43
CA SER D 169 10.75 -0.90 41.28
C SER D 169 10.16 -0.33 42.55
N TYR D 170 9.53 0.83 42.40
CA TYR D 170 8.88 1.50 43.50
C TYR D 170 7.48 1.97 43.16
N VAL D 171 6.63 2.00 44.18
CA VAL D 171 5.29 2.48 44.06
C VAL D 171 5.26 3.78 44.84
N LEU D 172 4.72 4.82 44.23
CA LEU D 172 4.61 6.12 44.84
C LEU D 172 3.14 6.41 44.99
N LEU D 173 2.67 6.49 46.22
CA LEU D 173 1.27 6.79 46.45
C LEU D 173 1.26 8.27 46.81
N LEU D 174 0.93 9.10 45.83
CA LEU D 174 0.91 10.54 45.99
C LEU D 174 -0.52 11.05 46.29
N GLY D 175 -0.88 11.05 47.56
CA GLY D 175 -2.20 11.47 47.93
C GLY D 175 -3.20 10.34 47.78
N ALA D 176 -2.74 9.20 47.29
CA ALA D 176 -3.60 8.06 47.09
C ALA D 176 -3.40 7.02 48.21
N ASP D 177 -4.31 6.05 48.27
CA ASP D 177 -4.24 5.01 49.30
C ASP D 177 -3.87 3.66 48.68
N PHE D 178 -3.84 2.62 49.52
CA PHE D 178 -3.52 1.26 49.10
C PHE D 178 -4.63 0.61 48.29
N ASP D 179 -5.85 1.07 48.51
CA ASP D 179 -7.00 0.52 47.78
C ASP D 179 -6.76 0.77 46.29
N SER D 180 -5.84 1.68 45.98
CA SER D 180 -5.54 1.96 44.59
C SER D 180 -4.13 1.58 44.11
N SER D 181 -3.41 0.74 44.84
CA SER D 181 -2.12 0.39 44.31
C SER D 181 -2.37 -0.90 43.53
N THR D 182 -2.44 -0.71 42.23
CA THR D 182 -2.69 -1.74 41.24
C THR D 182 -1.78 -2.96 41.35
N CYS D 183 -0.51 -2.75 41.69
CA CYS D 183 0.49 -3.82 41.80
C CYS D 183 0.03 -5.06 42.57
N PHE D 184 -0.83 -4.88 43.57
CA PHE D 184 -1.32 -6.00 44.35
C PHE D 184 -1.99 -7.06 43.48
N HIS D 185 -2.60 -6.60 42.39
CA HIS D 185 -3.27 -7.49 41.48
C HIS D 185 -2.32 -8.60 41.02
N LEU D 186 -1.02 -8.29 40.89
CA LEU D 186 -0.06 -9.30 40.46
C LEU D 186 -0.07 -10.51 41.39
N ALA D 187 -0.20 -10.24 42.67
CA ALA D 187 -0.24 -11.31 43.65
C ALA D 187 -1.46 -12.19 43.43
N GLU D 188 -2.51 -11.62 42.86
CA GLU D 188 -3.72 -12.42 42.65
C GLU D 188 -3.58 -13.50 41.60
N TYR D 189 -2.45 -13.53 40.91
CA TYR D 189 -2.18 -14.54 39.91
C TYR D 189 -1.23 -15.59 40.49
N ARG D 190 -0.66 -15.30 41.66
CA ARG D 190 0.29 -16.20 42.29
C ARG D 190 -0.19 -16.84 43.59
N ILE D 191 -1.49 -17.12 43.69
CA ILE D 191 -2.05 -17.74 44.89
C ILE D 191 -3.00 -18.88 44.50
N PRO D 192 -3.19 -19.86 45.40
CA PRO D 192 -4.07 -20.98 45.09
C PRO D 192 -5.50 -20.61 44.70
N TYR D 193 -6.06 -19.61 45.38
CA TYR D 193 -7.42 -19.15 45.09
C TYR D 193 -7.49 -18.38 43.77
N GLN D 194 -8.46 -18.76 42.94
CA GLN D 194 -8.66 -18.12 41.64
C GLN D 194 -10.12 -18.25 41.23
N LYS D 195 -10.71 -17.14 40.80
CA LYS D 195 -12.09 -17.13 40.33
C LYS D 195 -12.02 -16.65 38.90
N ILE D 196 -11.93 -17.60 37.96
CA ILE D 196 -11.84 -17.26 36.56
C ILE D 196 -13.17 -16.89 35.93
N ILE D 197 -13.15 -15.80 35.19
CA ILE D 197 -14.32 -15.26 34.56
C ILE D 197 -14.14 -14.93 33.07
N ASN D 198 -15.25 -14.83 32.35
CA ASN D 198 -15.21 -14.49 30.94
C ASN D 198 -15.45 -13.00 30.74
N ARG D 199 -14.76 -12.45 29.75
CA ARG D 199 -14.87 -11.03 29.48
C ARG D 199 -14.79 -10.79 27.99
N GLY D 200 -15.37 -9.67 27.55
CA GLY D 200 -15.33 -9.32 26.15
C GLY D 200 -14.93 -7.88 25.98
N ALA D 201 -14.14 -7.61 24.94
CA ALA D 201 -13.70 -6.26 24.66
C ALA D 201 -13.44 -6.07 23.17
N PRO D 202 -13.67 -4.85 22.66
CA PRO D 202 -13.45 -4.56 21.24
C PRO D 202 -12.03 -4.16 20.95
N ILE D 203 -11.38 -4.91 20.07
CA ILE D 203 -9.99 -4.68 19.71
C ILE D 203 -9.83 -4.52 18.20
N ILE D 204 -8.65 -4.08 17.78
CA ILE D 204 -8.33 -3.91 16.37
C ILE D 204 -7.28 -4.99 16.07
N VAL D 205 -7.73 -6.10 15.49
CA VAL D 205 -6.82 -7.19 15.16
C VAL D 205 -6.52 -7.24 13.67
N GLU D 206 -5.27 -6.95 13.35
CA GLU D 206 -4.84 -6.95 11.96
C GLU D 206 -5.68 -5.96 11.14
N GLY D 207 -5.80 -4.73 11.67
CA GLY D 207 -6.55 -3.70 10.98
C GLY D 207 -8.07 -3.78 10.98
N LYS D 208 -8.66 -4.76 11.67
CA LYS D 208 -10.12 -4.87 11.69
C LYS D 208 -10.70 -4.99 13.11
N ARG D 209 -11.78 -4.26 13.36
CA ARG D 209 -12.41 -4.30 14.69
C ARG D 209 -12.94 -5.69 14.97
N VAL D 210 -12.64 -6.20 16.16
CA VAL D 210 -13.09 -7.51 16.56
C VAL D 210 -13.47 -7.52 18.03
N TRP D 211 -14.61 -8.12 18.35
CA TRP D 211 -15.04 -8.20 19.73
C TRP D 211 -14.53 -9.54 20.23
N LYS D 212 -13.26 -9.55 20.64
CA LYS D 212 -12.63 -10.76 21.14
C LYS D 212 -13.05 -11.10 22.56
N GLU D 213 -13.26 -12.38 22.82
CA GLU D 213 -13.61 -12.84 24.15
C GLU D 213 -12.32 -13.33 24.78
N TYR D 214 -12.13 -13.10 26.06
CA TYR D 214 -10.90 -13.56 26.68
C TYR D 214 -11.08 -14.01 28.11
N LYS D 215 -10.05 -14.65 28.64
CA LYS D 215 -10.06 -15.17 30.00
C LYS D 215 -9.35 -14.20 30.95
N GLU D 216 -9.95 -13.98 32.13
CA GLU D 216 -9.37 -13.08 33.12
C GLU D 216 -9.83 -13.46 34.53
N LEU D 217 -9.11 -13.00 35.54
CA LEU D 217 -9.46 -13.30 36.92
C LEU D 217 -10.43 -12.27 37.48
N GLU D 218 -11.04 -12.61 38.62
CA GLU D 218 -11.94 -11.72 39.31
C GLU D 218 -11.25 -11.31 40.59
N PHE D 219 -10.63 -10.14 40.53
CA PHE D 219 -9.89 -9.58 41.65
C PHE D 219 -10.72 -9.26 42.87
N ARG D 220 -10.02 -9.17 44.00
CA ARG D 220 -10.66 -8.85 45.26
C ARG D 220 -9.92 -7.60 45.78
N GLU D 221 -9.99 -6.52 45.02
CA GLU D 221 -9.33 -5.27 45.39
C GLU D 221 -9.94 -4.61 46.62
N GLU D 222 -10.98 -5.24 47.18
CA GLU D 222 -11.63 -4.72 48.37
C GLU D 222 -10.78 -5.09 49.56
N LEU D 223 -9.76 -5.90 49.33
CA LEU D 223 -8.87 -6.35 50.40
C LEU D 223 -7.56 -5.57 50.43
N PHE D 224 -7.26 -4.88 49.33
CA PHE D 224 -6.04 -4.09 49.18
C PHE D 224 -5.70 -3.11 50.30
N GLN D 225 -6.71 -2.40 50.80
CA GLN D 225 -6.48 -1.45 51.88
C GLN D 225 -5.97 -2.19 53.10
N GLU D 226 -6.59 -3.34 53.37
CA GLU D 226 -6.22 -4.18 54.49
C GLU D 226 -4.82 -4.80 54.30
N VAL D 227 -4.50 -5.15 53.05
CA VAL D 227 -3.23 -5.74 52.72
C VAL D 227 -2.07 -4.75 52.84
N GLY D 228 -2.30 -3.52 52.38
CA GLY D 228 -1.25 -2.52 52.46
C GLY D 228 -1.00 -2.12 53.90
N GLN D 229 -2.07 -2.10 54.68
CA GLN D 229 -1.97 -1.73 56.07
C GLN D 229 -1.19 -2.81 56.83
N ALA D 230 -1.33 -4.06 56.41
CA ALA D 230 -0.63 -5.18 57.02
C ALA D 230 0.87 -5.17 56.64
N PHE D 231 1.14 -4.70 55.42
CA PHE D 231 2.48 -4.60 54.86
C PHE D 231 3.24 -3.49 55.58
N GLU D 232 2.53 -2.46 56.03
CA GLU D 232 3.19 -1.35 56.72
C GLU D 232 3.84 -1.74 58.04
N ALA D 233 3.21 -2.66 58.76
CA ALA D 233 3.72 -3.09 60.07
C ALA D 233 5.21 -3.33 60.18
N GLU D 234 5.76 -4.18 59.29
CA GLU D 234 7.17 -4.52 59.36
C GLU D 234 8.05 -4.15 58.17
N HIS D 235 7.46 -3.76 57.06
CA HIS D 235 8.23 -3.40 55.89
C HIS D 235 8.51 -1.89 55.70
N ASN D 236 9.72 -1.60 55.22
CA ASN D 236 10.17 -0.24 54.99
C ASN D 236 9.26 0.57 54.08
N MET D 237 8.93 1.79 54.52
CA MET D 237 8.04 2.64 53.75
C MET D 237 8.22 4.14 53.98
N LYS D 238 8.97 4.80 53.12
CA LYS D 238 9.17 6.25 53.26
C LYS D 238 7.77 6.88 53.30
N VAL D 239 7.61 7.86 54.16
CA VAL D 239 6.35 8.58 54.26
C VAL D 239 6.68 10.06 54.38
N GLY D 240 5.77 10.89 53.91
CA GLY D 240 6.01 12.31 53.95
C GLY D 240 4.96 13.00 53.11
N LYS D 241 5.03 14.32 53.04
CA LYS D 241 4.08 15.07 52.26
C LYS D 241 4.67 15.64 50.99
N VAL D 242 3.75 15.95 50.09
CA VAL D 242 4.05 16.57 48.82
C VAL D 242 2.94 17.60 48.87
N GLY D 243 3.29 18.79 49.33
CA GLY D 243 2.30 19.83 49.49
C GLY D 243 1.49 19.45 50.72
N SER D 244 0.18 19.37 50.60
CA SER D 244 -0.65 18.99 51.73
C SER D 244 -1.14 17.54 51.58
N ALA D 245 -0.42 16.75 50.80
CA ALA D 245 -0.77 15.36 50.53
C ALA D 245 0.17 14.35 51.19
N ASN D 246 -0.42 13.34 51.82
CA ASN D 246 0.32 12.28 52.48
C ASN D 246 0.68 11.24 51.44
N CYS D 247 1.95 10.92 51.37
CA CYS D 247 2.42 9.99 50.36
C CYS D 247 3.20 8.84 50.97
N ARG D 248 3.48 7.84 50.16
CA ARG D 248 4.22 6.68 50.61
C ARG D 248 5.06 6.17 49.45
N LEU D 249 6.26 5.69 49.76
CA LEU D 249 7.15 5.19 48.73
C LEU D 249 7.70 3.85 49.20
N PHE D 250 7.46 2.79 48.43
CA PHE D 250 7.91 1.45 48.80
C PHE D 250 8.25 0.55 47.63
N SER D 251 8.89 -0.57 47.91
CA SER D 251 9.30 -1.52 46.88
C SER D 251 8.11 -2.26 46.29
N LEU D 252 7.99 -2.23 44.97
CA LEU D 252 6.89 -2.91 44.30
C LEU D 252 7.06 -4.41 44.48
N THR D 253 8.29 -4.87 44.34
CA THR D 253 8.60 -6.29 44.51
C THR D 253 8.31 -6.74 45.94
N GLU D 254 8.50 -5.86 46.90
CA GLU D 254 8.24 -6.25 48.28
C GLU D 254 6.77 -6.38 48.53
N ALA D 255 6.04 -5.37 48.08
CA ALA D 255 4.59 -5.32 48.26
C ALA D 255 3.90 -6.54 47.62
N VAL D 256 4.30 -6.88 46.41
CA VAL D 256 3.73 -8.02 45.70
C VAL D 256 3.98 -9.30 46.47
N ASP D 257 5.22 -9.47 46.92
CA ASP D 257 5.55 -10.67 47.67
C ASP D 257 4.71 -10.76 48.92
N PHE D 258 4.64 -9.67 49.68
CA PHE D 258 3.87 -9.68 50.90
C PHE D 258 2.40 -10.01 50.65
N ALA D 259 1.82 -9.40 49.62
CA ALA D 259 0.42 -9.63 49.29
C ALA D 259 0.13 -11.10 49.00
N GLU D 260 1.06 -11.73 48.29
CA GLU D 260 0.92 -13.14 47.96
C GLU D 260 0.82 -13.90 49.27
N LYS D 261 1.72 -13.60 50.21
CA LYS D 261 1.71 -14.28 51.49
C LYS D 261 0.47 -13.99 52.28
N TRP D 262 0.10 -12.72 52.33
CA TRP D 262 -1.07 -12.33 53.09
C TRP D 262 -2.29 -13.05 52.55
N PHE D 263 -2.42 -13.12 51.22
CA PHE D 263 -3.56 -13.77 50.59
C PHE D 263 -3.62 -15.26 50.88
N ILE D 264 -2.48 -15.92 50.69
CA ILE D 264 -2.38 -17.35 50.92
C ILE D 264 -2.71 -17.70 52.38
N ASN D 265 -2.10 -16.98 53.31
CA ASN D 265 -2.34 -17.20 54.73
C ASN D 265 -3.68 -16.74 55.30
N ASN D 266 -4.55 -16.18 54.45
CA ASN D 266 -5.86 -15.74 54.96
C ASN D 266 -7.09 -16.31 54.24
N ASP D 267 -6.93 -16.76 52.99
CA ASP D 267 -8.04 -17.40 52.23
C ASP D 267 -8.09 -18.84 52.73
N SER D 268 -6.92 -19.39 53.01
CA SER D 268 -6.87 -20.77 53.49
C SER D 268 -7.17 -20.91 54.98
N LYS D 269 -6.70 -19.97 55.81
CA LYS D 269 -6.92 -19.99 57.26
C LYS D 269 -8.14 -19.20 57.75
N PRO E 12 -25.38 2.23 -14.68
CA PRO E 12 -24.43 1.09 -14.62
C PRO E 12 -24.26 0.48 -13.23
N ARG E 13 -24.68 -0.78 -13.07
CA ARG E 13 -24.51 -1.44 -11.78
C ARG E 13 -23.01 -1.71 -11.72
N THR E 14 -22.47 -1.80 -10.51
CA THR E 14 -21.05 -2.08 -10.35
C THR E 14 -20.84 -2.98 -9.15
N LYS E 15 -19.60 -3.41 -8.97
CA LYS E 15 -19.24 -4.25 -7.85
C LYS E 15 -19.78 -3.66 -6.56
N GLN E 16 -19.77 -2.33 -6.46
CA GLN E 16 -20.25 -1.64 -5.26
C GLN E 16 -21.77 -1.59 -5.15
N SER E 17 -22.44 -1.17 -6.22
CA SER E 17 -23.90 -1.10 -6.23
C SER E 17 -24.47 -2.49 -5.99
N ILE E 18 -23.93 -3.48 -6.67
CA ILE E 18 -24.40 -4.85 -6.52
C ILE E 18 -24.22 -5.39 -5.10
N THR E 19 -23.05 -5.17 -4.53
CA THR E 19 -22.75 -5.64 -3.17
C THR E 19 -23.75 -5.01 -2.22
N GLU E 20 -24.03 -3.73 -2.46
CA GLU E 20 -24.97 -2.97 -1.64
C GLU E 20 -26.34 -3.61 -1.71
N ASP E 21 -26.87 -3.72 -2.92
CA ASP E 21 -28.18 -4.32 -3.10
C ASP E 21 -28.30 -5.69 -2.40
N LEU E 22 -27.20 -6.43 -2.33
CA LEU E 22 -27.19 -7.76 -1.69
C LEU E 22 -27.29 -7.77 -0.17
N LYS E 23 -26.64 -6.82 0.49
CA LYS E 23 -26.70 -6.73 1.96
C LYS E 23 -28.10 -6.22 2.34
N ALA E 24 -28.65 -5.37 1.48
CA ALA E 24 -29.97 -4.81 1.69
C ALA E 24 -31.04 -5.89 1.58
N LEU E 25 -30.85 -6.80 0.62
CA LEU E 25 -31.77 -7.92 0.43
C LEU E 25 -31.79 -8.71 1.74
N GLY E 26 -30.61 -8.97 2.28
CA GLY E 26 -30.52 -9.73 3.51
C GLY E 26 -29.41 -10.76 3.49
N LEU E 27 -28.50 -10.64 2.52
CA LEU E 27 -27.38 -11.58 2.41
C LEU E 27 -26.29 -11.15 3.40
N LYS E 28 -25.96 -12.03 4.33
CA LYS E 28 -24.98 -11.68 5.34
C LYS E 28 -23.63 -12.41 5.35
N LYS E 29 -22.84 -12.11 6.37
CA LYS E 29 -21.53 -12.70 6.54
C LYS E 29 -21.70 -14.10 7.15
N GLY E 30 -20.77 -15.00 6.85
CA GLY E 30 -20.85 -16.33 7.40
C GLY E 30 -21.95 -17.20 6.85
N MET E 31 -22.82 -16.64 6.01
CA MET E 31 -23.91 -17.41 5.43
C MET E 31 -23.49 -18.42 4.37
N THR E 32 -24.09 -19.60 4.44
CA THR E 32 -23.84 -20.65 3.45
C THR E 32 -25.03 -20.47 2.49
N VAL E 33 -24.77 -19.97 1.28
CA VAL E 33 -25.84 -19.73 0.34
C VAL E 33 -25.71 -20.43 -1.02
N LEU E 34 -26.82 -20.98 -1.51
CA LEU E 34 -26.86 -21.64 -2.81
C LEU E 34 -27.39 -20.58 -3.74
N VAL E 35 -26.64 -20.26 -4.78
CA VAL E 35 -27.03 -19.19 -5.68
C VAL E 35 -27.39 -19.56 -7.11
N HIS E 36 -28.52 -19.02 -7.55
CA HIS E 36 -29.03 -19.22 -8.90
C HIS E 36 -29.07 -17.83 -9.47
N SER E 37 -28.77 -17.69 -10.76
CA SER E 37 -28.76 -16.34 -11.30
C SER E 37 -28.80 -16.19 -12.81
N SER E 38 -29.07 -14.96 -13.23
CA SER E 38 -29.13 -14.58 -14.63
C SER E 38 -28.42 -13.22 -14.71
N LEU E 39 -27.51 -13.05 -15.66
CA LEU E 39 -26.78 -11.80 -15.79
C LEU E 39 -27.62 -10.67 -16.37
N SER E 40 -28.24 -10.94 -17.53
CA SER E 40 -29.08 -9.96 -18.23
C SER E 40 -30.09 -9.26 -17.34
N SER E 41 -30.83 -10.03 -16.57
CA SER E 41 -31.86 -9.47 -15.69
C SER E 41 -31.40 -8.27 -14.86
N ILE E 42 -30.17 -8.35 -14.34
CA ILE E 42 -29.59 -7.31 -13.49
C ILE E 42 -29.51 -5.91 -14.12
N GLY E 43 -29.55 -5.83 -15.44
CA GLY E 43 -29.41 -4.54 -16.10
C GLY E 43 -27.97 -4.58 -16.53
N TRP E 44 -27.38 -3.48 -16.98
CA TRP E 44 -25.97 -3.51 -17.40
C TRP E 44 -24.97 -3.34 -16.24
N VAL E 45 -24.11 -4.33 -16.04
CA VAL E 45 -23.11 -4.27 -14.98
C VAL E 45 -21.65 -4.18 -15.46
N ASN E 46 -21.00 -3.06 -15.12
CA ASN E 46 -19.60 -2.82 -15.50
C ASN E 46 -18.74 -3.99 -14.97
N GLY E 47 -18.25 -4.82 -15.89
CA GLY E 47 -17.44 -5.96 -15.51
C GLY E 47 -18.20 -7.28 -15.43
N GLY E 48 -19.38 -7.32 -16.06
CA GLY E 48 -20.20 -8.51 -16.07
C GLY E 48 -20.11 -9.50 -14.91
N ALA E 49 -20.08 -10.77 -15.28
CA ALA E 49 -20.01 -11.88 -14.34
C ALA E 49 -18.97 -11.77 -13.22
N VAL E 50 -17.74 -11.42 -13.58
CA VAL E 50 -16.68 -11.29 -12.57
C VAL E 50 -17.09 -10.32 -11.47
N ALA E 51 -17.68 -9.20 -11.89
CA ALA E 51 -18.15 -8.17 -10.96
C ALA E 51 -19.13 -8.76 -9.94
N VAL E 52 -20.15 -9.46 -10.44
CA VAL E 52 -21.18 -10.08 -9.61
C VAL E 52 -20.61 -11.15 -8.65
N ILE E 53 -19.54 -11.81 -9.07
CA ILE E 53 -18.90 -12.86 -8.26
C ILE E 53 -18.13 -12.26 -7.08
N GLN E 54 -17.42 -11.17 -7.37
CA GLN E 54 -16.64 -10.46 -6.37
C GLN E 54 -17.60 -9.82 -5.39
N ALA E 55 -18.73 -9.34 -5.90
CA ALA E 55 -19.74 -8.73 -5.05
C ALA E 55 -20.26 -9.77 -4.04
N LEU E 56 -20.58 -10.96 -4.54
CA LEU E 56 -21.04 -12.05 -3.69
C LEU E 56 -19.95 -12.45 -2.67
N ILE E 57 -18.73 -12.64 -3.16
CA ILE E 57 -17.59 -13.02 -2.30
C ILE E 57 -17.37 -11.99 -1.19
N ASP E 58 -17.47 -10.70 -1.54
CA ASP E 58 -17.29 -9.63 -0.56
C ASP E 58 -18.36 -9.71 0.53
N VAL E 59 -19.62 -9.84 0.09
CA VAL E 59 -20.73 -9.91 1.02
C VAL E 59 -20.69 -11.15 1.94
N VAL E 60 -20.42 -12.31 1.35
CA VAL E 60 -20.41 -13.53 2.15
C VAL E 60 -19.17 -13.65 3.00
N THR E 61 -18.02 -13.29 2.43
CA THR E 61 -16.78 -13.38 3.19
C THR E 61 -16.29 -14.82 3.34
N GLU E 62 -14.97 -15.00 3.39
CA GLU E 62 -14.38 -16.33 3.53
C GLU E 62 -15.12 -17.15 4.59
N GLU E 63 -15.48 -16.51 5.70
CA GLU E 63 -16.21 -17.16 6.78
C GLU E 63 -17.56 -17.71 6.31
N GLY E 64 -17.97 -17.28 5.11
CA GLY E 64 -19.21 -17.76 4.53
C GLY E 64 -18.91 -18.82 3.47
N THR E 65 -19.96 -19.31 2.83
CA THR E 65 -19.82 -20.32 1.80
C THR E 65 -20.84 -20.08 0.70
N ILE E 66 -20.39 -19.95 -0.52
CA ILE E 66 -21.34 -19.76 -1.60
C ILE E 66 -21.23 -20.97 -2.53
N VAL E 67 -22.40 -21.54 -2.84
CA VAL E 67 -22.51 -22.72 -3.68
C VAL E 67 -23.41 -22.47 -4.88
N MET E 68 -23.03 -23.00 -6.04
CA MET E 68 -23.81 -22.86 -7.26
C MET E 68 -23.89 -24.21 -7.99
N PRO E 69 -24.98 -24.44 -8.74
CA PRO E 69 -25.08 -25.72 -9.45
C PRO E 69 -24.27 -25.63 -10.75
N SER E 70 -23.57 -26.70 -11.11
CA SER E 70 -22.76 -26.71 -12.32
C SER E 70 -23.06 -27.95 -13.15
N GLN E 71 -24.34 -28.13 -13.48
CA GLN E 71 -24.82 -29.29 -14.23
C GLN E 71 -24.25 -29.48 -15.62
N SER E 72 -23.96 -30.73 -15.94
CA SER E 72 -23.43 -31.13 -17.23
C SER E 72 -24.22 -32.38 -17.63
N VAL E 73 -25.53 -32.21 -17.79
CA VAL E 73 -26.45 -33.29 -18.15
C VAL E 73 -26.36 -33.86 -19.55
N GLU E 74 -25.55 -33.25 -20.44
CA GLU E 74 -25.44 -33.77 -21.80
C GLU E 74 -24.62 -35.06 -21.77
N LEU E 75 -23.88 -35.28 -20.69
CA LEU E 75 -23.09 -36.49 -20.55
C LEU E 75 -23.99 -37.61 -20.07
N SER E 76 -24.91 -37.99 -20.93
CA SER E 76 -25.86 -39.04 -20.61
C SER E 76 -26.19 -39.93 -21.80
N ASP E 77 -26.77 -41.09 -21.53
CA ASP E 77 -27.18 -42.02 -22.59
C ASP E 77 -28.01 -41.18 -23.55
N PRO E 78 -27.71 -41.22 -24.85
CA PRO E 78 -28.47 -40.44 -25.83
C PRO E 78 -29.89 -40.92 -26.11
N LYS E 79 -30.19 -42.16 -25.75
CA LYS E 79 -31.51 -42.72 -25.98
C LYS E 79 -32.63 -41.85 -25.42
N GLU E 80 -32.35 -41.16 -24.32
CA GLU E 80 -33.35 -40.31 -23.69
C GLU E 80 -33.17 -38.80 -23.89
N TRP E 81 -32.85 -38.39 -25.09
CA TRP E 81 -32.67 -36.96 -25.40
C TRP E 81 -33.88 -36.44 -26.18
N GLY E 82 -34.29 -35.21 -25.90
CA GLY E 82 -35.42 -34.62 -26.60
C GLY E 82 -35.32 -33.11 -26.75
N ASN E 83 -34.10 -32.58 -26.60
CA ASN E 83 -33.86 -31.14 -26.71
C ASN E 83 -32.57 -30.84 -27.44
N PRO E 84 -32.45 -31.26 -28.71
CA PRO E 84 -33.44 -32.02 -29.50
C PRO E 84 -33.21 -33.52 -29.42
N PRO E 85 -34.11 -34.30 -30.03
CA PRO E 85 -33.97 -35.76 -30.02
C PRO E 85 -32.87 -36.17 -31.00
N VAL E 86 -32.30 -37.35 -30.84
CA VAL E 86 -31.24 -37.80 -31.74
C VAL E 86 -31.52 -39.11 -32.44
N PRO E 87 -31.21 -39.19 -33.75
CA PRO E 87 -31.43 -40.41 -34.52
C PRO E 87 -30.88 -41.65 -33.81
N GLU E 88 -31.76 -42.63 -33.58
CA GLU E 88 -31.42 -43.86 -32.89
C GLU E 88 -30.18 -44.55 -33.46
N GLU E 89 -29.85 -44.26 -34.70
CA GLU E 89 -28.68 -44.90 -35.31
C GLU E 89 -27.38 -44.31 -34.77
N TRP E 90 -27.49 -43.15 -34.14
CA TRP E 90 -26.33 -42.47 -33.59
C TRP E 90 -26.00 -42.86 -32.14
N TRP E 91 -26.95 -43.48 -31.45
CA TRP E 91 -26.80 -43.87 -30.04
C TRP E 91 -25.54 -44.61 -29.66
N ASP E 92 -25.23 -45.71 -30.34
CA ASP E 92 -24.03 -46.50 -30.02
C ASP E 92 -22.71 -45.78 -30.25
N ILE E 93 -22.64 -45.02 -31.34
CA ILE E 93 -21.42 -44.29 -31.66
C ILE E 93 -21.20 -43.19 -30.59
N ILE E 94 -22.27 -42.49 -30.23
CA ILE E 94 -22.21 -41.42 -29.22
C ILE E 94 -21.72 -41.92 -27.86
N ARG E 95 -22.32 -43.00 -27.36
CA ARG E 95 -21.94 -43.58 -26.09
C ARG E 95 -20.52 -44.16 -26.07
N GLU E 96 -20.06 -44.61 -27.23
CA GLU E 96 -18.73 -45.20 -27.35
C GLU E 96 -17.63 -44.16 -27.32
N SER E 97 -17.91 -43.02 -27.95
CA SER E 97 -16.90 -41.96 -28.06
C SER E 97 -17.10 -40.71 -27.19
N MET E 98 -18.22 -40.62 -26.47
CA MET E 98 -18.47 -39.45 -25.63
C MET E 98 -17.38 -39.25 -24.58
N PRO E 99 -16.71 -38.07 -24.60
CA PRO E 99 -15.63 -37.64 -23.69
C PRO E 99 -16.08 -37.68 -22.22
N ALA E 100 -15.34 -38.38 -21.39
CA ALA E 100 -15.69 -38.48 -19.97
C ALA E 100 -15.84 -37.13 -19.28
N TYR E 101 -16.44 -37.17 -18.09
CA TYR E 101 -16.61 -35.98 -17.29
C TYR E 101 -15.36 -35.78 -16.43
N ASN E 102 -15.00 -34.52 -16.24
CA ASN E 102 -13.84 -34.13 -15.45
C ASN E 102 -14.17 -32.74 -14.92
N SER E 103 -14.36 -32.66 -13.59
CA SER E 103 -14.70 -31.40 -12.92
C SER E 103 -13.91 -30.19 -13.43
N ASN E 104 -12.65 -30.43 -13.75
CA ASN E 104 -11.74 -29.39 -14.24
C ASN E 104 -12.15 -28.73 -15.55
N TYR E 105 -12.80 -29.46 -16.46
CA TYR E 105 -13.18 -28.81 -17.71
C TYR E 105 -14.53 -29.12 -18.36
N THR E 106 -15.27 -30.09 -17.85
CA THR E 106 -16.56 -30.38 -18.46
C THR E 106 -17.48 -29.17 -18.29
N PRO E 107 -17.83 -28.51 -19.40
CA PRO E 107 -18.70 -27.34 -19.38
C PRO E 107 -20.08 -27.61 -18.81
N THR E 108 -20.74 -26.55 -18.37
CA THR E 108 -22.08 -26.64 -17.80
C THR E 108 -23.14 -26.51 -18.88
N THR E 109 -24.30 -27.10 -18.62
CA THR E 109 -25.42 -27.07 -19.56
C THR E 109 -25.82 -25.62 -19.77
N ARG E 110 -26.15 -25.27 -21.01
CA ARG E 110 -26.53 -23.92 -21.38
C ARG E 110 -27.44 -23.16 -20.41
N GLY E 111 -28.25 -23.88 -19.67
CA GLY E 111 -29.16 -23.21 -18.74
C GLY E 111 -28.56 -22.66 -17.46
N MET E 112 -27.37 -23.14 -17.10
CA MET E 112 -26.72 -22.70 -15.87
C MET E 112 -26.34 -21.23 -15.83
N GLY E 113 -26.17 -20.63 -17.00
CA GLY E 113 -25.84 -19.22 -17.06
C GLY E 113 -24.37 -18.87 -16.91
N GLN E 114 -23.97 -17.78 -17.57
CA GLN E 114 -22.59 -17.29 -17.58
C GLN E 114 -21.91 -17.18 -16.22
N ILE E 115 -22.67 -16.79 -15.21
CA ILE E 115 -22.07 -16.64 -13.90
C ILE E 115 -21.57 -17.98 -13.33
N VAL E 116 -22.28 -19.07 -13.59
CA VAL E 116 -21.85 -20.37 -13.08
C VAL E 116 -20.77 -20.93 -13.98
N GLU E 117 -20.80 -20.55 -15.25
CA GLU E 117 -19.83 -21.03 -16.22
C GLU E 117 -18.46 -20.43 -15.95
N LEU E 118 -18.45 -19.27 -15.29
CA LEU E 118 -17.22 -18.58 -14.97
C LEU E 118 -16.76 -19.01 -13.58
N PHE E 119 -17.66 -18.81 -12.61
CA PHE E 119 -17.41 -19.14 -11.21
C PHE E 119 -16.72 -20.48 -11.03
N ARG E 120 -17.09 -21.48 -11.82
CA ARG E 120 -16.47 -22.81 -11.71
C ARG E 120 -14.97 -22.75 -12.03
N SER E 121 -14.61 -21.96 -13.05
CA SER E 121 -13.19 -21.83 -13.40
C SER E 121 -12.63 -20.55 -12.79
N TYR E 122 -13.10 -20.23 -11.59
CA TYR E 122 -12.67 -19.05 -10.85
C TYR E 122 -11.79 -19.51 -9.67
N PRO E 123 -10.87 -18.64 -9.21
CA PRO E 123 -9.98 -19.00 -8.11
C PRO E 123 -10.65 -19.51 -6.83
N GLU E 124 -10.10 -20.60 -6.29
CA GLU E 124 -10.57 -21.22 -5.06
C GLU E 124 -11.93 -21.92 -5.13
N VAL E 125 -12.54 -21.93 -6.30
CA VAL E 125 -13.84 -22.59 -6.44
C VAL E 125 -13.67 -24.07 -6.74
N LYS E 126 -14.26 -24.90 -5.88
CA LYS E 126 -14.19 -26.34 -6.03
C LYS E 126 -15.47 -26.87 -6.69
N ARG E 127 -15.37 -28.02 -7.36
CA ARG E 127 -16.50 -28.65 -8.04
C ARG E 127 -16.59 -30.11 -7.63
N SER E 128 -17.79 -30.56 -7.23
CA SER E 128 -17.98 -31.95 -6.83
C SER E 128 -17.79 -32.88 -8.04
N ASN E 129 -17.65 -34.19 -7.79
CA ASN E 129 -17.41 -35.11 -8.88
C ASN E 129 -18.54 -35.88 -9.57
N HIS E 130 -19.77 -35.37 -9.52
CA HIS E 130 -20.86 -36.05 -10.22
C HIS E 130 -20.87 -35.53 -11.66
N PRO E 131 -20.81 -36.46 -12.65
CA PRO E 131 -20.80 -36.15 -14.09
C PRO E 131 -22.02 -35.43 -14.65
N ASN E 132 -23.13 -35.48 -13.93
CA ASN E 132 -24.33 -34.79 -14.40
C ASN E 132 -24.81 -33.71 -13.45
N TYR E 133 -24.74 -34.02 -12.16
CA TYR E 133 -25.22 -33.11 -11.14
C TYR E 133 -24.19 -32.57 -10.19
N SER E 134 -23.15 -31.95 -10.72
CA SER E 134 -22.11 -31.38 -9.88
C SER E 134 -22.51 -30.00 -9.35
N PHE E 135 -21.78 -29.52 -8.36
CA PHE E 135 -21.99 -28.22 -7.78
C PHE E 135 -20.60 -27.58 -7.64
N VAL E 136 -20.54 -26.26 -7.68
CA VAL E 136 -19.27 -25.58 -7.46
C VAL E 136 -19.46 -24.78 -6.17
N ALA E 137 -18.39 -24.60 -5.42
CA ALA E 137 -18.50 -23.84 -4.17
C ALA E 137 -17.22 -23.17 -3.71
N TRP E 138 -17.37 -21.93 -3.25
CA TRP E 138 -16.28 -21.14 -2.73
C TRP E 138 -16.64 -21.03 -1.24
N GLY E 139 -15.75 -20.50 -0.42
CA GLY E 139 -16.08 -20.37 0.99
C GLY E 139 -15.41 -21.40 1.87
N LYS E 140 -15.65 -21.31 3.17
CA LYS E 140 -15.03 -22.20 4.14
C LYS E 140 -15.51 -23.66 4.19
N HIS E 141 -16.80 -23.87 3.97
CA HIS E 141 -17.34 -25.22 4.02
C HIS E 141 -17.45 -25.90 2.67
N LYS E 142 -16.69 -25.44 1.68
CA LYS E 142 -16.77 -26.05 0.36
C LYS E 142 -16.41 -27.52 0.36
N ASN E 143 -15.52 -27.93 1.26
CA ASN E 143 -15.11 -29.34 1.33
C ASN E 143 -16.16 -30.26 1.93
N LYS E 144 -16.54 -30.03 3.19
CA LYS E 144 -17.54 -30.87 3.84
C LYS E 144 -18.77 -31.00 2.93
N ILE E 145 -19.03 -29.95 2.15
CA ILE E 145 -20.17 -29.93 1.24
C ILE E 145 -19.98 -30.70 -0.08
N LEU E 146 -18.85 -30.50 -0.74
CA LEU E 146 -18.60 -31.16 -2.02
C LEU E 146 -17.76 -32.42 -1.93
N ASN E 147 -17.06 -32.60 -0.81
CA ASN E 147 -16.19 -33.76 -0.62
C ASN E 147 -16.75 -35.04 -1.22
N GLN E 148 -17.82 -35.59 -0.65
CA GLN E 148 -18.42 -36.80 -1.18
C GLN E 148 -19.66 -36.50 -2.04
N HIS E 149 -19.77 -37.17 -3.18
CA HIS E 149 -20.91 -36.97 -4.09
C HIS E 149 -21.18 -38.21 -4.95
N PRO E 150 -21.73 -39.27 -4.34
CA PRO E 150 -22.02 -40.51 -5.05
C PRO E 150 -22.71 -40.33 -6.37
N LEU E 151 -22.36 -41.18 -7.33
CA LEU E 151 -22.94 -41.14 -8.67
C LEU E 151 -24.44 -41.35 -8.56
N GLU E 152 -24.82 -42.37 -7.79
CA GLU E 152 -26.22 -42.74 -7.57
C GLU E 152 -26.99 -41.71 -6.74
N PHE E 153 -28.14 -41.31 -7.27
CA PHE E 153 -29.00 -40.32 -6.62
C PHE E 153 -28.13 -39.09 -6.43
N GLY E 154 -27.69 -38.58 -7.57
CA GLY E 154 -26.85 -37.40 -7.64
C GLY E 154 -27.32 -36.19 -6.88
N LEU E 155 -28.63 -36.12 -6.66
CA LEU E 155 -29.20 -35.02 -5.89
C LEU E 155 -29.80 -35.72 -4.67
N GLY E 156 -30.57 -35.04 -3.85
CA GLY E 156 -31.11 -35.77 -2.70
C GLY E 156 -30.04 -36.28 -1.73
N GLU E 157 -30.47 -37.04 -0.71
CA GLU E 157 -29.59 -37.56 0.32
C GLU E 157 -28.20 -37.90 -0.23
N GLN E 158 -27.16 -37.63 0.57
CA GLN E 158 -25.77 -37.91 0.19
C GLN E 158 -25.12 -36.95 -0.82
N SER E 159 -25.95 -36.20 -1.55
CA SER E 159 -25.43 -35.24 -2.52
C SER E 159 -25.17 -33.92 -1.78
N PRO E 160 -24.60 -32.91 -2.46
CA PRO E 160 -24.34 -31.65 -1.78
C PRO E 160 -25.59 -31.05 -1.12
N LEU E 161 -26.77 -31.30 -1.68
CA LEU E 161 -28.01 -30.79 -1.12
C LEU E 161 -28.24 -31.40 0.25
N GLY E 162 -27.67 -32.58 0.46
CA GLY E 162 -27.79 -33.26 1.74
C GLY E 162 -27.04 -32.47 2.80
N LYS E 163 -25.88 -31.94 2.43
CA LYS E 163 -25.05 -31.16 3.32
C LYS E 163 -25.70 -29.81 3.60
N LEU E 164 -26.18 -29.18 2.52
CA LEU E 164 -26.84 -27.87 2.60
C LEU E 164 -28.12 -27.87 3.43
N TYR E 165 -28.81 -29.00 3.46
CA TYR E 165 -30.05 -29.09 4.21
C TYR E 165 -29.88 -29.25 5.73
N ILE E 166 -28.98 -30.14 6.13
CA ILE E 166 -28.72 -30.41 7.55
C ILE E 166 -28.15 -29.22 8.30
N ARG E 167 -27.37 -28.40 7.61
CA ARG E 167 -26.77 -27.21 8.19
C ARG E 167 -27.43 -25.98 7.58
N GLU E 168 -27.92 -25.11 8.46
CA GLU E 168 -28.59 -23.89 8.05
C GLU E 168 -28.05 -23.29 6.77
N SER E 169 -28.87 -23.29 5.73
CA SER E 169 -28.45 -22.76 4.45
C SER E 169 -29.44 -21.80 3.86
N TYR E 170 -29.05 -21.17 2.76
CA TYR E 170 -29.91 -20.23 2.09
C TYR E 170 -29.85 -20.26 0.59
N VAL E 171 -31.00 -20.04 -0.01
CA VAL E 171 -31.10 -20.01 -1.44
C VAL E 171 -31.26 -18.55 -1.84
N LEU E 172 -30.55 -18.17 -2.88
CA LEU E 172 -30.60 -16.79 -3.37
C LEU E 172 -30.96 -16.77 -4.82
N LEU E 173 -32.16 -16.31 -5.14
CA LEU E 173 -32.55 -16.22 -6.53
C LEU E 173 -32.16 -14.82 -6.96
N LEU E 174 -31.21 -14.74 -7.88
CA LEU E 174 -30.70 -13.47 -8.38
C LEU E 174 -31.05 -13.28 -9.86
N GLY E 175 -32.29 -12.86 -10.10
CA GLY E 175 -32.76 -12.63 -11.44
C GLY E 175 -33.22 -13.96 -12.01
N ALA E 176 -33.37 -14.94 -11.13
CA ALA E 176 -33.79 -16.29 -11.52
C ALA E 176 -35.06 -16.65 -10.79
N ASP E 177 -35.98 -17.34 -11.48
CA ASP E 177 -37.22 -17.72 -10.84
C ASP E 177 -37.11 -19.07 -10.16
N PHE E 178 -38.21 -19.51 -9.57
CA PHE E 178 -38.24 -20.77 -8.87
C PHE E 178 -38.03 -22.03 -9.70
N ASP E 179 -38.09 -21.89 -11.01
CA ASP E 179 -37.89 -23.05 -11.87
C ASP E 179 -36.41 -23.44 -11.86
N SER E 180 -35.59 -22.59 -11.27
CA SER E 180 -34.15 -22.84 -11.21
C SER E 180 -33.74 -23.33 -9.81
N SER E 181 -34.69 -23.39 -8.88
CA SER E 181 -34.40 -23.78 -7.51
C SER E 181 -34.09 -25.25 -7.23
N THR E 182 -32.89 -25.66 -7.63
CA THR E 182 -32.43 -27.02 -7.46
C THR E 182 -32.76 -27.67 -6.13
N CYS E 183 -32.67 -26.92 -5.03
CA CYS E 183 -32.94 -27.49 -3.70
C CYS E 183 -34.20 -28.36 -3.63
N PHE E 184 -35.19 -28.04 -4.45
CA PHE E 184 -36.45 -28.80 -4.46
C PHE E 184 -36.21 -30.25 -4.85
N HIS E 185 -35.16 -30.47 -5.63
CA HIS E 185 -34.78 -31.81 -6.07
C HIS E 185 -34.65 -32.79 -4.90
N LEU E 186 -34.11 -32.31 -3.77
CA LEU E 186 -33.94 -33.15 -2.59
C LEU E 186 -35.26 -33.65 -2.05
N ALA E 187 -36.32 -32.86 -2.19
CA ALA E 187 -37.63 -33.28 -1.69
C ALA E 187 -38.14 -34.50 -2.48
N GLU E 188 -37.74 -34.60 -3.75
CA GLU E 188 -38.15 -35.70 -4.62
C GLU E 188 -37.68 -37.09 -4.13
N TYR E 189 -36.64 -37.10 -3.30
CA TYR E 189 -36.13 -38.35 -2.75
C TYR E 189 -36.79 -38.61 -1.38
N ARG E 190 -37.71 -37.75 -0.98
CA ARG E 190 -38.36 -37.90 0.32
C ARG E 190 -39.87 -38.02 0.28
N ILE E 191 -40.38 -38.51 -0.85
CA ILE E 191 -41.82 -38.69 -1.01
C ILE E 191 -42.18 -40.09 -1.53
N PRO E 192 -43.47 -40.45 -1.45
CA PRO E 192 -43.85 -41.76 -1.94
C PRO E 192 -43.77 -41.89 -3.46
N TYR E 193 -43.99 -40.80 -4.18
CA TYR E 193 -43.92 -40.84 -5.64
C TYR E 193 -42.46 -40.91 -6.05
N GLN E 194 -42.15 -41.79 -6.99
CA GLN E 194 -40.77 -41.91 -7.43
C GLN E 194 -40.56 -42.85 -8.61
N LYS E 195 -39.95 -42.33 -9.66
CA LYS E 195 -39.62 -43.12 -10.82
C LYS E 195 -38.13 -43.48 -10.77
N ILE E 196 -37.79 -44.66 -10.26
CA ILE E 196 -36.38 -45.07 -10.21
C ILE E 196 -36.00 -45.51 -11.63
N ILE E 197 -35.02 -44.84 -12.21
CA ILE E 197 -34.60 -45.15 -13.56
C ILE E 197 -33.12 -45.44 -13.66
N ASN E 198 -32.69 -46.02 -14.77
CA ASN E 198 -31.28 -46.34 -14.98
C ASN E 198 -30.61 -45.33 -15.91
N ARG E 199 -29.50 -44.75 -15.45
CA ARG E 199 -28.77 -43.78 -16.24
C ARG E 199 -27.33 -44.25 -16.49
N GLY E 200 -26.69 -43.64 -17.48
CA GLY E 200 -25.31 -43.96 -17.79
C GLY E 200 -24.52 -42.70 -18.10
N ALA E 201 -23.22 -42.72 -17.82
CA ALA E 201 -22.36 -41.56 -18.07
C ALA E 201 -20.87 -41.94 -18.13
N PRO E 202 -20.08 -41.25 -18.98
CA PRO E 202 -18.65 -41.54 -19.14
C PRO E 202 -17.89 -41.07 -17.89
N ILE E 203 -17.32 -42.02 -17.18
CA ILE E 203 -16.60 -41.71 -15.95
C ILE E 203 -15.18 -42.29 -15.90
N ILE E 204 -14.30 -41.56 -15.24
CA ILE E 204 -12.93 -41.98 -15.09
C ILE E 204 -12.76 -42.60 -13.71
N VAL E 205 -12.71 -43.92 -13.69
CA VAL E 205 -12.54 -44.68 -12.46
C VAL E 205 -11.08 -45.10 -12.29
N GLU E 206 -10.46 -44.64 -11.20
CA GLU E 206 -9.07 -44.93 -10.86
C GLU E 206 -8.16 -45.37 -12.00
N GLY E 207 -8.23 -44.67 -13.14
CA GLY E 207 -7.38 -45.04 -14.26
C GLY E 207 -7.99 -44.90 -15.65
N LYS E 208 -8.86 -45.84 -16.00
CA LYS E 208 -9.48 -45.83 -17.31
C LYS E 208 -10.83 -45.16 -17.36
N ARG E 209 -11.34 -45.01 -18.58
CA ARG E 209 -12.63 -44.42 -18.83
C ARG E 209 -13.62 -45.56 -19.00
N VAL E 210 -14.75 -45.46 -18.32
CA VAL E 210 -15.77 -46.49 -18.42
C VAL E 210 -17.15 -45.86 -18.46
N TRP E 211 -18.07 -46.54 -19.11
CA TRP E 211 -19.44 -46.03 -19.16
C TRP E 211 -20.13 -46.70 -17.99
N LYS E 212 -20.39 -45.92 -16.95
CA LYS E 212 -21.03 -46.44 -15.74
C LYS E 212 -22.52 -46.17 -15.74
N GLU E 213 -23.29 -47.18 -15.33
CA GLU E 213 -24.72 -47.02 -15.25
C GLU E 213 -25.06 -46.90 -13.77
N TYR E 214 -26.12 -46.16 -13.47
CA TYR E 214 -26.50 -45.98 -12.09
C TYR E 214 -27.98 -45.62 -11.93
N LYS E 215 -28.51 -45.94 -10.76
CA LYS E 215 -29.91 -45.72 -10.43
C LYS E 215 -30.13 -44.24 -10.14
N GLU E 216 -31.18 -43.68 -10.74
CA GLU E 216 -31.50 -42.27 -10.53
C GLU E 216 -33.01 -42.05 -10.71
N LEU E 217 -33.50 -41.00 -10.08
CA LEU E 217 -34.91 -40.66 -10.17
C LEU E 217 -35.14 -39.81 -11.39
N GLU E 218 -36.37 -39.82 -11.88
CA GLU E 218 -36.74 -38.99 -13.01
C GLU E 218 -37.37 -37.79 -12.30
N PHE E 219 -36.74 -36.63 -12.41
CA PHE E 219 -37.23 -35.42 -11.75
C PHE E 219 -38.39 -34.75 -12.47
N ARG E 220 -39.23 -34.09 -11.69
CA ARG E 220 -40.39 -33.34 -12.20
C ARG E 220 -40.09 -31.87 -11.90
N GLU E 221 -39.06 -31.33 -12.53
CA GLU E 221 -38.67 -29.93 -12.30
C GLU E 221 -39.55 -28.88 -12.98
N GLU E 222 -40.61 -29.31 -13.65
CA GLU E 222 -41.52 -28.37 -14.32
C GLU E 222 -42.61 -27.95 -13.33
N LEU E 223 -42.51 -28.50 -12.13
CA LEU E 223 -43.43 -28.21 -11.05
C LEU E 223 -42.75 -27.22 -10.10
N PHE E 224 -41.43 -27.14 -10.19
CA PHE E 224 -40.64 -26.25 -9.34
C PHE E 224 -41.14 -24.81 -9.25
N GLN E 225 -41.62 -24.25 -10.36
CA GLN E 225 -42.10 -22.89 -10.32
C GLN E 225 -43.35 -22.74 -9.45
N GLU E 226 -44.24 -23.72 -9.54
CA GLU E 226 -45.47 -23.73 -8.76
C GLU E 226 -45.23 -24.02 -7.27
N VAL E 227 -44.23 -24.84 -6.98
CA VAL E 227 -43.93 -25.18 -5.60
C VAL E 227 -43.38 -23.96 -4.89
N GLY E 228 -42.50 -23.24 -5.56
CA GLY E 228 -41.94 -22.05 -4.97
C GLY E 228 -43.05 -21.05 -4.67
N GLN E 229 -43.89 -20.81 -5.66
CA GLN E 229 -45.00 -19.88 -5.48
C GLN E 229 -45.94 -20.32 -4.36
N ALA E 230 -45.98 -21.62 -4.05
CA ALA E 230 -46.82 -22.13 -2.98
C ALA E 230 -46.17 -21.83 -1.63
N PHE E 231 -44.87 -22.08 -1.58
CA PHE E 231 -44.05 -21.84 -0.42
C PHE E 231 -44.24 -20.38 0.06
N GLU E 232 -44.28 -19.48 -0.91
CA GLU E 232 -44.45 -18.04 -0.66
C GLU E 232 -45.68 -17.59 0.11
N ALA E 233 -46.69 -18.45 0.19
CA ALA E 233 -47.91 -18.09 0.88
C ALA E 233 -47.75 -17.94 2.38
N GLU E 234 -47.12 -18.91 3.02
CA GLU E 234 -46.99 -18.86 4.46
C GLU E 234 -45.59 -18.84 5.06
N HIS E 235 -44.57 -18.89 4.20
CA HIS E 235 -43.20 -18.90 4.69
C HIS E 235 -42.39 -17.67 4.34
N ASN E 236 -41.48 -17.32 5.25
CA ASN E 236 -40.62 -16.15 5.09
C ASN E 236 -39.80 -16.12 3.83
N MET E 237 -39.70 -14.93 3.25
CA MET E 237 -39.00 -14.74 2.01
C MET E 237 -38.52 -13.30 1.80
N LYS E 238 -37.25 -13.05 2.04
CA LYS E 238 -36.71 -11.71 1.84
C LYS E 238 -36.85 -11.47 0.35
N VAL E 239 -37.13 -10.24 -0.03
CA VAL E 239 -37.27 -9.88 -1.42
C VAL E 239 -36.64 -8.51 -1.61
N GLY E 240 -36.21 -8.23 -2.83
CA GLY E 240 -35.59 -6.95 -3.11
C GLY E 240 -34.89 -6.97 -4.44
N LYS E 241 -34.30 -5.84 -4.80
CA LYS E 241 -33.59 -5.74 -6.05
C LYS E 241 -32.08 -5.73 -5.86
N VAL E 242 -31.40 -6.20 -6.90
CA VAL E 242 -29.95 -6.22 -6.97
C VAL E 242 -29.78 -5.79 -8.42
N GLY E 243 -29.57 -4.50 -8.61
CA GLY E 243 -29.47 -3.94 -9.94
C GLY E 243 -30.92 -3.92 -10.34
N SER E 244 -31.25 -4.47 -11.50
CA SER E 244 -32.66 -4.51 -11.92
C SER E 244 -33.10 -5.98 -11.99
N ALA E 245 -32.79 -6.72 -10.93
CA ALA E 245 -33.14 -8.14 -10.84
C ALA E 245 -34.01 -8.42 -9.64
N ASN E 246 -35.16 -9.03 -9.88
CA ASN E 246 -36.07 -9.35 -8.77
C ASN E 246 -35.43 -10.51 -8.04
N CYS E 247 -35.02 -10.26 -6.80
CA CYS E 247 -34.34 -11.29 -6.03
C CYS E 247 -35.12 -11.79 -4.83
N ARG E 248 -34.84 -13.03 -4.46
CA ARG E 248 -35.50 -13.64 -3.32
C ARG E 248 -34.42 -14.36 -2.51
N LEU E 249 -34.52 -14.28 -1.19
CA LEU E 249 -33.56 -14.93 -0.29
C LEU E 249 -34.35 -15.72 0.74
N PHE E 250 -34.11 -17.02 0.82
CA PHE E 250 -34.81 -17.86 1.76
C PHE E 250 -34.03 -19.07 2.24
N SER E 251 -34.51 -19.65 3.34
CA SER E 251 -33.92 -20.82 3.96
C SER E 251 -34.14 -22.07 3.09
N LEU E 252 -33.08 -22.84 2.92
CA LEU E 252 -33.16 -24.04 2.10
C LEU E 252 -33.86 -25.17 2.81
N THR E 253 -33.54 -25.38 4.08
CA THR E 253 -34.16 -26.44 4.83
C THR E 253 -35.68 -26.26 4.83
N GLU E 254 -36.12 -25.03 5.08
CA GLU E 254 -37.55 -24.74 5.11
C GLU E 254 -38.20 -25.11 3.76
N ALA E 255 -37.54 -24.73 2.67
CA ALA E 255 -38.00 -24.96 1.31
C ALA E 255 -38.10 -26.42 0.88
N VAL E 256 -37.08 -27.21 1.20
CA VAL E 256 -37.10 -28.64 0.85
C VAL E 256 -38.21 -29.27 1.68
N ASP E 257 -38.36 -28.78 2.89
CA ASP E 257 -39.36 -29.27 3.82
C ASP E 257 -40.78 -28.97 3.38
N PHE E 258 -40.94 -27.87 2.65
CA PHE E 258 -42.26 -27.49 2.17
C PHE E 258 -42.49 -28.20 0.85
N ALA E 259 -41.43 -28.35 0.05
CA ALA E 259 -41.56 -29.03 -1.23
C ALA E 259 -42.01 -30.47 -0.97
N GLU E 260 -41.46 -31.06 0.07
CA GLU E 260 -41.83 -32.42 0.42
C GLU E 260 -43.35 -32.52 0.66
N LYS E 261 -43.87 -31.67 1.53
CA LYS E 261 -45.30 -31.68 1.87
C LYS E 261 -46.24 -31.38 0.70
N TRP E 262 -45.78 -30.55 -0.21
CA TRP E 262 -46.56 -30.18 -1.37
C TRP E 262 -46.63 -31.38 -2.31
N PHE E 263 -45.49 -32.06 -2.47
CA PHE E 263 -45.39 -33.22 -3.33
C PHE E 263 -46.22 -34.39 -2.80
N ILE E 264 -46.02 -34.68 -1.52
CA ILE E 264 -46.71 -35.79 -0.86
C ILE E 264 -48.21 -35.67 -0.97
N ASN E 265 -48.73 -34.48 -0.73
CA ASN E 265 -50.18 -34.29 -0.76
C ASN E 265 -50.79 -34.05 -2.13
N ASN E 266 -50.02 -33.52 -3.08
CA ASN E 266 -50.56 -33.32 -4.41
C ASN E 266 -50.61 -34.64 -5.16
N ASP E 267 -49.56 -35.45 -5.02
CA ASP E 267 -49.53 -36.73 -5.67
C ASP E 267 -50.58 -37.65 -5.10
N SER E 268 -50.88 -37.46 -3.81
CA SER E 268 -51.85 -38.31 -3.13
C SER E 268 -53.31 -37.84 -3.11
N LYS E 269 -53.51 -36.52 -3.10
CA LYS E 269 -54.85 -36.00 -3.04
C LYS E 269 -55.32 -35.48 -4.38
N ASN E 270 -54.39 -35.23 -5.30
CA ASN E 270 -54.81 -34.76 -6.63
C ASN E 270 -55.35 -35.87 -7.56
N ILE E 271 -56.15 -35.45 -8.54
CA ILE E 271 -56.74 -36.37 -9.52
C ILE E 271 -55.90 -36.37 -10.80
N ARG F 13 -20.41 -35.95 -35.60
CA ARG F 13 -18.96 -35.64 -35.55
C ARG F 13 -18.40 -36.10 -34.21
N THR F 14 -17.23 -36.71 -34.23
CA THR F 14 -16.61 -37.19 -33.00
C THR F 14 -15.18 -36.74 -32.89
N LYS F 15 -14.60 -36.95 -31.71
CA LYS F 15 -13.20 -36.62 -31.47
C LYS F 15 -12.43 -37.32 -32.59
N GLN F 16 -12.81 -38.57 -32.86
CA GLN F 16 -12.17 -39.36 -33.90
C GLN F 16 -12.44 -38.74 -35.28
N SER F 17 -13.68 -38.41 -35.55
CA SER F 17 -14.05 -37.80 -36.82
C SER F 17 -13.29 -36.50 -37.05
N ILE F 18 -13.20 -35.70 -36.00
CA ILE F 18 -12.51 -34.42 -36.05
C ILE F 18 -11.01 -34.62 -36.28
N THR F 19 -10.39 -35.42 -35.42
CA THR F 19 -8.97 -35.72 -35.50
C THR F 19 -8.55 -36.10 -36.92
N GLU F 20 -9.22 -37.10 -37.48
CA GLU F 20 -8.89 -37.55 -38.83
C GLU F 20 -9.13 -36.47 -39.87
N ASP F 21 -10.22 -35.70 -39.71
CA ASP F 21 -10.53 -34.64 -40.66
C ASP F 21 -9.43 -33.58 -40.67
N LEU F 22 -8.79 -33.41 -39.52
CA LEU F 22 -7.70 -32.44 -39.37
C LEU F 22 -6.39 -32.96 -39.95
N LYS F 23 -6.04 -34.21 -39.64
CA LYS F 23 -4.81 -34.83 -40.15
C LYS F 23 -4.85 -34.85 -41.68
N ALA F 24 -6.06 -34.98 -42.21
CA ALA F 24 -6.30 -35.01 -43.66
C ALA F 24 -6.00 -33.62 -44.19
N LEU F 25 -6.61 -32.65 -43.53
CA LEU F 25 -6.46 -31.24 -43.86
C LEU F 25 -4.99 -30.83 -43.86
N GLY F 26 -4.21 -31.39 -42.93
CA GLY F 26 -2.80 -31.07 -42.86
C GLY F 26 -2.21 -30.88 -41.46
N LEU F 27 -3.04 -30.80 -40.44
CA LEU F 27 -2.49 -30.61 -39.11
C LEU F 27 -1.55 -31.76 -38.78
N LYS F 28 -0.33 -31.46 -38.33
CA LYS F 28 0.64 -32.47 -37.99
C LYS F 28 1.23 -32.35 -36.59
N LYS F 29 1.76 -33.46 -36.10
CA LYS F 29 2.39 -33.55 -34.78
C LYS F 29 3.49 -32.49 -34.70
N GLY F 30 3.83 -32.07 -33.48
CA GLY F 30 4.88 -31.07 -33.31
C GLY F 30 4.62 -29.71 -33.95
N MET F 31 3.71 -29.66 -34.92
CA MET F 31 3.37 -28.42 -35.61
C MET F 31 2.76 -27.37 -34.68
N THR F 32 3.39 -26.20 -34.59
CA THR F 32 2.87 -25.10 -33.76
C THR F 32 1.82 -24.34 -34.58
N VAL F 33 0.63 -24.15 -34.00
CA VAL F 33 -0.47 -23.50 -34.72
C VAL F 33 -1.32 -22.46 -33.98
N LEU F 34 -2.02 -21.65 -34.77
CA LEU F 34 -2.93 -20.62 -34.27
C LEU F 34 -4.31 -21.04 -34.73
N VAL F 35 -5.27 -21.11 -33.81
CA VAL F 35 -6.61 -21.55 -34.16
C VAL F 35 -7.76 -20.56 -34.05
N HIS F 36 -8.51 -20.45 -35.13
CA HIS F 36 -9.68 -19.58 -35.19
C HIS F 36 -10.89 -20.47 -35.41
N SER F 37 -11.56 -20.82 -34.32
CA SER F 37 -12.71 -21.72 -34.38
C SER F 37 -14.12 -21.16 -34.22
N SER F 38 -15.07 -22.01 -34.58
CA SER F 38 -16.51 -21.79 -34.51
C SER F 38 -17.10 -23.19 -34.36
N LEU F 39 -17.50 -23.52 -33.13
CA LEU F 39 -18.07 -24.83 -32.84
C LEU F 39 -19.31 -25.18 -33.66
N SER F 40 -20.13 -24.18 -33.96
CA SER F 40 -21.35 -24.42 -34.73
C SER F 40 -21.12 -24.95 -36.14
N SER F 41 -20.33 -24.24 -36.93
CA SER F 41 -20.07 -24.61 -38.33
C SER F 41 -19.73 -26.08 -38.58
N ILE F 42 -19.20 -26.77 -37.57
CA ILE F 42 -18.83 -28.18 -37.71
C ILE F 42 -20.05 -29.12 -37.69
N GLY F 43 -21.15 -28.65 -37.11
CA GLY F 43 -22.33 -29.50 -37.01
C GLY F 43 -22.30 -30.16 -35.64
N TRP F 44 -23.36 -30.88 -35.31
CA TRP F 44 -23.41 -31.53 -34.01
C TRP F 44 -22.17 -32.41 -33.77
N VAL F 45 -21.50 -32.16 -32.65
CA VAL F 45 -20.30 -32.92 -32.27
C VAL F 45 -20.44 -33.54 -30.89
N ASN F 46 -20.14 -34.83 -30.79
CA ASN F 46 -20.23 -35.56 -29.52
C ASN F 46 -19.21 -35.07 -28.49
N GLY F 47 -19.72 -34.32 -27.51
CA GLY F 47 -18.89 -33.76 -26.48
C GLY F 47 -18.56 -32.33 -26.83
N GLY F 48 -19.37 -31.75 -27.72
CA GLY F 48 -19.19 -30.37 -28.14
C GLY F 48 -17.75 -29.91 -28.20
N ALA F 49 -17.51 -28.68 -27.78
CA ALA F 49 -16.19 -28.07 -27.78
C ALA F 49 -15.05 -28.92 -27.20
N VAL F 50 -15.26 -29.51 -26.03
CA VAL F 50 -14.22 -30.31 -25.42
C VAL F 50 -13.66 -31.36 -26.40
N ALA F 51 -14.51 -31.96 -27.21
CA ALA F 51 -14.06 -32.96 -28.18
C ALA F 51 -13.16 -32.35 -29.23
N VAL F 52 -13.44 -31.11 -29.61
CA VAL F 52 -12.63 -30.42 -30.61
C VAL F 52 -11.25 -30.14 -30.04
N ILE F 53 -11.19 -29.59 -28.83
CA ILE F 53 -9.92 -29.28 -28.18
C ILE F 53 -9.06 -30.54 -28.01
N GLN F 54 -9.68 -31.63 -27.57
CA GLN F 54 -8.96 -32.88 -27.36
C GLN F 54 -8.37 -33.41 -28.67
N ALA F 55 -9.12 -33.21 -29.75
CA ALA F 55 -8.71 -33.63 -31.10
C ALA F 55 -7.45 -32.89 -31.54
N LEU F 56 -7.50 -31.56 -31.45
CA LEU F 56 -6.36 -30.72 -31.82
C LEU F 56 -5.12 -31.14 -31.04
N ILE F 57 -5.34 -31.50 -29.77
CA ILE F 57 -4.28 -31.96 -28.90
C ILE F 57 -3.76 -33.31 -29.38
N ASP F 58 -4.66 -34.15 -29.89
CA ASP F 58 -4.27 -35.46 -30.38
C ASP F 58 -3.44 -35.45 -31.66
N VAL F 59 -3.81 -34.58 -32.60
CA VAL F 59 -3.07 -34.46 -33.85
C VAL F 59 -1.70 -33.87 -33.57
N VAL F 60 -1.71 -32.64 -33.07
CA VAL F 60 -0.50 -31.90 -32.76
C VAL F 60 0.40 -32.50 -31.68
N THR F 61 -0.18 -33.17 -30.68
CA THR F 61 0.58 -33.81 -29.60
C THR F 61 1.40 -32.80 -28.77
N GLU F 62 1.87 -33.23 -27.60
CA GLU F 62 2.65 -32.33 -26.76
C GLU F 62 3.80 -31.70 -27.54
N GLU F 63 4.26 -32.39 -28.57
CA GLU F 63 5.37 -31.89 -29.39
C GLU F 63 5.01 -30.59 -30.08
N GLY F 64 3.72 -30.42 -30.40
CA GLY F 64 3.29 -29.20 -31.05
C GLY F 64 2.87 -28.15 -30.03
N THR F 65 2.36 -27.03 -30.50
CA THR F 65 1.92 -25.97 -29.61
C THR F 65 0.68 -25.29 -30.21
N ILE F 66 -0.40 -25.29 -29.45
CA ILE F 66 -1.65 -24.68 -29.91
C ILE F 66 -1.91 -23.34 -29.23
N VAL F 67 -2.13 -22.32 -30.04
CA VAL F 67 -2.38 -20.99 -29.52
C VAL F 67 -3.66 -20.41 -30.12
N MET F 68 -4.48 -19.79 -29.28
CA MET F 68 -5.73 -19.17 -29.70
C MET F 68 -5.83 -17.78 -29.07
N PRO F 69 -6.51 -16.84 -29.74
CA PRO F 69 -6.58 -15.52 -29.10
C PRO F 69 -7.71 -15.43 -28.06
N SER F 70 -7.38 -14.99 -26.84
CA SER F 70 -8.36 -14.86 -25.76
C SER F 70 -8.58 -13.37 -25.42
N GLN F 71 -9.05 -12.62 -26.41
CA GLN F 71 -9.28 -11.19 -26.23
C GLN F 71 -10.49 -10.87 -25.36
N SER F 72 -10.31 -9.84 -24.55
CA SER F 72 -11.33 -9.34 -23.64
C SER F 72 -11.33 -7.82 -23.78
N VAL F 73 -11.77 -7.37 -24.96
CA VAL F 73 -11.83 -5.96 -25.30
C VAL F 73 -12.68 -5.08 -24.38
N GLU F 74 -13.62 -5.70 -23.68
CA GLU F 74 -14.49 -4.97 -22.76
C GLU F 74 -13.68 -4.17 -21.73
N LEU F 75 -12.45 -4.58 -21.47
CA LEU F 75 -11.60 -3.87 -20.53
C LEU F 75 -10.90 -2.75 -21.29
N SER F 76 -11.68 -1.77 -21.71
CA SER F 76 -11.21 -0.62 -22.46
C SER F 76 -11.81 0.68 -21.91
N ASP F 77 -11.41 1.81 -22.50
CA ASP F 77 -11.93 3.11 -22.10
C ASP F 77 -13.30 3.34 -22.72
N PRO F 78 -14.34 3.46 -21.89
CA PRO F 78 -15.71 3.67 -22.37
C PRO F 78 -15.90 4.62 -23.54
N LYS F 79 -14.98 5.56 -23.72
CA LYS F 79 -15.09 6.52 -24.83
C LYS F 79 -15.08 5.82 -26.19
N GLU F 80 -14.47 4.65 -26.25
CA GLU F 80 -14.37 3.90 -27.48
C GLU F 80 -15.51 2.92 -27.77
N TRP F 81 -16.22 2.51 -26.73
CA TRP F 81 -17.33 1.56 -26.89
C TRP F 81 -18.36 2.03 -27.91
N PRO F 85 -23.08 1.26 -27.97
CA PRO F 85 -22.80 2.63 -27.54
C PRO F 85 -23.31 2.93 -26.13
N VAL F 86 -22.49 3.58 -25.32
CA VAL F 86 -22.87 3.92 -23.95
C VAL F 86 -22.88 5.44 -23.71
N PRO F 87 -23.82 5.94 -22.88
CA PRO F 87 -23.95 7.36 -22.57
C PRO F 87 -22.71 7.98 -21.94
N GLU F 88 -22.27 9.10 -22.49
CA GLU F 88 -21.09 9.80 -22.02
C GLU F 88 -21.05 10.00 -20.51
N GLU F 89 -22.21 9.98 -19.87
CA GLU F 89 -22.27 10.17 -18.42
C GLU F 89 -21.48 9.12 -17.61
N TRP F 90 -21.88 7.86 -17.73
CA TRP F 90 -21.22 6.78 -16.99
C TRP F 90 -19.70 6.67 -17.17
N TRP F 91 -19.17 7.13 -18.32
CA TRP F 91 -17.75 7.05 -18.62
C TRP F 91 -16.74 7.20 -17.49
N ASP F 92 -16.97 8.12 -16.56
CA ASP F 92 -15.99 8.32 -15.49
C ASP F 92 -16.10 7.39 -14.29
N ILE F 93 -17.25 6.77 -14.10
CA ILE F 93 -17.40 5.84 -12.99
C ILE F 93 -16.99 4.48 -13.53
N ILE F 94 -17.13 4.31 -14.84
CA ILE F 94 -16.78 3.08 -15.50
C ILE F 94 -15.30 2.81 -15.31
N ARG F 95 -14.48 3.79 -15.68
CA ARG F 95 -13.04 3.65 -15.55
C ARG F 95 -12.61 3.38 -14.12
N GLU F 96 -13.30 4.01 -13.17
CA GLU F 96 -12.98 3.86 -11.76
C GLU F 96 -13.39 2.54 -11.14
N SER F 97 -14.46 1.94 -11.64
CA SER F 97 -14.94 0.67 -11.07
C SER F 97 -14.76 -0.54 -11.96
N MET F 98 -14.05 -0.37 -13.08
CA MET F 98 -13.80 -1.46 -14.02
C MET F 98 -12.93 -2.50 -13.32
N PRO F 99 -13.42 -3.75 -13.19
CA PRO F 99 -12.59 -4.76 -12.52
C PRO F 99 -11.28 -4.97 -13.28
N ALA F 100 -10.18 -5.11 -12.54
CA ALA F 100 -8.88 -5.31 -13.16
C ALA F 100 -8.88 -6.57 -13.99
N TYR F 101 -7.97 -6.62 -14.96
CA TYR F 101 -7.81 -7.79 -15.81
C TYR F 101 -7.07 -8.87 -15.00
N ASN F 102 -7.46 -10.13 -15.21
CA ASN F 102 -6.81 -11.23 -14.52
C ASN F 102 -6.89 -12.48 -15.40
N SER F 103 -5.78 -12.76 -16.07
CA SER F 103 -5.65 -13.90 -16.98
C SER F 103 -6.43 -15.14 -16.53
N ASN F 104 -6.36 -15.43 -15.23
CA ASN F 104 -7.03 -16.59 -14.65
C ASN F 104 -8.55 -16.48 -14.51
N TYR F 105 -9.16 -15.43 -15.06
CA TYR F 105 -10.61 -15.31 -14.96
C TYR F 105 -11.33 -14.21 -15.74
N THR F 106 -10.67 -13.51 -16.65
CA THR F 106 -11.36 -12.47 -17.41
C THR F 106 -11.90 -13.08 -18.71
N PRO F 107 -13.23 -13.21 -18.84
CA PRO F 107 -13.93 -13.77 -20.00
C PRO F 107 -13.53 -13.16 -21.34
N THR F 108 -13.73 -13.91 -22.42
CA THR F 108 -13.36 -13.43 -23.76
C THR F 108 -14.51 -12.77 -24.50
N THR F 109 -14.20 -11.75 -25.30
CA THR F 109 -15.20 -11.03 -26.06
C THR F 109 -16.07 -12.04 -26.81
N ARG F 110 -17.38 -11.89 -26.69
CA ARG F 110 -18.34 -12.79 -27.33
C ARG F 110 -17.87 -13.35 -28.67
N GLY F 111 -17.42 -12.48 -29.57
CA GLY F 111 -16.98 -12.91 -30.90
C GLY F 111 -15.66 -13.67 -31.03
N MET F 112 -15.21 -14.30 -29.95
CA MET F 112 -13.96 -15.06 -29.96
C MET F 112 -14.25 -16.52 -30.27
N GLY F 113 -15.42 -16.98 -29.84
CA GLY F 113 -15.78 -18.36 -30.07
C GLY F 113 -16.00 -19.15 -28.78
N GLN F 114 -16.70 -20.27 -28.91
CA GLN F 114 -17.01 -21.12 -27.76
C GLN F 114 -15.81 -21.95 -27.31
N ILE F 115 -15.06 -22.48 -28.28
CA ILE F 115 -13.91 -23.31 -27.97
C ILE F 115 -12.83 -22.55 -27.21
N VAL F 116 -12.68 -21.26 -27.50
CA VAL F 116 -11.70 -20.43 -26.83
C VAL F 116 -11.99 -20.28 -25.35
N GLU F 117 -13.18 -19.74 -25.06
CA GLU F 117 -13.64 -19.52 -23.69
C GLU F 117 -13.42 -20.72 -22.80
N LEU F 118 -13.55 -21.91 -23.39
CA LEU F 118 -13.33 -23.15 -22.65
C LEU F 118 -11.85 -23.54 -22.67
N PHE F 119 -11.16 -23.20 -23.76
CA PHE F 119 -9.76 -23.51 -23.92
C PHE F 119 -8.89 -22.85 -22.86
N ARG F 120 -9.14 -21.58 -22.59
CA ARG F 120 -8.36 -20.86 -21.59
C ARG F 120 -8.47 -21.45 -20.19
N SER F 121 -9.43 -22.33 -19.98
CA SER F 121 -9.62 -22.94 -18.68
C SER F 121 -9.24 -24.42 -18.65
N TYR F 122 -8.99 -24.99 -19.84
CA TYR F 122 -8.63 -26.40 -19.96
C TYR F 122 -7.28 -26.69 -19.31
N PRO F 123 -7.13 -27.87 -18.70
CA PRO F 123 -5.89 -28.26 -18.03
C PRO F 123 -4.57 -27.82 -18.68
N GLU F 124 -3.70 -27.27 -17.84
CA GLU F 124 -2.38 -26.79 -18.20
C GLU F 124 -2.26 -25.92 -19.47
N VAL F 125 -3.29 -25.15 -19.76
CA VAL F 125 -3.25 -24.23 -20.89
C VAL F 125 -2.79 -22.92 -20.24
N LYS F 126 -2.16 -22.04 -21.01
CA LYS F 126 -1.68 -20.78 -20.46
C LYS F 126 -2.23 -19.56 -21.20
N ARG F 127 -2.20 -18.41 -20.53
CA ARG F 127 -2.70 -17.15 -21.11
C ARG F 127 -1.69 -16.03 -20.84
N SER F 128 -1.33 -15.27 -21.89
CA SER F 128 -0.39 -14.16 -21.73
C SER F 128 -0.98 -13.12 -20.77
N ASN F 129 -0.19 -12.13 -20.38
CA ASN F 129 -0.70 -11.11 -19.47
C ASN F 129 -1.03 -9.78 -20.13
N HIS F 130 -2.12 -9.76 -20.88
CA HIS F 130 -2.58 -8.55 -21.54
C HIS F 130 -4.07 -8.46 -21.24
N PRO F 131 -4.58 -7.24 -20.97
CA PRO F 131 -6.00 -7.06 -20.67
C PRO F 131 -6.96 -6.97 -21.86
N ASN F 132 -6.45 -6.80 -23.07
CA ASN F 132 -7.34 -6.72 -24.23
C ASN F 132 -7.06 -7.75 -25.30
N TYR F 133 -5.80 -7.82 -25.73
CA TYR F 133 -5.40 -8.74 -26.78
C TYR F 133 -4.58 -9.97 -26.38
N SER F 134 -4.92 -10.58 -25.25
CA SER F 134 -4.16 -11.75 -24.83
C SER F 134 -4.33 -12.93 -25.79
N PHE F 135 -3.51 -13.96 -25.58
CA PHE F 135 -3.54 -15.18 -26.37
C PHE F 135 -3.47 -16.35 -25.39
N VAL F 136 -4.00 -17.49 -25.79
CA VAL F 136 -3.93 -18.69 -24.96
C VAL F 136 -3.07 -19.72 -25.66
N ALA F 137 -2.29 -20.46 -24.89
CA ALA F 137 -1.43 -21.45 -25.49
C ALA F 137 -1.24 -22.70 -24.66
N TRP F 138 -1.26 -23.82 -25.38
CA TRP F 138 -1.09 -25.15 -24.82
C TRP F 138 0.01 -25.78 -25.66
N GLY F 139 0.98 -26.43 -25.00
CA GLY F 139 2.06 -27.04 -25.76
C GLY F 139 3.45 -26.78 -25.22
N LYS F 140 4.45 -27.50 -25.73
CA LYS F 140 5.77 -27.30 -25.24
C LYS F 140 6.31 -25.86 -25.26
N HIS F 141 6.12 -25.23 -26.41
CA HIS F 141 6.53 -23.85 -26.70
C HIS F 141 5.61 -22.73 -26.16
N LYS F 142 4.43 -23.07 -25.60
CA LYS F 142 3.48 -22.03 -25.11
C LYS F 142 4.09 -20.90 -24.32
N ASN F 143 4.91 -21.22 -23.32
CA ASN F 143 5.54 -20.19 -22.46
C ASN F 143 6.41 -19.19 -23.22
N LYS F 144 7.14 -19.68 -24.22
CA LYS F 144 7.99 -18.80 -24.99
C LYS F 144 7.14 -17.79 -25.76
N ILE F 145 6.00 -18.26 -26.27
CA ILE F 145 5.12 -17.42 -27.06
C ILE F 145 4.28 -16.42 -26.24
N LEU F 146 4.13 -16.67 -24.94
CA LEU F 146 3.31 -15.78 -24.09
C LEU F 146 4.04 -15.11 -22.92
N ASN F 147 5.33 -15.38 -22.76
CA ASN F 147 6.14 -14.85 -21.65
C ASN F 147 5.92 -13.40 -21.21
N GLN F 148 6.42 -12.45 -22.00
CA GLN F 148 6.29 -11.05 -21.65
C GLN F 148 5.50 -10.30 -22.69
N HIS F 149 4.18 -10.37 -22.56
CA HIS F 149 3.30 -9.68 -23.49
C HIS F 149 3.23 -8.21 -23.08
N PRO F 150 3.85 -7.31 -23.86
CA PRO F 150 3.86 -5.88 -23.57
C PRO F 150 2.45 -5.29 -23.61
N LEU F 151 2.24 -4.23 -22.83
CA LEU F 151 0.94 -3.55 -22.79
C LEU F 151 0.80 -2.64 -24.02
N GLU F 152 1.86 -1.92 -24.35
CA GLU F 152 1.83 -1.04 -25.51
C GLU F 152 1.95 -1.91 -26.75
N PHE F 153 1.22 -1.54 -27.80
CA PHE F 153 1.21 -2.27 -29.07
C PHE F 153 1.03 -3.77 -28.86
N GLY F 154 0.02 -4.11 -28.04
CA GLY F 154 -0.29 -5.50 -27.72
C GLY F 154 -0.29 -6.49 -28.87
N LEU F 155 -0.23 -5.97 -30.09
CA LEU F 155 -0.19 -6.83 -31.26
C LEU F 155 1.13 -6.59 -32.00
N GLY F 156 1.63 -7.63 -32.65
CA GLY F 156 2.88 -7.49 -33.38
C GLY F 156 4.14 -7.50 -32.54
N GLU F 157 5.27 -7.25 -33.19
CA GLU F 157 6.60 -7.21 -32.55
C GLU F 157 6.52 -7.31 -31.03
N GLN F 158 7.22 -8.29 -30.45
CA GLN F 158 7.22 -8.52 -29.01
C GLN F 158 5.95 -9.23 -28.51
N SER F 159 4.83 -9.01 -29.20
CA SER F 159 3.56 -9.64 -28.84
C SER F 159 3.53 -11.06 -29.42
N PRO F 160 2.76 -11.95 -28.80
CA PRO F 160 2.67 -13.33 -29.29
C PRO F 160 2.65 -13.42 -30.82
N LEU F 161 2.03 -12.43 -31.46
CA LEU F 161 1.95 -12.42 -32.92
C LEU F 161 3.33 -12.25 -33.52
N GLY F 162 4.25 -11.68 -32.73
CA GLY F 162 5.60 -11.49 -33.21
C GLY F 162 6.33 -12.81 -33.05
N LYS F 163 6.19 -13.42 -31.87
CA LYS F 163 6.83 -14.70 -31.59
C LYS F 163 6.36 -15.83 -32.51
N LEU F 164 5.07 -15.82 -32.88
CA LEU F 164 4.58 -16.86 -33.79
C LEU F 164 5.07 -16.57 -35.19
N TYR F 165 5.62 -15.38 -35.40
CA TYR F 165 6.13 -14.99 -36.71
C TYR F 165 7.55 -15.49 -36.87
N ILE F 166 8.30 -15.47 -35.78
CA ILE F 166 9.69 -15.94 -35.81
C ILE F 166 9.71 -17.45 -35.97
N ARG F 167 9.02 -18.15 -35.07
CA ARG F 167 8.95 -19.61 -35.13
C ARG F 167 8.21 -20.02 -36.41
N GLU F 168 8.05 -21.32 -36.62
CA GLU F 168 7.37 -21.81 -37.80
C GLU F 168 5.98 -22.32 -37.46
N SER F 169 5.08 -21.40 -37.17
CA SER F 169 3.71 -21.77 -36.84
C SER F 169 2.76 -21.51 -38.01
N TYR F 170 1.62 -22.19 -37.98
CA TYR F 170 0.63 -22.02 -39.03
C TYR F 170 -0.64 -21.40 -38.46
N VAL F 171 -1.56 -21.08 -39.35
CA VAL F 171 -2.85 -20.48 -39.00
C VAL F 171 -3.99 -21.41 -39.44
N LEU F 172 -4.79 -21.87 -38.47
CA LEU F 172 -5.91 -22.75 -38.77
C LEU F 172 -7.26 -22.03 -38.65
N LEU F 173 -8.02 -22.06 -39.75
CA LEU F 173 -9.33 -21.45 -39.80
C LEU F 173 -10.34 -22.59 -39.84
N LEU F 174 -10.78 -23.00 -38.66
CA LEU F 174 -11.71 -24.10 -38.48
C LEU F 174 -13.13 -23.56 -38.39
N GLY F 175 -13.74 -23.28 -39.54
CA GLY F 175 -15.08 -22.74 -39.58
C GLY F 175 -15.06 -21.22 -39.66
N ALA F 176 -14.11 -20.62 -38.92
CA ALA F 176 -13.94 -19.17 -38.89
C ALA F 176 -13.40 -18.69 -40.22
N ASP F 177 -13.76 -17.48 -40.62
CA ASP F 177 -13.29 -16.94 -41.90
C ASP F 177 -12.06 -16.03 -41.74
N PHE F 178 -11.76 -15.27 -42.79
CA PHE F 178 -10.58 -14.37 -42.80
C PHE F 178 -10.70 -13.15 -41.89
N ASP F 179 -11.93 -12.71 -41.65
CA ASP F 179 -12.14 -11.57 -40.78
C ASP F 179 -11.78 -11.97 -39.34
N SER F 180 -11.12 -13.11 -39.18
CA SER F 180 -10.73 -13.64 -37.87
C SER F 180 -9.23 -13.95 -37.70
N SER F 181 -8.50 -14.10 -38.80
CA SER F 181 -7.06 -14.37 -38.71
C SER F 181 -6.37 -13.14 -38.13
N THR F 182 -6.31 -13.09 -36.80
CA THR F 182 -5.71 -11.98 -36.07
C THR F 182 -4.36 -11.54 -36.67
N CYS F 183 -3.48 -12.52 -36.92
CA CYS F 183 -2.15 -12.29 -37.48
C CYS F 183 -2.03 -11.08 -38.39
N PHE F 184 -3.09 -10.76 -39.13
CA PHE F 184 -3.07 -9.63 -40.03
C PHE F 184 -2.85 -8.30 -39.31
N HIS F 185 -2.79 -8.35 -37.98
CA HIS F 185 -2.56 -7.14 -37.19
C HIS F 185 -1.07 -6.83 -37.14
N LEU F 186 -0.25 -7.87 -36.97
CA LEU F 186 1.20 -7.68 -36.93
C LEU F 186 1.63 -7.03 -38.24
N ALA F 187 0.85 -7.29 -39.29
CA ALA F 187 1.13 -6.73 -40.59
C ALA F 187 0.94 -5.24 -40.57
N GLU F 188 0.20 -4.78 -39.56
CA GLU F 188 -0.12 -3.37 -39.41
C GLU F 188 0.88 -2.53 -38.62
N TYR F 189 1.92 -3.17 -38.12
CA TYR F 189 2.96 -2.47 -37.37
C TYR F 189 4.22 -2.40 -38.22
N ARG F 190 4.14 -2.94 -39.43
CA ARG F 190 5.27 -2.98 -40.35
C ARG F 190 4.98 -2.23 -41.63
N ILE F 191 3.96 -1.37 -41.59
CA ILE F 191 3.55 -0.60 -42.75
C ILE F 191 3.73 0.89 -42.52
N PRO F 192 3.79 1.67 -43.62
CA PRO F 192 3.96 3.12 -43.51
C PRO F 192 2.76 3.78 -42.80
N TYR F 193 1.55 3.48 -43.26
CA TYR F 193 0.34 4.04 -42.66
C TYR F 193 0.22 3.74 -41.18
N GLN F 194 0.00 4.80 -40.39
CA GLN F 194 -0.14 4.67 -38.95
C GLN F 194 -1.05 5.71 -38.31
N LYS F 195 -1.77 5.28 -37.27
CA LYS F 195 -2.67 6.14 -36.53
C LYS F 195 -2.59 5.74 -35.07
N ILE F 196 -1.71 6.40 -34.32
CA ILE F 196 -1.56 6.09 -32.90
C ILE F 196 -2.66 6.78 -32.09
N ILE F 197 -3.19 6.04 -31.13
CA ILE F 197 -4.26 6.56 -30.29
C ILE F 197 -3.97 6.27 -28.82
N ASN F 198 -4.46 7.14 -27.95
CA ASN F 198 -4.28 6.94 -26.53
C ASN F 198 -5.36 5.97 -26.06
N ARG F 199 -4.97 5.05 -25.20
CA ARG F 199 -5.90 4.06 -24.69
C ARG F 199 -5.59 3.83 -23.22
N GLY F 200 -6.37 2.95 -22.59
CA GLY F 200 -6.18 2.66 -21.19
C GLY F 200 -6.91 1.40 -20.80
N ALA F 201 -6.53 0.82 -19.66
CA ALA F 201 -7.15 -0.41 -19.20
C ALA F 201 -6.84 -0.65 -17.74
N PRO F 202 -7.76 -1.28 -17.01
CA PRO F 202 -7.54 -1.55 -15.59
C PRO F 202 -6.62 -2.73 -15.45
N ILE F 203 -5.37 -2.46 -15.10
CA ILE F 203 -4.38 -3.52 -14.96
C ILE F 203 -3.94 -3.66 -13.51
N ILE F 204 -3.03 -4.59 -13.27
CA ILE F 204 -2.50 -4.80 -11.94
C ILE F 204 -0.99 -4.55 -11.93
N VAL F 205 -0.60 -3.40 -11.39
CA VAL F 205 0.81 -3.04 -11.29
C VAL F 205 1.20 -3.08 -9.81
N GLU F 206 2.42 -3.53 -9.54
CA GLU F 206 2.95 -3.62 -8.17
C GLU F 206 1.91 -4.24 -7.23
N GLY F 207 0.98 -4.99 -7.81
CA GLY F 207 -0.04 -5.64 -7.03
C GLY F 207 -1.25 -4.77 -6.74
N LYS F 208 -1.32 -3.59 -7.35
CA LYS F 208 -2.44 -2.68 -7.14
C LYS F 208 -3.22 -2.35 -8.41
N ARG F 209 -4.55 -2.41 -8.31
CA ARG F 209 -5.39 -2.08 -9.45
C ARG F 209 -4.97 -0.70 -9.90
N VAL F 210 -4.88 -0.49 -11.20
CA VAL F 210 -4.46 0.81 -11.72
C VAL F 210 -4.96 1.04 -13.12
N TRP F 211 -5.60 2.18 -13.35
CA TRP F 211 -6.05 2.47 -14.69
C TRP F 211 -4.81 3.00 -15.39
N LYS F 212 -4.31 2.25 -16.36
CA LYS F 212 -3.11 2.64 -17.08
C LYS F 212 -3.41 3.11 -18.50
N GLU F 213 -2.84 4.24 -18.88
CA GLU F 213 -3.02 4.77 -20.23
C GLU F 213 -1.79 4.32 -21.01
N TYR F 214 -1.93 4.18 -22.33
CA TYR F 214 -0.82 3.71 -23.15
C TYR F 214 -1.07 4.02 -24.61
N LYS F 215 -0.06 3.81 -25.44
CA LYS F 215 -0.22 4.06 -26.87
C LYS F 215 -0.50 2.72 -27.52
N GLU F 216 -1.20 2.75 -28.64
CA GLU F 216 -1.57 1.55 -29.37
C GLU F 216 -2.01 2.00 -30.76
N LEU F 217 -2.16 1.07 -31.69
CA LEU F 217 -2.59 1.46 -33.04
C LEU F 217 -4.09 1.39 -33.24
N GLU F 218 -4.58 2.19 -34.18
CA GLU F 218 -6.00 2.21 -34.53
C GLU F 218 -6.06 1.29 -35.74
N PHE F 219 -6.60 0.10 -35.55
CA PHE F 219 -6.68 -0.90 -36.60
C PHE F 219 -7.76 -0.72 -37.67
N ARG F 220 -7.64 -1.55 -38.70
CA ARG F 220 -8.57 -1.56 -39.83
C ARG F 220 -8.83 -3.02 -40.17
N GLU F 221 -9.51 -3.70 -39.27
CA GLU F 221 -9.83 -5.11 -39.43
C GLU F 221 -10.94 -5.41 -40.43
N GLU F 222 -11.60 -4.36 -40.93
CA GLU F 222 -12.66 -4.53 -41.92
C GLU F 222 -12.02 -4.87 -43.26
N LEU F 223 -10.69 -4.85 -43.28
CA LEU F 223 -9.95 -5.15 -44.49
C LEU F 223 -9.25 -6.50 -44.42
N PHE F 224 -9.56 -7.27 -43.36
CA PHE F 224 -8.95 -8.58 -43.20
C PHE F 224 -9.57 -9.54 -44.22
N GLN F 225 -10.86 -9.34 -44.51
CA GLN F 225 -11.55 -10.18 -45.49
C GLN F 225 -10.93 -9.98 -46.87
N GLU F 226 -10.75 -8.72 -47.27
CA GLU F 226 -10.16 -8.41 -48.56
C GLU F 226 -8.80 -9.08 -48.67
N VAL F 227 -7.89 -8.70 -47.79
CA VAL F 227 -6.53 -9.26 -47.78
C VAL F 227 -6.62 -10.78 -47.77
N GLY F 228 -7.66 -11.29 -47.12
CA GLY F 228 -7.87 -12.72 -47.03
C GLY F 228 -7.99 -13.39 -48.39
N GLN F 229 -9.17 -13.28 -49.01
CA GLN F 229 -9.40 -13.88 -50.32
C GLN F 229 -8.20 -13.70 -51.24
N ALA F 230 -7.59 -12.52 -51.15
CA ALA F 230 -6.42 -12.17 -51.95
C ALA F 230 -5.22 -13.07 -51.67
N PHE F 231 -4.97 -13.34 -50.39
CA PHE F 231 -3.87 -14.20 -49.98
C PHE F 231 -4.00 -15.67 -50.43
N GLU F 232 -5.24 -16.16 -50.51
CA GLU F 232 -5.46 -17.53 -50.94
C GLU F 232 -5.34 -17.62 -52.47
N ALA F 233 -5.47 -16.48 -53.13
CA ALA F 233 -5.39 -16.38 -54.58
C ALA F 233 -4.03 -16.75 -55.15
N GLU F 234 -2.99 -16.10 -54.65
CA GLU F 234 -1.63 -16.35 -55.11
C GLU F 234 -0.85 -17.27 -54.18
N LYS F 238 -3.73 -25.17 -48.13
CA LYS F 238 -4.41 -26.44 -47.86
C LYS F 238 -5.85 -26.23 -47.39
N VAL F 239 -6.79 -26.28 -48.33
CA VAL F 239 -8.21 -26.13 -47.98
C VAL F 239 -8.68 -27.48 -47.44
N GLY F 240 -9.85 -27.51 -46.81
CA GLY F 240 -10.36 -28.74 -46.27
C GLY F 240 -11.60 -28.57 -45.42
N LYS F 241 -12.14 -29.69 -44.94
CA LYS F 241 -13.34 -29.67 -44.11
C LYS F 241 -13.18 -30.59 -42.90
N VAL F 242 -13.63 -30.10 -41.75
CA VAL F 242 -13.58 -30.84 -40.50
C VAL F 242 -15.01 -30.90 -39.97
N GLY F 243 -15.77 -31.89 -40.45
CA GLY F 243 -17.15 -32.00 -40.06
C GLY F 243 -17.92 -31.37 -41.21
N SER F 244 -18.78 -30.41 -40.90
CA SER F 244 -19.54 -29.73 -41.95
C SER F 244 -18.95 -28.35 -42.10
N ALA F 245 -17.75 -28.18 -41.56
CA ALA F 245 -17.06 -26.89 -41.59
C ALA F 245 -15.99 -26.75 -42.68
N ASN F 246 -15.88 -25.55 -43.21
CA ASN F 246 -14.87 -25.23 -44.22
C ASN F 246 -13.63 -24.75 -43.49
N CYS F 247 -12.46 -25.15 -43.97
CA CYS F 247 -11.23 -24.78 -43.29
C CYS F 247 -10.14 -24.21 -44.19
N ARG F 248 -9.12 -23.64 -43.55
CA ARG F 248 -7.98 -23.08 -44.26
C ARG F 248 -6.78 -23.35 -43.37
N LEU F 249 -5.65 -23.65 -43.99
CA LEU F 249 -4.41 -23.93 -43.27
C LEU F 249 -3.33 -23.25 -44.08
N PHE F 250 -2.45 -22.54 -43.38
CA PHE F 250 -1.36 -21.83 -44.05
C PHE F 250 -0.32 -21.28 -43.07
N SER F 251 0.85 -20.96 -43.61
CA SER F 251 1.94 -20.41 -42.81
C SER F 251 1.54 -19.01 -42.37
N LEU F 252 1.74 -18.69 -41.10
CA LEU F 252 1.40 -17.36 -40.60
C LEU F 252 2.32 -16.33 -41.27
N THR F 253 3.60 -16.68 -41.41
CA THR F 253 4.59 -15.81 -42.03
C THR F 253 4.11 -15.41 -43.42
N GLU F 254 3.81 -16.40 -44.24
CA GLU F 254 3.35 -16.15 -45.60
C GLU F 254 2.11 -15.23 -45.59
N ALA F 255 1.37 -15.26 -44.49
CA ALA F 255 0.17 -14.45 -44.37
C ALA F 255 0.46 -13.03 -43.91
N VAL F 256 1.37 -12.89 -42.94
CA VAL F 256 1.73 -11.58 -42.42
C VAL F 256 2.48 -10.75 -43.46
N ASP F 257 3.36 -11.41 -44.21
CA ASP F 257 4.12 -10.73 -45.25
C ASP F 257 3.20 -10.26 -46.35
N PHE F 258 2.41 -11.17 -46.91
CA PHE F 258 1.48 -10.78 -47.97
C PHE F 258 0.60 -9.64 -47.51
N ALA F 259 0.09 -9.75 -46.28
CA ALA F 259 -0.77 -8.72 -45.71
C ALA F 259 -0.02 -7.41 -45.71
N GLU F 260 1.27 -7.48 -45.34
CA GLU F 260 2.13 -6.31 -45.29
C GLU F 260 2.21 -5.63 -46.66
N LYS F 261 2.58 -6.41 -47.68
CA LYS F 261 2.70 -5.90 -49.04
C LYS F 261 1.31 -5.50 -49.57
N TRP F 262 0.27 -6.11 -49.03
CA TRP F 262 -1.10 -5.83 -49.44
C TRP F 262 -1.49 -4.44 -48.98
N PHE F 263 -1.01 -4.05 -47.79
CA PHE F 263 -1.29 -2.74 -47.23
C PHE F 263 -0.31 -1.70 -47.78
N ILE F 264 0.96 -2.07 -47.89
CA ILE F 264 1.96 -1.16 -48.41
C ILE F 264 1.47 -0.68 -49.77
N ASN F 265 1.47 -1.60 -50.73
CA ASN F 265 1.02 -1.30 -52.08
C ASN F 265 -0.49 -1.19 -52.10
N ASN F 266 -1.00 -0.25 -51.30
CA ASN F 266 -2.44 -0.02 -51.21
C ASN F 266 -2.71 1.27 -50.44
#